data_2VGB
#
_entry.id   2VGB
#
_cell.length_a   74.413
_cell.length_b   172.058
_cell.length_c   85.512
_cell.angle_alpha   90.00
_cell.angle_beta   92.46
_cell.angle_gamma   90.00
#
_symmetry.space_group_name_H-M   'P 1 21 1'
#
loop_
_entity.id
_entity.type
_entity.pdbx_description
1 polymer 'PYRUVATE KINASE ISOZYMES R/L'
2 non-polymer 1,6-di-O-phosphono-beta-D-fructofuranose
3 non-polymer '2-PHOSPHOGLYCOLIC ACID'
4 non-polymer 'POTASSIUM ION'
5 non-polymer 'MANGANESE (II) ION'
6 water water
#
_entity_poly.entity_id   1
_entity_poly.type   'polypeptide(L)'
_entity_poly.pdbx_seq_one_letter_code
;LTQELGTAFFQQQQLPAAMADTFLEHLCLLDIDSEPVAARSTSIIATIGPASRSVERLKEMIKAGMNIARLNFSHGSHEY
HAESIANVREAVESFAGSPLSYRPVAIALDTKGPEIRTGILQGGPESEVELVKGSQVLVTVDPAFRTRGNANTVWVDYPN
IVRVVPVGGRIYIDDGLISLVVQKIGPEGLVTQVENGGVLGSRKGVNLPGAQVDLPGLSEQDVRDLRFGVEHGVDIVFAS
FVRKASDVAAVRAALGPEGHGIKIISKIENHEGVKRFDEILEVSDGIMVARGDLGIEIPAEKVFLAQKMMIGRCNLAGKP
VVCATQMLESMITKPRPTRAETSDVANAVLDGADCIMLSGETAKGNFPVEAVKMQHAIAREAEAAVYHRQLFEELRRAAP
LSRDPTEVTAIGAVEAAFKCCAAAIIVLTTTGRSAQLLSRYRPRAAVIAVTRSAQAARQVHLCRGVFPLLYREPPEAIWA
DDVDRRVQFGIESGKLRGFLRVGDLVIVVTGWRPGSGYTNIMRVLSIS
;
_entity_poly.pdbx_strand_id   A,B,C,D
#
loop_
_chem_comp.id
_chem_comp.type
_chem_comp.name
_chem_comp.formula
FBP D-saccharide, beta linking 1,6-di-O-phosphono-beta-D-fructofuranose 'C6 H14 O12 P2'
K non-polymer 'POTASSIUM ION' 'K 1'
MN non-polymer 'MANGANESE (II) ION' 'Mn 2'
PGA non-polymer '2-PHOSPHOGLYCOLIC ACID' 'C2 H5 O6 P'
#
# COMPACT_ATOMS: atom_id res chain seq x y z
N GLN A 11 -15.68 -16.41 14.79
CA GLN A 11 -15.51 -15.10 15.45
C GLN A 11 -16.64 -14.15 15.08
N GLN A 12 -16.66 -13.01 15.77
CA GLN A 12 -17.74 -12.06 15.68
C GLN A 12 -17.16 -10.78 15.11
N GLN A 13 -18.02 -9.78 14.94
CA GLN A 13 -17.62 -8.47 14.43
C GLN A 13 -16.85 -8.47 13.11
N GLN A 14 -16.99 -9.55 12.32
CA GLN A 14 -16.23 -9.68 11.08
C GLN A 14 -14.73 -9.50 11.35
N LEU A 15 -14.22 -10.21 12.35
CA LEU A 15 -12.81 -10.09 12.71
C LEU A 15 -11.92 -10.75 11.66
N PRO A 16 -12.25 -11.98 11.24
CA PRO A 16 -11.41 -12.52 10.16
C PRO A 16 -11.23 -11.49 9.05
N ALA A 17 -12.31 -10.81 8.71
CA ALA A 17 -12.26 -9.85 7.63
C ALA A 17 -11.42 -8.62 7.97
N ALA A 18 -11.40 -8.25 9.25
CA ALA A 18 -10.56 -7.15 9.74
C ALA A 18 -9.05 -7.47 9.64
N MET A 19 -8.70 -8.75 9.81
CA MET A 19 -7.30 -9.17 9.80
C MET A 19 -6.72 -9.39 8.39
N ALA A 20 -7.51 -9.09 7.36
CA ALA A 20 -7.09 -9.30 5.96
C ALA A 20 -6.01 -8.32 5.54
N ASP A 21 -5.09 -8.80 4.69
CA ASP A 21 -3.93 -8.06 4.23
C ASP A 21 -4.22 -7.13 3.04
N THR A 22 -5.33 -7.36 2.36
CA THR A 22 -5.75 -6.53 1.21
C THR A 22 -7.24 -6.24 1.31
N PHE A 23 -7.72 -5.26 0.54
CA PHE A 23 -9.13 -4.97 0.55
C PHE A 23 -9.93 -6.10 -0.08
N LEU A 24 -9.34 -6.70 -1.11
CA LEU A 24 -9.96 -7.84 -1.79
C LEU A 24 -10.13 -9.03 -0.84
N GLU A 25 -9.05 -9.42 -0.18
CA GLU A 25 -9.11 -10.50 0.79
C GLU A 25 -10.14 -10.15 1.84
N HIS A 26 -10.22 -8.87 2.18
CA HIS A 26 -11.18 -8.40 3.16
C HIS A 26 -12.58 -8.76 2.70
N LEU A 27 -13.00 -8.16 1.58
CA LEU A 27 -14.26 -8.53 0.95
C LEU A 27 -14.50 -10.03 0.94
N CYS A 28 -13.53 -10.80 0.48
CA CYS A 28 -13.65 -12.25 0.40
C CYS A 28 -13.95 -12.97 1.71
N LEU A 29 -13.82 -12.28 2.84
CA LEU A 29 -13.92 -12.92 4.16
C LEU A 29 -15.13 -12.42 4.97
N LEU A 30 -15.85 -11.44 4.44
CA LEU A 30 -17.09 -11.02 5.04
C LEU A 30 -17.94 -12.27 5.30
N ASP A 31 -18.55 -12.36 6.48
CA ASP A 31 -19.24 -13.56 6.93
C ASP A 31 -20.62 -13.20 7.43
N ILE A 32 -21.64 -13.70 6.75
CA ILE A 32 -23.02 -13.47 7.14
C ILE A 32 -23.42 -14.08 8.48
N ASP A 33 -22.62 -15.04 8.97
CA ASP A 33 -22.85 -15.63 10.29
C ASP A 33 -22.00 -14.99 11.39
N SER A 34 -21.26 -13.96 11.07
CA SER A 34 -20.52 -13.27 12.10
C SER A 34 -21.38 -12.15 12.66
N GLU A 35 -22.02 -12.40 13.80
CA GLU A 35 -22.95 -11.42 14.36
C GLU A 35 -22.23 -10.17 14.79
N PRO A 36 -22.83 -9.00 14.47
CA PRO A 36 -22.23 -7.73 14.91
C PRO A 36 -22.27 -7.80 16.42
N VAL A 37 -21.45 -7.01 17.08
CA VAL A 37 -21.40 -7.10 18.54
C VAL A 37 -20.82 -5.79 19.01
N ALA A 38 -21.68 -4.79 19.03
CA ALA A 38 -21.26 -3.43 19.25
C ALA A 38 -22.49 -2.58 19.06
N ALA A 39 -22.53 -1.48 19.80
CA ALA A 39 -23.51 -0.44 19.60
C ALA A 39 -23.32 0.01 18.17
N ARG A 40 -24.38 0.39 17.48
CA ARG A 40 -24.19 0.91 16.15
C ARG A 40 -23.72 2.33 16.25
N SER A 41 -22.72 2.67 15.46
CA SER A 41 -22.10 3.95 15.59
C SER A 41 -22.71 5.00 14.65
N THR A 42 -23.32 4.59 13.54
CA THR A 42 -23.97 5.57 12.64
C THR A 42 -25.30 6.12 13.19
N SER A 43 -25.33 7.41 13.47
CA SER A 43 -26.53 7.99 14.05
C SER A 43 -27.61 8.09 13.00
N ILE A 44 -28.85 7.95 13.44
CA ILE A 44 -30.00 7.97 12.55
C ILE A 44 -30.77 9.27 12.74
N ILE A 45 -30.98 9.97 11.65
CA ILE A 45 -31.79 11.15 11.66
C ILE A 45 -33.17 10.76 11.17
N ALA A 46 -34.22 11.04 11.94
CA ALA A 46 -35.59 10.79 11.50
C ALA A 46 -36.36 12.11 11.30
N THR A 47 -37.04 12.23 10.15
CA THR A 47 -37.86 13.42 9.91
C THR A 47 -39.21 13.27 10.61
N ILE A 48 -39.64 14.34 11.27
CA ILE A 48 -40.92 14.37 11.99
C ILE A 48 -42.09 14.78 11.08
N GLY A 49 -43.13 13.96 11.07
CA GLY A 49 -44.36 14.25 10.33
C GLY A 49 -45.61 13.67 11.01
N PRO A 50 -46.73 13.65 10.30
CA PRO A 50 -47.95 13.08 10.89
C PRO A 50 -47.72 11.64 11.41
N ALA A 51 -46.81 10.90 10.79
CA ALA A 51 -46.62 9.51 11.16
C ALA A 51 -45.86 9.38 12.44
N SER A 52 -45.18 10.45 12.84
CA SER A 52 -44.15 10.41 13.90
C SER A 52 -44.13 11.63 14.81
N ARG A 53 -45.31 12.09 15.20
CA ARG A 53 -45.41 13.30 15.96
C ARG A 53 -46.03 13.05 17.32
N SER A 54 -46.78 11.96 17.43
CA SER A 54 -47.35 11.57 18.70
C SER A 54 -46.26 11.10 19.64
N VAL A 55 -46.29 11.62 20.88
CA VAL A 55 -45.40 11.20 21.94
C VAL A 55 -45.18 9.68 22.00
N GLU A 56 -46.26 8.89 21.92
CA GLU A 56 -46.10 7.44 22.06
C GLU A 56 -45.34 6.80 20.90
N ARG A 57 -45.53 7.38 19.71
CA ARG A 57 -44.80 6.95 18.55
C ARG A 57 -43.33 7.34 18.80
N LEU A 58 -43.07 8.61 19.10
CA LEU A 58 -41.71 9.05 19.36
C LEU A 58 -40.97 8.14 20.33
N LYS A 59 -41.62 7.74 21.42
CA LYS A 59 -41.01 6.81 22.38
C LYS A 59 -40.54 5.53 21.68
N GLU A 60 -41.40 4.97 20.83
CA GLU A 60 -41.02 3.79 20.07
C GLU A 60 -39.80 4.04 19.18
N MET A 61 -39.77 5.21 18.54
CA MET A 61 -38.71 5.54 17.60
C MET A 61 -37.39 5.74 18.30
N ILE A 62 -37.45 6.30 19.51
CA ILE A 62 -36.26 6.43 20.32
C ILE A 62 -35.75 5.03 20.64
N LYS A 63 -36.61 4.21 21.26
CA LYS A 63 -36.27 2.81 21.58
C LYS A 63 -35.64 2.11 20.39
N ALA A 64 -36.09 2.43 19.17
CA ALA A 64 -35.65 1.70 18.01
C ALA A 64 -34.32 2.23 17.46
N GLY A 65 -33.94 3.45 17.81
CA GLY A 65 -32.62 3.94 17.42
C GLY A 65 -32.49 5.38 17.00
N MET A 66 -33.62 6.10 16.88
CA MET A 66 -33.56 7.48 16.45
C MET A 66 -32.60 8.22 17.35
N ASN A 67 -31.77 9.09 16.76
CA ASN A 67 -30.83 9.91 17.53
C ASN A 67 -31.03 11.40 17.25
N ILE A 68 -31.62 11.72 16.11
CA ILE A 68 -31.79 13.11 15.74
C ILE A 68 -33.20 13.32 15.17
N ALA A 69 -33.94 14.28 15.69
CA ALA A 69 -35.21 14.57 15.06
C ALA A 69 -34.97 15.71 14.11
N ARG A 70 -35.48 15.57 12.89
CA ARG A 70 -35.33 16.54 11.88
C ARG A 70 -36.69 17.22 11.62
N LEU A 71 -36.75 18.53 11.84
CA LEU A 71 -37.95 19.31 11.52
C LEU A 71 -37.79 20.02 10.18
N ASN A 72 -38.67 19.68 9.25
CA ASN A 72 -38.55 20.17 7.91
C ASN A 72 -39.38 21.39 7.72
N PHE A 73 -38.74 22.55 7.81
CA PHE A 73 -39.44 23.84 7.75
C PHE A 73 -39.97 24.21 6.38
N SER A 74 -39.80 23.33 5.42
CA SER A 74 -40.44 23.48 4.13
C SER A 74 -41.98 23.37 4.26
N HIS A 75 -42.46 22.87 5.39
CA HIS A 75 -43.87 22.59 5.61
C HIS A 75 -44.20 22.81 7.07
N GLY A 76 -45.41 23.32 7.33
CA GLY A 76 -45.84 23.53 8.68
C GLY A 76 -45.46 24.90 9.21
N SER A 77 -46.29 25.38 10.13
CA SER A 77 -46.15 26.70 10.72
C SER A 77 -45.24 26.62 11.94
N HIS A 78 -44.98 27.77 12.55
CA HIS A 78 -44.15 27.83 13.75
C HIS A 78 -44.81 27.05 14.87
N GLU A 79 -46.11 27.29 15.06
CA GLU A 79 -46.87 26.60 16.09
C GLU A 79 -46.71 25.09 15.89
N TYR A 80 -46.78 24.66 14.63
CA TYR A 80 -46.73 23.26 14.29
C TYR A 80 -45.41 22.62 14.68
N HIS A 81 -44.31 23.35 14.50
CA HIS A 81 -42.99 22.85 14.86
C HIS A 81 -42.75 22.95 16.33
N ALA A 82 -43.41 23.90 17.01
CA ALA A 82 -43.30 24.02 18.45
C ALA A 82 -43.90 22.76 19.11
N GLU A 83 -45.03 22.31 18.56
CA GLU A 83 -45.68 21.10 19.03
C GLU A 83 -44.77 19.90 18.85
N SER A 84 -44.03 19.90 17.75
CA SER A 84 -43.09 18.82 17.45
C SER A 84 -41.96 18.79 18.45
N ILE A 85 -41.36 19.96 18.68
CA ILE A 85 -40.30 20.07 19.65
C ILE A 85 -40.82 19.56 20.99
N ALA A 86 -41.96 20.12 21.43
CA ALA A 86 -42.57 19.74 22.70
C ALA A 86 -42.72 18.22 22.85
N ASN A 87 -43.12 17.56 21.77
CA ASN A 87 -43.47 16.18 21.88
C ASN A 87 -42.23 15.32 21.95
N VAL A 88 -41.24 15.68 21.14
CA VAL A 88 -39.93 15.04 21.16
C VAL A 88 -39.40 15.12 22.58
N ARG A 89 -39.26 16.35 23.10
CA ARG A 89 -38.69 16.55 24.42
C ARG A 89 -39.42 15.74 25.45
N GLU A 90 -40.74 15.61 25.29
CA GLU A 90 -41.55 14.81 26.21
C GLU A 90 -41.18 13.34 26.06
N ALA A 91 -41.17 12.86 24.83
CA ALA A 91 -40.83 11.47 24.60
C ALA A 91 -39.46 11.21 25.20
N VAL A 92 -38.54 12.15 24.99
CA VAL A 92 -37.15 11.95 25.37
C VAL A 92 -36.99 11.90 26.88
N GLU A 93 -37.62 12.85 27.58
CA GLU A 93 -37.50 12.94 29.04
C GLU A 93 -38.31 11.88 29.76
N SER A 94 -39.09 11.08 29.04
CA SER A 94 -39.84 10.00 29.69
C SER A 94 -38.90 8.90 30.20
N PHE A 95 -37.66 8.92 29.67
CA PHE A 95 -36.63 7.94 30.00
C PHE A 95 -35.62 8.46 31.01
N ALA A 96 -35.89 9.64 31.56
CA ALA A 96 -34.98 10.27 32.52
C ALA A 96 -34.99 9.55 33.88
N GLY A 97 -35.93 8.61 34.07
CA GLY A 97 -36.03 7.79 35.30
C GLY A 97 -34.76 7.02 35.61
N SER A 98 -33.90 6.87 34.60
CA SER A 98 -32.66 6.15 34.78
C SER A 98 -31.53 6.78 34.00
N PRO A 99 -30.70 7.62 34.68
CA PRO A 99 -29.58 8.32 34.05
C PRO A 99 -28.59 7.40 33.33
N LEU A 100 -28.41 6.17 33.84
CA LEU A 100 -27.49 5.18 33.26
C LEU A 100 -27.96 4.69 31.89
N SER A 101 -29.24 4.92 31.59
CA SER A 101 -29.84 4.36 30.39
C SER A 101 -30.43 5.42 29.41
N TYR A 102 -30.69 6.62 29.95
CA TYR A 102 -31.14 7.80 29.20
C TYR A 102 -30.44 8.02 27.86
N ARG A 103 -31.21 8.18 26.79
CA ARG A 103 -30.68 8.45 25.46
C ARG A 103 -30.96 9.89 24.98
N PRO A 104 -29.94 10.75 24.94
CA PRO A 104 -30.19 12.11 24.43
C PRO A 104 -30.69 12.08 22.98
N VAL A 105 -31.56 13.00 22.61
CA VAL A 105 -31.97 13.09 21.21
C VAL A 105 -31.77 14.52 20.72
N ALA A 106 -31.02 14.70 19.64
CA ALA A 106 -30.80 16.03 19.08
C ALA A 106 -32.06 16.45 18.33
N ILE A 107 -32.19 17.75 18.10
CA ILE A 107 -33.28 18.27 17.28
C ILE A 107 -32.69 19.22 16.23
N ALA A 108 -32.91 18.89 14.96
CA ALA A 108 -32.33 19.65 13.87
C ALA A 108 -33.39 20.35 13.10
N LEU A 109 -33.21 21.66 12.96
CA LEU A 109 -34.12 22.47 12.17
C LEU A 109 -33.68 22.46 10.74
N ASP A 110 -34.53 21.98 9.82
CA ASP A 110 -34.17 21.94 8.40
C ASP A 110 -34.79 23.08 7.60
N THR A 111 -33.94 23.92 7.04
CA THR A 111 -34.36 25.18 6.47
C THR A 111 -35.13 25.03 5.15
N LYS A 112 -36.07 25.95 4.88
CA LYS A 112 -36.79 25.83 3.61
C LYS A 112 -35.90 26.25 2.47
N GLY A 113 -35.36 27.45 2.55
CA GLY A 113 -34.44 27.89 1.51
C GLY A 113 -35.14 28.28 0.20
N PRO A 114 -34.35 28.51 -0.86
CA PRO A 114 -34.91 29.01 -2.11
C PRO A 114 -35.66 27.94 -2.93
N GLU A 115 -36.68 27.30 -2.36
CA GLU A 115 -37.49 26.31 -3.11
C GLU A 115 -38.25 27.00 -4.28
N ILE A 116 -38.50 26.28 -5.39
CA ILE A 116 -39.37 26.75 -6.51
C ILE A 116 -40.60 25.82 -6.68
N ARG A 117 -41.79 26.39 -6.90
CA ARG A 117 -43.04 25.61 -6.79
C ARG A 117 -44.10 25.89 -7.85
N THR A 118 -45.00 24.91 -8.03
CA THR A 118 -46.13 25.03 -8.95
C THR A 118 -47.32 25.65 -8.21
N GLY A 119 -48.39 25.92 -8.95
CA GLY A 119 -49.54 26.59 -8.37
C GLY A 119 -50.60 25.66 -7.83
N ILE A 120 -51.71 26.26 -7.40
CA ILE A 120 -52.86 25.51 -6.90
C ILE A 120 -53.69 25.14 -8.12
N LEU A 121 -54.33 23.98 -8.03
CA LEU A 121 -54.99 23.34 -9.16
C LEU A 121 -56.38 23.90 -9.43
N GLN A 122 -56.90 23.58 -10.61
CA GLN A 122 -58.26 23.96 -10.97
C GLN A 122 -59.28 23.24 -10.08
N GLY A 123 -59.78 23.96 -9.07
CA GLY A 123 -60.78 23.47 -8.11
C GLY A 123 -60.31 22.40 -7.13
N GLY A 124 -59.00 22.19 -7.03
CA GLY A 124 -58.49 21.05 -6.26
C GLY A 124 -57.25 21.21 -5.38
N PRO A 125 -57.43 21.69 -4.12
CA PRO A 125 -56.39 21.56 -3.10
C PRO A 125 -55.99 20.09 -2.80
N GLU A 126 -56.86 19.13 -3.09
CA GLU A 126 -56.49 17.70 -3.02
C GLU A 126 -56.53 16.97 -4.38
N SER A 127 -57.31 17.47 -5.34
CA SER A 127 -57.49 16.79 -6.63
C SER A 127 -56.22 16.73 -7.49
N GLU A 128 -56.29 15.98 -8.58
CA GLU A 128 -55.09 15.65 -9.36
C GLU A 128 -55.27 15.84 -10.84
N VAL A 129 -54.25 16.36 -11.50
CA VAL A 129 -54.19 16.39 -12.96
C VAL A 129 -53.17 15.39 -13.49
N GLU A 130 -53.44 14.79 -14.66
CA GLU A 130 -52.47 13.94 -15.37
C GLU A 130 -51.85 14.62 -16.59
N LEU A 131 -50.52 14.74 -16.56
CA LEU A 131 -49.75 15.26 -17.68
C LEU A 131 -49.32 14.11 -18.58
N VAL A 132 -50.05 13.89 -19.67
CA VAL A 132 -49.81 12.74 -20.56
C VAL A 132 -48.54 12.93 -21.38
N LYS A 133 -47.68 11.90 -21.38
CA LYS A 133 -46.48 11.87 -22.23
C LYS A 133 -46.77 12.32 -23.66
N GLY A 134 -45.97 13.26 -24.18
CA GLY A 134 -46.14 13.76 -25.55
C GLY A 134 -47.05 14.96 -25.79
N SER A 135 -47.85 15.34 -24.79
CA SER A 135 -48.84 16.43 -24.95
C SER A 135 -48.25 17.82 -24.72
N GLN A 136 -48.92 18.84 -25.24
CA GLN A 136 -48.51 20.23 -25.11
C GLN A 136 -48.83 20.80 -23.74
N VAL A 137 -47.82 21.38 -23.09
CA VAL A 137 -47.97 21.96 -21.76
C VAL A 137 -47.40 23.38 -21.70
N LEU A 138 -48.28 24.31 -21.35
CA LEU A 138 -47.94 25.72 -21.20
C LEU A 138 -47.54 25.97 -19.75
N VAL A 139 -46.35 26.52 -19.56
CA VAL A 139 -45.92 26.95 -18.24
C VAL A 139 -45.95 28.47 -18.24
N THR A 140 -46.98 29.02 -17.58
CA THR A 140 -47.07 30.47 -17.41
C THR A 140 -46.44 30.90 -16.11
N VAL A 141 -46.19 32.19 -16.03
CA VAL A 141 -45.80 32.87 -14.80
C VAL A 141 -46.86 33.94 -14.59
N ASP A 142 -47.92 33.86 -15.40
CA ASP A 142 -49.01 34.80 -15.38
C ASP A 142 -49.76 34.77 -14.05
N PRO A 143 -49.71 35.90 -13.31
CA PRO A 143 -50.30 36.11 -11.98
C PRO A 143 -51.72 35.50 -11.79
N ALA A 144 -52.47 35.55 -12.98
CA ALA A 144 -53.86 35.11 -12.98
C ALA A 144 -54.01 33.60 -12.77
N PHE A 145 -53.10 32.85 -13.40
CA PHE A 145 -53.20 31.40 -13.56
C PHE A 145 -52.63 30.59 -12.38
N ARG A 146 -52.10 31.29 -11.38
CA ARG A 146 -51.62 30.70 -10.12
C ARG A 146 -52.64 29.73 -9.50
N THR A 147 -53.87 29.80 -10.00
CA THR A 147 -54.99 29.02 -9.48
C THR A 147 -55.71 28.19 -10.56
N ARG A 148 -55.49 28.53 -11.84
CA ARG A 148 -56.21 27.97 -13.00
C ARG A 148 -55.45 26.85 -13.77
N GLY A 149 -54.92 25.87 -13.03
CA GLY A 149 -54.10 24.80 -13.63
C GLY A 149 -54.86 23.54 -14.09
N ASN A 150 -54.45 22.99 -15.23
CA ASN A 150 -55.03 21.73 -15.76
C ASN A 150 -54.00 20.82 -16.46
N ALA A 151 -54.49 19.84 -17.23
CA ALA A 151 -53.62 18.89 -17.94
C ALA A 151 -52.70 19.51 -18.99
N ASN A 152 -52.97 20.76 -19.35
CA ASN A 152 -52.16 21.45 -20.33
C ASN A 152 -51.56 22.78 -19.86
N THR A 153 -51.98 23.26 -18.68
CA THR A 153 -51.48 24.53 -18.14
C THR A 153 -50.93 24.37 -16.72
N VAL A 154 -49.62 24.55 -16.54
CA VAL A 154 -49.06 24.58 -15.19
C VAL A 154 -48.43 25.94 -14.96
N TRP A 155 -48.72 26.54 -13.81
CA TRP A 155 -48.21 27.85 -13.43
C TRP A 155 -47.13 27.70 -12.38
N VAL A 156 -46.16 28.61 -12.40
CA VAL A 156 -45.00 28.46 -11.54
C VAL A 156 -44.65 29.80 -10.86
N ASP A 157 -44.15 29.75 -9.62
CA ASP A 157 -43.94 30.97 -8.81
C ASP A 157 -42.60 31.70 -9.01
N TYR A 158 -42.01 31.49 -10.18
CA TYR A 158 -40.71 32.04 -10.50
C TYR A 158 -40.82 32.68 -11.89
N PRO A 159 -41.23 33.97 -11.93
CA PRO A 159 -41.40 34.64 -13.21
C PRO A 159 -40.27 34.34 -14.21
N ASN A 160 -39.03 34.26 -13.73
CA ASN A 160 -37.84 34.22 -14.62
C ASN A 160 -37.59 32.91 -15.39
N ILE A 161 -38.38 31.87 -15.10
CA ILE A 161 -38.23 30.56 -15.74
C ILE A 161 -38.29 30.68 -17.27
N VAL A 162 -39.19 31.54 -17.74
CA VAL A 162 -39.34 31.87 -19.17
C VAL A 162 -38.02 32.40 -19.77
N ARG A 163 -37.25 33.12 -18.95
CA ARG A 163 -36.02 33.81 -19.36
C ARG A 163 -34.74 32.96 -19.20
N VAL A 164 -34.83 31.84 -18.45
CA VAL A 164 -33.63 31.06 -18.11
C VAL A 164 -33.54 29.69 -18.78
N VAL A 165 -34.68 29.10 -19.12
CA VAL A 165 -34.70 27.79 -19.79
C VAL A 165 -34.81 27.94 -21.31
N PRO A 166 -33.71 27.70 -22.06
CA PRO A 166 -33.73 27.90 -23.51
C PRO A 166 -34.38 26.74 -24.25
N VAL A 167 -34.88 27.00 -25.46
CA VAL A 167 -35.44 25.96 -26.32
C VAL A 167 -34.57 24.71 -26.31
N GLY A 168 -35.15 23.57 -25.93
CA GLY A 168 -34.39 22.33 -25.79
C GLY A 168 -33.93 22.03 -24.37
N GLY A 169 -34.17 22.96 -23.44
CA GLY A 169 -33.86 22.76 -22.02
C GLY A 169 -34.92 21.90 -21.34
N ARG A 170 -34.56 21.29 -20.21
CA ARG A 170 -35.51 20.50 -19.40
C ARG A 170 -36.19 21.33 -18.28
N ILE A 171 -37.33 20.82 -17.79
CA ILE A 171 -37.99 21.33 -16.59
C ILE A 171 -38.62 20.15 -15.83
N TYR A 172 -38.03 19.81 -14.69
CA TYR A 172 -38.46 18.67 -13.89
C TYR A 172 -39.49 19.12 -12.90
N ILE A 173 -40.53 18.32 -12.70
CA ILE A 173 -41.60 18.69 -11.79
C ILE A 173 -41.92 17.56 -10.82
N ASP A 174 -42.17 17.98 -9.58
CA ASP A 174 -42.49 17.11 -8.46
C ASP A 174 -41.47 15.98 -8.23
N ASP A 175 -40.34 16.32 -7.62
CA ASP A 175 -39.38 15.33 -7.17
C ASP A 175 -38.59 14.79 -8.36
N GLY A 176 -38.74 15.45 -9.50
CA GLY A 176 -38.09 15.04 -10.74
C GLY A 176 -38.79 13.89 -11.43
N LEU A 177 -40.07 13.70 -11.13
CA LEU A 177 -40.82 12.58 -11.68
C LEU A 177 -41.49 12.99 -12.97
N ILE A 178 -41.76 14.28 -13.11
CA ILE A 178 -42.29 14.88 -14.34
C ILE A 178 -41.22 15.67 -15.09
N SER A 179 -41.20 15.46 -16.40
CA SER A 179 -40.16 15.98 -17.27
C SER A 179 -40.76 16.79 -18.42
N LEU A 180 -40.39 18.06 -18.52
CA LEU A 180 -40.85 18.90 -19.63
C LEU A 180 -39.68 19.44 -20.45
N VAL A 181 -39.83 19.46 -21.77
CA VAL A 181 -38.79 20.04 -22.65
C VAL A 181 -39.35 21.25 -23.43
N VAL A 182 -38.66 22.38 -23.32
CA VAL A 182 -39.09 23.63 -23.97
C VAL A 182 -38.89 23.53 -25.48
N GLN A 183 -40.00 23.49 -26.21
CA GLN A 183 -39.93 23.37 -27.66
C GLN A 183 -40.32 24.66 -28.37
N LYS A 184 -40.98 25.55 -27.62
CA LYS A 184 -41.18 26.95 -28.02
C LYS A 184 -41.22 27.86 -26.80
N ILE A 185 -40.45 28.94 -26.87
CA ILE A 185 -40.59 30.06 -25.95
C ILE A 185 -41.55 31.09 -26.59
N GLY A 186 -42.66 31.36 -25.90
CA GLY A 186 -43.71 32.25 -26.42
C GLY A 186 -43.89 33.50 -25.58
N PRO A 187 -44.84 34.36 -25.98
CA PRO A 187 -45.02 35.70 -25.41
C PRO A 187 -45.63 35.72 -24.00
N GLU A 188 -45.97 34.54 -23.48
CA GLU A 188 -46.49 34.41 -22.11
C GLU A 188 -46.21 33.03 -21.46
N GLY A 189 -45.62 32.12 -22.24
CA GLY A 189 -45.35 30.80 -21.72
C GLY A 189 -44.40 29.95 -22.54
N LEU A 190 -43.75 29.02 -21.87
CA LEU A 190 -42.90 28.05 -22.53
C LEU A 190 -43.73 26.88 -23.00
N VAL A 191 -43.90 26.77 -24.32
CA VAL A 191 -44.56 25.61 -24.92
C VAL A 191 -43.65 24.40 -24.77
N THR A 192 -44.05 23.50 -23.87
CA THR A 192 -43.26 22.33 -23.52
C THR A 192 -43.93 21.06 -24.01
N GLN A 193 -43.12 20.11 -24.46
CA GLN A 193 -43.58 18.74 -24.65
C GLN A 193 -43.31 17.95 -23.37
N VAL A 194 -44.23 17.06 -23.01
CA VAL A 194 -44.06 16.25 -21.80
C VAL A 194 -43.09 15.13 -22.10
N GLU A 195 -41.89 15.20 -21.53
CA GLU A 195 -40.94 14.10 -21.68
C GLU A 195 -41.40 12.93 -20.83
N ASN A 196 -41.46 13.12 -19.52
CA ASN A 196 -41.98 12.10 -18.64
C ASN A 196 -43.31 12.49 -18.08
N GLY A 197 -44.26 11.57 -18.16
CA GLY A 197 -45.64 11.85 -17.72
C GLY A 197 -45.90 11.48 -16.28
N GLY A 198 -47.14 11.70 -15.83
CA GLY A 198 -47.53 11.36 -14.47
C GLY A 198 -48.51 12.29 -13.74
N VAL A 199 -49.07 11.75 -12.67
CA VAL A 199 -50.10 12.42 -11.89
C VAL A 199 -49.51 13.59 -11.08
N LEU A 200 -49.90 14.81 -11.44
CA LEU A 200 -49.37 16.02 -10.78
C LEU A 200 -50.34 16.56 -9.74
N GLY A 201 -49.81 17.01 -8.60
CA GLY A 201 -50.61 17.62 -7.53
C GLY A 201 -50.50 19.13 -7.47
N SER A 202 -50.80 19.69 -6.30
CA SER A 202 -50.82 21.14 -6.11
C SER A 202 -49.57 21.60 -5.37
N ARG A 203 -48.90 22.59 -5.96
CA ARG A 203 -47.80 23.28 -5.32
C ARG A 203 -46.63 22.33 -5.15
N LYS A 204 -46.18 21.77 -6.27
CA LYS A 204 -45.08 20.83 -6.17
C LYS A 204 -43.78 21.41 -6.66
N GLY A 205 -42.68 20.83 -6.19
CA GLY A 205 -41.34 21.40 -6.41
C GLY A 205 -40.81 21.26 -7.82
N VAL A 206 -40.31 22.38 -8.34
CA VAL A 206 -39.81 22.47 -9.70
C VAL A 206 -38.31 22.70 -9.62
N ASN A 207 -37.58 22.08 -10.55
CA ASN A 207 -36.13 22.20 -10.62
C ASN A 207 -35.66 22.58 -12.03
N LEU A 208 -34.51 23.24 -12.15
CA LEU A 208 -34.04 23.73 -13.46
C LEU A 208 -32.55 23.51 -13.68
N PRO A 209 -32.17 22.26 -14.05
CA PRO A 209 -30.75 21.90 -14.16
C PRO A 209 -30.10 22.62 -15.33
N GLY A 210 -28.83 23.04 -15.16
CA GLY A 210 -28.10 23.78 -16.20
C GLY A 210 -28.50 25.25 -16.30
N ALA A 211 -29.77 25.51 -15.95
CA ALA A 211 -30.28 26.86 -15.83
C ALA A 211 -29.91 27.41 -14.44
N GLN A 212 -29.21 28.55 -14.44
CA GLN A 212 -28.74 29.19 -13.21
C GLN A 212 -29.85 29.99 -12.52
N VAL A 213 -29.93 29.89 -11.20
CA VAL A 213 -31.02 30.51 -10.41
C VAL A 213 -30.47 31.72 -9.64
N ASP A 214 -31.37 32.60 -9.18
CA ASP A 214 -30.98 33.86 -8.52
C ASP A 214 -31.75 34.27 -7.23
N LEU A 215 -32.52 33.33 -6.67
CA LEU A 215 -33.25 33.48 -5.38
C LEU A 215 -32.22 33.43 -4.23
N PRO A 216 -32.45 34.23 -3.15
CA PRO A 216 -31.45 34.23 -2.05
C PRO A 216 -31.41 32.93 -1.29
N GLY A 217 -30.26 32.65 -0.67
CA GLY A 217 -30.13 31.45 0.16
C GLY A 217 -30.96 31.59 1.42
N LEU A 218 -31.15 32.85 1.83
CA LEU A 218 -31.86 33.16 3.06
C LEU A 218 -32.90 34.23 2.80
N SER A 219 -34.15 33.81 2.82
CA SER A 219 -35.29 34.69 2.60
C SER A 219 -35.77 35.25 3.93
N GLU A 220 -36.69 36.21 3.86
CA GLU A 220 -37.27 36.73 5.08
C GLU A 220 -37.75 35.55 5.95
N GLN A 221 -38.50 34.61 5.38
CA GLN A 221 -38.96 33.46 6.17
C GLN A 221 -37.83 32.67 6.82
N ASP A 222 -36.84 32.21 6.05
CA ASP A 222 -35.72 31.47 6.66
C ASP A 222 -35.20 32.15 7.93
N VAL A 223 -34.86 33.43 7.83
CA VAL A 223 -34.40 34.25 8.97
C VAL A 223 -35.37 34.10 10.15
N ARG A 224 -36.66 34.29 9.90
CA ARG A 224 -37.68 34.08 10.93
C ARG A 224 -37.56 32.65 11.49
N ASP A 225 -37.46 31.68 10.59
CA ASP A 225 -37.40 30.29 10.98
C ASP A 225 -36.17 30.07 11.86
N LEU A 226 -35.06 30.71 11.49
CA LEU A 226 -33.83 30.50 12.25
C LEU A 226 -33.97 31.08 13.64
N ARG A 227 -34.42 32.34 13.73
CA ARG A 227 -34.69 32.98 15.02
C ARG A 227 -35.59 32.13 15.91
N PHE A 228 -36.59 31.49 15.29
CA PHE A 228 -37.44 30.50 15.95
C PHE A 228 -36.58 29.38 16.54
N GLY A 229 -35.69 28.81 15.73
CA GLY A 229 -34.81 27.72 16.17
C GLY A 229 -34.01 28.11 17.39
N VAL A 230 -33.52 29.34 17.41
CA VAL A 230 -32.77 29.81 18.54
C VAL A 230 -33.65 29.76 19.77
N GLU A 231 -34.79 30.45 19.71
CA GLU A 231 -35.72 30.58 20.84
C GLU A 231 -36.16 29.23 21.43
N HIS A 232 -36.25 28.20 20.59
CA HIS A 232 -36.69 26.91 21.07
C HIS A 232 -35.55 25.94 21.27
N GLY A 233 -34.33 26.43 21.12
CA GLY A 233 -33.16 25.68 21.53
C GLY A 233 -32.88 24.48 20.65
N VAL A 234 -33.14 24.61 19.35
CA VAL A 234 -32.72 23.58 18.45
C VAL A 234 -31.21 23.45 18.57
N ASP A 235 -30.69 22.29 18.17
CA ASP A 235 -29.29 21.93 18.35
C ASP A 235 -28.46 22.08 17.08
N ILE A 236 -29.14 22.03 15.93
CA ILE A 236 -28.48 21.84 14.65
C ILE A 236 -29.31 22.43 13.54
N VAL A 237 -28.68 23.11 12.61
CA VAL A 237 -29.37 23.63 11.46
C VAL A 237 -28.92 22.87 10.23
N PHE A 238 -29.84 22.21 9.55
CA PHE A 238 -29.53 21.67 8.25
C PHE A 238 -29.88 22.80 7.28
N ALA A 239 -28.87 23.45 6.71
CA ALA A 239 -29.09 24.65 5.91
C ALA A 239 -29.25 24.33 4.43
N SER A 240 -30.44 24.60 3.89
CA SER A 240 -30.77 24.18 2.52
C SER A 240 -30.09 25.03 1.47
N PHE A 241 -29.88 24.42 0.32
CA PHE A 241 -29.28 25.06 -0.88
C PHE A 241 -28.01 25.91 -0.72
N VAL A 242 -27.08 25.39 0.07
CA VAL A 242 -25.83 26.10 0.34
C VAL A 242 -24.92 26.02 -0.88
N ARG A 243 -24.68 27.19 -1.49
CA ARG A 243 -23.89 27.26 -2.74
C ARG A 243 -22.48 27.85 -2.60
N LYS A 244 -22.21 28.52 -1.49
CA LYS A 244 -20.92 29.22 -1.30
C LYS A 244 -20.77 29.62 0.15
N ALA A 245 -19.53 29.79 0.59
CA ALA A 245 -19.21 30.17 1.98
C ALA A 245 -20.12 31.24 2.58
N SER A 246 -20.36 32.34 1.86
CA SER A 246 -21.22 33.41 2.37
C SER A 246 -22.64 32.93 2.74
N ASP A 247 -23.09 31.85 2.12
CA ASP A 247 -24.39 31.28 2.48
C ASP A 247 -24.46 30.86 3.94
N VAL A 248 -23.42 30.21 4.44
CA VAL A 248 -23.37 29.82 5.84
C VAL A 248 -23.10 31.02 6.76
N ALA A 249 -22.28 31.97 6.30
CA ALA A 249 -22.10 33.19 7.05
C ALA A 249 -23.49 33.78 7.31
N ALA A 250 -24.33 33.84 6.26
CA ALA A 250 -25.67 34.39 6.38
C ALA A 250 -26.45 33.63 7.45
N VAL A 251 -26.46 32.29 7.36
CA VAL A 251 -27.10 31.44 8.38
C VAL A 251 -26.56 31.82 9.77
N ARG A 252 -25.25 31.97 9.89
CA ARG A 252 -24.63 32.32 11.16
C ARG A 252 -25.19 33.64 11.67
N ALA A 253 -25.20 34.66 10.82
CA ALA A 253 -25.70 35.99 11.23
C ALA A 253 -27.14 35.86 11.74
N ALA A 254 -27.97 35.14 10.98
CA ALA A 254 -29.40 35.02 11.30
C ALA A 254 -29.59 34.28 12.62
N LEU A 255 -28.79 33.25 12.81
CA LEU A 255 -28.83 32.46 14.03
C LEU A 255 -28.62 33.36 15.23
N GLY A 256 -27.94 34.49 15.02
CA GLY A 256 -27.73 35.48 16.07
C GLY A 256 -26.82 35.00 17.19
N PRO A 257 -26.59 35.87 18.17
CA PRO A 257 -25.62 35.63 19.22
C PRO A 257 -26.10 34.62 20.22
N GLU A 258 -27.41 34.52 20.37
CA GLU A 258 -27.99 33.54 21.28
C GLU A 258 -27.72 32.11 20.77
N GLY A 259 -27.04 31.98 19.63
CA GLY A 259 -26.87 30.66 19.01
C GLY A 259 -25.56 30.30 18.32
N HIS A 260 -24.42 30.61 18.93
CA HIS A 260 -23.13 30.10 18.44
C HIS A 260 -22.99 28.66 18.66
N GLY A 261 -23.61 28.17 19.73
CA GLY A 261 -23.50 26.77 20.14
C GLY A 261 -24.00 25.83 19.05
N ILE A 262 -24.97 26.34 18.27
CA ILE A 262 -25.68 25.58 17.25
C ILE A 262 -24.77 25.14 16.11
N LYS A 263 -24.68 23.83 15.88
CA LYS A 263 -23.91 23.26 14.77
C LYS A 263 -24.64 23.48 13.46
N ILE A 264 -23.88 23.93 12.46
CA ILE A 264 -24.43 24.24 11.15
C ILE A 264 -24.01 23.16 10.17
N ILE A 265 -25.00 22.50 9.57
CA ILE A 265 -24.75 21.47 8.56
C ILE A 265 -25.18 21.99 7.19
N SER A 266 -24.25 22.25 6.29
CA SER A 266 -24.65 22.73 4.96
C SER A 266 -25.07 21.55 4.12
N LYS A 267 -26.31 21.62 3.61
CA LYS A 267 -26.81 20.64 2.65
C LYS A 267 -26.34 21.08 1.28
N ILE A 268 -25.80 20.09 0.56
CA ILE A 268 -25.27 20.27 -0.78
C ILE A 268 -26.31 19.69 -1.76
N GLU A 269 -26.97 20.59 -2.48
CA GLU A 269 -28.13 20.23 -3.25
C GLU A 269 -27.99 20.55 -4.74
N ASN A 270 -26.89 21.19 -5.15
CA ASN A 270 -26.73 21.49 -6.56
C ASN A 270 -25.31 21.57 -7.09
N HIS A 271 -25.21 21.76 -8.40
CA HIS A 271 -23.92 21.74 -9.08
C HIS A 271 -22.94 22.74 -8.48
N GLU A 272 -23.34 23.99 -8.36
CA GLU A 272 -22.46 24.98 -7.80
C GLU A 272 -21.97 24.56 -6.44
N GLY A 273 -22.89 24.16 -5.58
CA GLY A 273 -22.56 23.63 -4.27
C GLY A 273 -21.53 22.52 -4.35
N VAL A 274 -21.70 21.61 -5.31
CA VAL A 274 -20.73 20.54 -5.46
C VAL A 274 -19.37 21.13 -5.83
N LYS A 275 -19.38 22.07 -6.77
CA LYS A 275 -18.14 22.69 -7.22
C LYS A 275 -17.41 23.53 -6.18
N ARG A 276 -18.15 24.17 -5.29
CA ARG A 276 -17.50 25.02 -4.29
C ARG A 276 -17.46 24.37 -2.92
N PHE A 277 -17.63 23.05 -2.94
CA PHE A 277 -17.63 22.26 -1.75
C PHE A 277 -16.48 22.58 -0.79
N ASP A 278 -15.25 22.67 -1.29
CA ASP A 278 -14.10 22.89 -0.40
C ASP A 278 -14.30 24.14 0.44
N GLU A 279 -14.77 25.20 -0.18
CA GLU A 279 -14.91 26.45 0.53
C GLU A 279 -16.04 26.30 1.55
N ILE A 280 -17.09 25.62 1.15
CA ILE A 280 -18.24 25.41 2.02
C ILE A 280 -17.89 24.57 3.23
N LEU A 281 -17.05 23.56 3.06
CA LEU A 281 -16.73 22.65 4.16
C LEU A 281 -15.96 23.38 5.23
N GLU A 282 -14.98 24.15 4.80
CA GLU A 282 -14.06 24.83 5.69
C GLU A 282 -14.78 25.70 6.70
N VAL A 283 -15.95 26.16 6.31
CA VAL A 283 -16.71 27.15 7.05
C VAL A 283 -17.94 26.58 7.79
N SER A 284 -18.24 25.30 7.54
CA SER A 284 -19.39 24.62 8.13
C SER A 284 -18.93 23.63 9.19
N ASP A 285 -19.86 23.19 10.03
CA ASP A 285 -19.53 22.19 11.02
C ASP A 285 -19.64 20.81 10.42
N GLY A 286 -20.36 20.72 9.31
CA GLY A 286 -20.60 19.44 8.65
C GLY A 286 -21.31 19.57 7.32
N ILE A 287 -21.58 18.44 6.70
CA ILE A 287 -22.19 18.41 5.38
C ILE A 287 -23.36 17.41 5.33
N MET A 288 -24.40 17.76 4.57
CA MET A 288 -25.46 16.85 4.15
C MET A 288 -25.44 16.57 2.64
N VAL A 289 -25.28 15.30 2.29
CA VAL A 289 -25.34 14.92 0.89
C VAL A 289 -26.80 14.87 0.56
N ALA A 290 -27.32 16.00 0.07
CA ALA A 290 -28.76 16.18 -0.17
C ALA A 290 -29.17 15.57 -1.51
N ARG A 291 -29.25 14.24 -1.55
CA ARG A 291 -29.43 13.50 -2.80
C ARG A 291 -30.64 13.91 -3.60
N GLY A 292 -31.78 14.07 -2.92
CA GLY A 292 -33.05 14.48 -3.57
C GLY A 292 -32.85 15.54 -4.62
N ASP A 293 -32.55 16.77 -4.19
CA ASP A 293 -32.35 17.87 -5.10
C ASP A 293 -31.15 17.60 -5.98
N LEU A 294 -30.04 17.20 -5.36
CA LEU A 294 -28.82 16.90 -6.12
C LEU A 294 -29.08 15.98 -7.29
N GLY A 295 -29.97 15.01 -7.10
CA GLY A 295 -30.29 14.04 -8.13
C GLY A 295 -31.18 14.58 -9.22
N ILE A 296 -31.58 15.84 -9.11
CA ILE A 296 -32.42 16.49 -10.12
C ILE A 296 -31.62 17.58 -10.79
N GLU A 297 -30.73 18.19 -10.02
CA GLU A 297 -29.90 19.29 -10.48
C GLU A 297 -28.79 18.79 -11.37
N ILE A 298 -28.18 17.69 -10.99
CA ILE A 298 -27.19 17.02 -11.82
C ILE A 298 -27.79 15.68 -12.25
N PRO A 299 -27.22 15.07 -13.31
CA PRO A 299 -27.76 13.80 -13.75
C PRO A 299 -27.79 12.81 -12.61
N ALA A 300 -28.89 12.05 -12.53
CA ALA A 300 -29.03 10.92 -11.62
C ALA A 300 -27.86 9.94 -11.61
N GLU A 301 -27.23 9.68 -12.77
CA GLU A 301 -26.03 8.83 -12.85
C GLU A 301 -24.86 9.31 -12.02
N LYS A 302 -24.86 10.57 -11.62
CA LYS A 302 -23.64 11.19 -11.12
C LYS A 302 -23.65 11.44 -9.64
N VAL A 303 -24.83 11.44 -9.02
CA VAL A 303 -24.91 11.59 -7.57
C VAL A 303 -23.94 10.70 -6.80
N PHE A 304 -23.94 9.39 -7.05
CA PHE A 304 -23.00 8.50 -6.30
C PHE A 304 -21.57 9.05 -6.23
N LEU A 305 -21.15 9.69 -7.33
CA LEU A 305 -19.86 10.34 -7.35
C LEU A 305 -19.82 11.55 -6.41
N ALA A 306 -20.88 12.35 -6.38
CA ALA A 306 -20.84 13.48 -5.47
C ALA A 306 -20.85 12.99 -4.04
N GLN A 307 -21.72 12.00 -3.78
CA GLN A 307 -21.78 11.39 -2.45
C GLN A 307 -20.42 10.85 -1.99
N LYS A 308 -19.78 10.02 -2.80
CA LYS A 308 -18.54 9.42 -2.31
C LYS A 308 -17.41 10.45 -2.14
N MET A 309 -17.38 11.46 -3.01
CA MET A 309 -16.36 12.52 -2.95
C MET A 309 -16.54 13.40 -1.73
N MET A 310 -17.76 13.86 -1.48
CA MET A 310 -18.05 14.59 -0.23
C MET A 310 -17.78 13.80 1.05
N ILE A 311 -18.26 12.55 1.14
CA ILE A 311 -18.02 11.75 2.33
C ILE A 311 -16.51 11.59 2.54
N GLY A 312 -15.80 11.36 1.45
CA GLY A 312 -14.36 11.18 1.50
C GLY A 312 -13.72 12.41 2.10
N ARG A 313 -13.98 13.56 1.48
CA ARG A 313 -13.47 14.86 1.91
C ARG A 313 -13.81 15.20 3.37
N CYS A 314 -15.07 15.04 3.78
CA CYS A 314 -15.43 15.16 5.20
C CYS A 314 -14.59 14.21 6.07
N ASN A 315 -14.61 12.91 5.79
CA ASN A 315 -13.73 12.00 6.54
C ASN A 315 -12.33 12.62 6.72
N LEU A 316 -11.77 13.18 5.63
CA LEU A 316 -10.45 13.82 5.67
C LEU A 316 -10.44 15.03 6.58
N ALA A 317 -11.43 15.91 6.47
CA ALA A 317 -11.44 17.13 7.26
C ALA A 317 -11.74 16.85 8.72
N GLY A 318 -12.31 15.68 9.02
CA GLY A 318 -12.79 15.35 10.37
C GLY A 318 -14.16 15.94 10.73
N LYS A 319 -15.00 16.21 9.74
CA LYS A 319 -16.30 16.81 10.02
C LYS A 319 -17.44 15.82 9.77
N PRO A 320 -18.57 15.95 10.51
CA PRO A 320 -19.69 15.06 10.31
C PRO A 320 -20.19 15.15 8.87
N VAL A 321 -20.53 14.00 8.27
CA VAL A 321 -21.23 14.02 7.00
C VAL A 321 -22.45 13.13 7.05
N VAL A 322 -23.56 13.67 6.54
CA VAL A 322 -24.85 13.01 6.49
C VAL A 322 -25.21 12.59 5.07
N CYS A 323 -25.67 11.35 4.94
CA CYS A 323 -26.26 10.82 3.71
C CYS A 323 -27.81 10.86 3.78
N ALA A 324 -28.45 11.32 2.72
CA ALA A 324 -29.87 11.60 2.83
C ALA A 324 -30.72 11.25 1.60
N THR A 325 -31.98 10.95 1.88
CA THR A 325 -33.06 10.96 0.94
C THR A 325 -33.23 9.65 0.22
N GLN A 326 -34.41 9.07 0.38
CA GLN A 326 -34.82 7.87 -0.33
C GLN A 326 -33.99 6.63 0.05
N MET A 327 -33.38 6.64 1.23
CA MET A 327 -32.54 5.47 1.57
C MET A 327 -33.42 4.23 1.73
N LEU A 328 -34.70 4.42 2.02
CA LEU A 328 -35.62 3.30 2.25
C LEU A 328 -37.06 3.58 1.77
N GLU A 329 -37.22 4.25 0.62
CA GLU A 329 -38.53 4.80 0.16
C GLU A 329 -39.66 3.81 0.15
N SER A 330 -39.40 2.63 -0.40
CA SER A 330 -40.45 1.61 -0.46
C SER A 330 -41.14 1.41 0.89
N MET A 331 -40.38 1.57 1.97
CA MET A 331 -40.96 1.44 3.33
C MET A 331 -41.99 2.50 3.69
N ILE A 332 -42.01 3.66 3.03
CA ILE A 332 -43.18 4.57 3.16
C ILE A 332 -44.47 3.77 3.02
N THR A 333 -44.41 2.68 2.27
CA THR A 333 -45.60 1.98 1.83
C THR A 333 -45.59 0.49 2.11
N LYS A 334 -44.41 -0.06 2.40
CA LYS A 334 -44.23 -1.52 2.51
C LYS A 334 -43.43 -1.85 3.76
N PRO A 335 -43.70 -3.02 4.38
CA PRO A 335 -43.07 -3.35 5.64
C PRO A 335 -41.63 -3.84 5.49
N ARG A 336 -41.18 -4.08 4.25
CA ARG A 336 -39.79 -4.45 3.97
C ARG A 336 -39.15 -3.52 2.93
N PRO A 337 -37.83 -3.33 3.02
CA PRO A 337 -37.14 -2.57 2.00
C PRO A 337 -36.80 -3.39 0.77
N THR A 338 -36.46 -2.70 -0.31
CA THR A 338 -36.06 -3.32 -1.56
C THR A 338 -34.61 -3.67 -1.40
N ARG A 339 -34.09 -4.54 -2.26
CA ARG A 339 -32.72 -4.94 -2.07
C ARG A 339 -31.76 -3.77 -2.26
N ALA A 340 -32.17 -2.77 -3.04
CA ALA A 340 -31.30 -1.63 -3.33
C ALA A 340 -31.19 -0.74 -2.12
N GLU A 341 -32.28 -0.63 -1.38
CA GLU A 341 -32.32 0.24 -0.21
C GLU A 341 -31.38 -0.27 0.89
N THR A 342 -31.49 -1.55 1.21
CA THR A 342 -30.57 -2.21 2.07
C THR A 342 -29.12 -1.92 1.67
N SER A 343 -28.74 -2.22 0.44
CA SER A 343 -27.37 -1.98 0.07
C SER A 343 -27.06 -0.47 0.09
N ASP A 344 -28.03 0.40 -0.22
CA ASP A 344 -27.77 1.80 -0.09
C ASP A 344 -27.30 2.21 1.30
N VAL A 345 -28.00 1.75 2.31
CA VAL A 345 -27.63 2.05 3.68
C VAL A 345 -26.25 1.50 3.96
N ALA A 346 -26.03 0.20 3.70
CA ALA A 346 -24.71 -0.37 3.98
C ALA A 346 -23.63 0.49 3.31
N ASN A 347 -23.82 0.80 2.02
CA ASN A 347 -22.77 1.53 1.30
C ASN A 347 -22.55 2.97 1.81
N ALA A 348 -23.56 3.56 2.44
CA ALA A 348 -23.41 4.91 2.99
C ALA A 348 -22.42 4.83 4.11
N VAL A 349 -22.60 3.80 4.94
CA VAL A 349 -21.74 3.52 6.07
C VAL A 349 -20.35 3.15 5.57
N LEU A 350 -20.25 2.28 4.59
CA LEU A 350 -18.96 1.87 4.09
C LEU A 350 -18.30 3.05 3.43
N ASP A 351 -19.09 3.94 2.86
CA ASP A 351 -18.53 5.16 2.26
C ASP A 351 -17.81 5.93 3.37
N GLY A 352 -18.45 6.01 4.54
CA GLY A 352 -17.89 6.59 5.74
C GLY A 352 -18.80 7.68 6.31
N ALA A 353 -20.10 7.53 6.14
CA ALA A 353 -21.02 8.59 6.52
C ALA A 353 -21.20 8.61 8.02
N ASP A 354 -21.30 9.81 8.57
CA ASP A 354 -21.53 9.87 10.00
C ASP A 354 -22.97 9.57 10.35
N CYS A 355 -23.91 10.08 9.55
CA CYS A 355 -25.32 9.85 9.82
C CYS A 355 -26.06 9.42 8.57
N ILE A 356 -27.17 8.70 8.76
CA ILE A 356 -28.06 8.34 7.67
C ILE A 356 -29.42 8.87 8.04
N MET A 357 -30.16 9.36 7.05
CA MET A 357 -31.42 10.07 7.29
C MET A 357 -32.62 9.24 6.83
N LEU A 358 -33.82 9.63 7.29
CA LEU A 358 -35.08 9.14 6.78
C LEU A 358 -36.02 10.34 6.57
N SER A 359 -36.86 10.32 5.55
CA SER A 359 -37.77 11.45 5.31
C SER A 359 -39.21 10.95 5.18
N GLY A 360 -39.71 10.77 3.96
CA GLY A 360 -40.97 10.09 3.81
C GLY A 360 -41.12 8.89 4.77
N GLU A 361 -40.03 8.12 4.95
CA GLU A 361 -40.15 6.85 5.67
C GLU A 361 -40.67 7.05 7.07
N THR A 362 -40.28 8.16 7.70
CA THR A 362 -40.72 8.41 9.09
C THR A 362 -41.73 9.56 9.21
N ALA A 363 -41.73 10.46 8.24
CA ALA A 363 -42.62 11.60 8.30
C ALA A 363 -44.08 11.23 7.99
N LYS A 364 -44.33 10.43 6.94
CA LYS A 364 -45.70 10.14 6.50
C LYS A 364 -46.07 8.70 6.37
N GLY A 365 -45.06 7.85 6.24
CA GLY A 365 -45.31 6.49 5.84
C GLY A 365 -45.98 5.63 6.88
N ASN A 366 -46.35 4.43 6.48
CA ASN A 366 -47.05 3.52 7.37
C ASN A 366 -46.13 2.69 8.25
N PHE A 367 -44.82 2.88 8.13
CA PHE A 367 -43.88 2.06 8.94
C PHE A 367 -42.68 2.81 9.51
N PRO A 368 -42.93 3.95 10.21
CA PRO A 368 -41.82 4.81 10.67
C PRO A 368 -40.85 4.11 11.65
N VAL A 369 -41.41 3.37 12.60
CA VAL A 369 -40.60 2.61 13.52
C VAL A 369 -39.87 1.46 12.85
N GLU A 370 -40.56 0.68 12.04
CA GLU A 370 -39.88 -0.35 11.26
C GLU A 370 -38.72 0.24 10.46
N ALA A 371 -38.95 1.40 9.84
CA ALA A 371 -37.92 2.06 9.03
C ALA A 371 -36.69 2.36 9.87
N VAL A 372 -36.92 2.82 11.10
CA VAL A 372 -35.79 3.17 11.96
C VAL A 372 -35.10 1.89 12.40
N LYS A 373 -35.86 0.85 12.74
CA LYS A 373 -35.25 -0.44 13.09
C LYS A 373 -34.35 -1.00 11.97
N MET A 374 -34.75 -0.78 10.71
CA MET A 374 -33.94 -1.24 9.58
C MET A 374 -32.64 -0.47 9.49
N GLN A 375 -32.66 0.86 9.52
CA GLN A 375 -31.38 1.57 9.42
C GLN A 375 -30.50 1.08 10.57
N HIS A 376 -31.09 0.85 11.72
CA HIS A 376 -30.29 0.33 12.82
C HIS A 376 -29.66 -1.03 12.46
N ALA A 377 -30.45 -1.94 11.92
CA ALA A 377 -29.96 -3.30 11.67
C ALA A 377 -28.83 -3.36 10.64
N ILE A 378 -29.02 -2.63 9.54
CA ILE A 378 -28.00 -2.56 8.50
C ILE A 378 -26.74 -1.85 9.01
N ALA A 379 -26.88 -0.68 9.61
CA ALA A 379 -25.70 0.06 10.06
C ALA A 379 -24.80 -0.81 10.93
N ARG A 380 -25.38 -1.66 11.76
CA ARG A 380 -24.56 -2.52 12.62
C ARG A 380 -23.71 -3.54 11.84
N GLU A 381 -24.33 -4.20 10.89
CA GLU A 381 -23.60 -5.05 9.97
C GLU A 381 -22.51 -4.31 9.23
N ALA A 382 -22.87 -3.18 8.60
CA ALA A 382 -21.92 -2.42 7.76
C ALA A 382 -20.76 -1.88 8.58
N GLU A 383 -21.04 -1.36 9.77
CA GLU A 383 -19.98 -0.88 10.67
C GLU A 383 -18.92 -1.94 10.99
N ALA A 384 -19.37 -3.17 11.26
CA ALA A 384 -18.47 -4.32 11.43
C ALA A 384 -17.71 -4.71 10.17
N ALA A 385 -18.22 -4.30 9.00
CA ALA A 385 -17.54 -4.61 7.73
C ALA A 385 -16.54 -3.54 7.22
N VAL A 386 -16.44 -2.41 7.91
CA VAL A 386 -15.41 -1.44 7.59
C VAL A 386 -14.02 -2.08 7.72
N TYR A 387 -13.18 -1.87 6.71
CA TYR A 387 -11.80 -2.37 6.74
C TYR A 387 -10.93 -1.35 7.44
N HIS A 388 -11.04 -1.28 8.77
CA HIS A 388 -10.34 -0.23 9.54
C HIS A 388 -8.86 -0.16 9.21
N ARG A 389 -8.23 -1.33 9.12
CA ARG A 389 -6.81 -1.39 8.79
C ARG A 389 -6.49 -0.34 7.73
N GLN A 390 -7.04 -0.47 6.53
CA GLN A 390 -6.80 0.53 5.50
C GLN A 390 -7.29 1.90 5.97
N LEU A 391 -8.50 1.94 6.53
CA LEU A 391 -9.14 3.20 6.88
C LEU A 391 -8.24 4.04 7.80
N PHE A 392 -7.85 3.41 8.91
CA PHE A 392 -6.97 4.05 9.87
C PHE A 392 -5.66 4.48 9.23
N GLU A 393 -5.00 3.55 8.52
CA GLU A 393 -3.73 3.88 7.87
C GLU A 393 -3.88 5.14 7.06
N GLU A 394 -4.89 5.15 6.18
CA GLU A 394 -5.05 6.25 5.25
C GLU A 394 -5.28 7.58 5.96
N LEU A 395 -6.10 7.58 7.02
CA LEU A 395 -6.40 8.81 7.76
C LEU A 395 -5.13 9.36 8.39
N ARG A 396 -4.46 8.54 9.20
CA ARG A 396 -3.18 8.97 9.77
C ARG A 396 -2.38 9.60 8.63
N ARG A 397 -2.06 8.77 7.64
CA ARG A 397 -1.21 9.10 6.53
C ARG A 397 -1.59 10.45 5.92
N ALA A 398 -2.89 10.67 5.75
CA ALA A 398 -3.33 11.89 5.10
C ALA A 398 -3.35 13.11 6.02
N ALA A 399 -3.80 12.91 7.25
CA ALA A 399 -3.93 14.00 8.22
C ALA A 399 -2.56 14.62 8.55
N PRO A 400 -2.46 15.97 8.48
CA PRO A 400 -1.16 16.63 8.71
C PRO A 400 -0.72 16.45 10.16
N LEU A 401 0.56 16.66 10.45
CA LEU A 401 1.04 16.68 11.82
C LEU A 401 0.15 17.59 12.63
N SER A 402 0.23 17.48 13.96
CA SER A 402 -0.60 18.32 14.80
C SER A 402 0.10 18.61 16.09
N ARG A 403 -0.15 19.80 16.60
CA ARG A 403 0.48 20.30 17.80
C ARG A 403 -0.56 20.44 18.93
N ASP A 404 -1.83 20.28 18.60
CA ASP A 404 -2.89 20.37 19.60
C ASP A 404 -2.91 19.12 20.46
N PRO A 405 -2.61 19.26 21.75
CA PRO A 405 -2.54 18.11 22.64
C PRO A 405 -3.76 17.20 22.58
N THR A 406 -4.94 17.78 22.40
CA THR A 406 -6.18 17.03 22.27
C THR A 406 -6.13 16.03 21.09
N GLU A 407 -5.76 16.51 19.90
CA GLU A 407 -5.61 15.62 18.75
C GLU A 407 -4.63 14.51 19.06
N VAL A 408 -3.47 14.92 19.58
CA VAL A 408 -2.36 14.04 19.88
C VAL A 408 -2.80 12.92 20.81
N THR A 409 -3.64 13.24 21.79
CA THR A 409 -4.11 12.24 22.74
C THR A 409 -5.09 11.32 22.05
N ALA A 410 -5.96 11.90 21.21
CA ALA A 410 -6.95 11.17 20.48
C ALA A 410 -6.31 10.04 19.69
N ILE A 411 -5.44 10.40 18.75
CA ILE A 411 -4.84 9.41 17.91
C ILE A 411 -4.10 8.33 18.75
N GLY A 412 -3.45 8.75 19.82
CA GLY A 412 -2.79 7.83 20.71
C GLY A 412 -3.82 6.85 21.26
N ALA A 413 -4.96 7.40 21.69
CA ALA A 413 -6.00 6.62 22.33
C ALA A 413 -6.57 5.62 21.33
N VAL A 414 -6.89 6.11 20.14
CA VAL A 414 -7.36 5.25 19.09
C VAL A 414 -6.36 4.12 18.84
N GLU A 415 -5.08 4.46 18.78
CA GLU A 415 -4.06 3.47 18.53
C GLU A 415 -4.02 2.41 19.65
N ALA A 416 -4.04 2.86 20.90
CA ALA A 416 -4.03 1.97 22.05
C ALA A 416 -5.23 1.03 21.98
N ALA A 417 -6.39 1.60 21.60
CA ALA A 417 -7.65 0.87 21.52
C ALA A 417 -7.50 -0.28 20.54
N PHE A 418 -7.00 0.03 19.35
CA PHE A 418 -6.78 -1.00 18.35
C PHE A 418 -5.92 -2.14 18.87
N LYS A 419 -4.88 -1.82 19.63
CA LYS A 419 -3.90 -2.80 20.00
C LYS A 419 -4.45 -3.85 20.98
N CYS A 420 -5.50 -3.52 21.72
CA CYS A 420 -6.02 -4.46 22.72
C CYS A 420 -7.49 -4.76 22.49
N CYS A 421 -7.98 -4.45 21.30
CA CYS A 421 -9.41 -4.59 20.99
C CYS A 421 -10.22 -4.04 22.15
N ALA A 422 -9.94 -2.80 22.53
CA ALA A 422 -10.68 -2.17 23.60
C ALA A 422 -12.15 -2.24 23.24
N ALA A 423 -13.00 -2.47 24.23
CA ALA A 423 -14.43 -2.38 24.02
C ALA A 423 -14.84 -0.91 23.82
N ALA A 424 -14.14 0.01 24.49
CA ALA A 424 -14.51 1.40 24.42
C ALA A 424 -13.39 2.39 24.76
N ILE A 425 -13.56 3.62 24.27
CA ILE A 425 -12.74 4.75 24.70
C ILE A 425 -13.73 5.63 25.39
N ILE A 426 -13.46 5.95 26.66
CA ILE A 426 -14.31 6.79 27.50
C ILE A 426 -13.67 8.16 27.61
N VAL A 427 -14.38 9.21 27.22
CA VAL A 427 -13.84 10.57 27.24
C VAL A 427 -14.72 11.51 28.02
N LEU A 428 -14.11 12.26 28.92
CA LEU A 428 -14.78 13.43 29.47
C LEU A 428 -14.71 14.54 28.44
N THR A 429 -15.83 15.21 28.19
CA THR A 429 -15.84 16.32 27.25
C THR A 429 -16.89 17.35 27.60
N THR A 430 -16.56 18.62 27.37
CA THR A 430 -17.40 19.75 27.76
C THR A 430 -18.19 20.31 26.59
N THR A 431 -17.54 20.34 25.43
CA THR A 431 -18.14 20.87 24.21
C THR A 431 -18.28 19.81 23.12
N GLY A 432 -17.81 18.58 23.41
CA GLY A 432 -17.86 17.49 22.45
C GLY A 432 -16.58 17.38 21.65
N ARG A 433 -15.81 18.47 21.60
CA ARG A 433 -14.61 18.47 20.76
C ARG A 433 -13.67 17.26 20.94
N SER A 434 -13.34 16.86 22.16
CA SER A 434 -12.46 15.71 22.31
C SER A 434 -13.09 14.40 21.94
N ALA A 435 -14.40 14.29 22.11
CA ALA A 435 -15.08 13.12 21.57
C ALA A 435 -14.92 13.10 20.04
N GLN A 436 -15.12 14.26 19.43
CA GLN A 436 -15.04 14.34 17.98
C GLN A 436 -13.67 13.96 17.49
N LEU A 437 -12.61 14.49 18.11
CA LEU A 437 -11.29 14.17 17.60
C LEU A 437 -11.03 12.68 17.66
N LEU A 438 -11.59 11.97 18.64
CA LEU A 438 -11.47 10.52 18.66
C LEU A 438 -12.18 9.92 17.47
N SER A 439 -13.44 10.26 17.26
CA SER A 439 -14.19 9.59 16.19
C SER A 439 -13.59 9.91 14.83
N ARG A 440 -13.11 11.13 14.67
CA ARG A 440 -12.27 11.54 13.54
C ARG A 440 -11.34 10.42 13.01
N TYR A 441 -10.77 9.62 13.91
CA TYR A 441 -9.85 8.53 13.51
C TYR A 441 -10.56 7.19 13.41
N ARG A 442 -11.87 7.21 13.56
CA ARG A 442 -12.71 6.03 13.41
C ARG A 442 -12.18 4.86 14.22
N PRO A 443 -12.23 4.97 15.54
CA PRO A 443 -11.86 3.80 16.34
C PRO A 443 -12.89 2.75 16.03
N ARG A 444 -12.65 1.52 16.41
CA ARG A 444 -13.72 0.54 16.34
C ARG A 444 -14.38 0.46 17.70
N ALA A 445 -13.55 0.52 18.74
CA ALA A 445 -14.08 0.62 20.09
C ALA A 445 -15.01 1.81 20.06
N ALA A 446 -16.07 1.73 20.85
CA ALA A 446 -17.02 2.84 20.97
C ALA A 446 -16.45 3.96 21.81
N VAL A 447 -16.75 5.20 21.39
CA VAL A 447 -16.39 6.43 22.12
C VAL A 447 -17.52 6.83 23.08
N ILE A 448 -17.34 6.56 24.36
CA ILE A 448 -18.35 6.86 25.34
C ILE A 448 -18.08 8.21 25.93
N ALA A 449 -18.89 9.20 25.58
CA ALA A 449 -18.61 10.58 25.96
C ALA A 449 -19.44 11.00 27.13
N VAL A 450 -18.77 11.46 28.18
CA VAL A 450 -19.42 11.87 29.41
C VAL A 450 -19.36 13.39 29.53
N THR A 451 -20.52 14.00 29.70
CA THR A 451 -20.60 15.44 29.68
C THR A 451 -21.73 15.96 30.57
N ARG A 452 -21.56 17.18 31.08
CA ARG A 452 -22.61 17.86 31.83
C ARG A 452 -23.50 18.72 30.95
N SER A 453 -23.02 19.02 29.74
CA SER A 453 -23.74 19.90 28.83
C SER A 453 -24.77 19.07 28.07
N ALA A 454 -26.04 19.24 28.45
CA ALA A 454 -27.13 18.51 27.82
C ALA A 454 -27.10 18.70 26.30
N GLN A 455 -26.73 19.91 25.86
CA GLN A 455 -26.69 20.25 24.45
C GLN A 455 -25.54 19.55 23.74
N ALA A 456 -24.34 19.69 24.29
CA ALA A 456 -23.20 18.97 23.74
C ALA A 456 -23.50 17.46 23.63
N ALA A 457 -24.21 16.92 24.62
CA ALA A 457 -24.59 15.51 24.61
C ALA A 457 -25.43 15.16 23.38
N ARG A 458 -26.29 16.10 22.96
CA ARG A 458 -27.10 15.91 21.78
C ARG A 458 -26.28 16.09 20.48
N GLN A 459 -25.51 17.18 20.39
CA GLN A 459 -24.81 17.50 19.15
C GLN A 459 -23.77 16.45 18.74
N VAL A 460 -23.32 15.70 19.72
CA VAL A 460 -22.28 14.72 19.49
C VAL A 460 -22.77 13.58 18.60
N HIS A 461 -24.07 13.33 18.57
CA HIS A 461 -24.62 12.32 17.66
C HIS A 461 -24.18 12.50 16.21
N LEU A 462 -23.68 13.67 15.89
CA LEU A 462 -23.34 14.02 14.54
C LEU A 462 -22.01 13.35 14.21
N CYS A 463 -21.33 12.82 15.21
CA CYS A 463 -20.03 12.19 14.95
C CYS A 463 -20.08 10.71 15.06
N ARG A 464 -19.78 9.98 13.98
CA ARG A 464 -19.79 8.50 14.06
C ARG A 464 -19.07 7.96 15.31
N GLY A 465 -19.75 7.06 16.00
CA GLY A 465 -19.13 6.26 17.02
C GLY A 465 -19.13 6.85 18.41
N VAL A 466 -19.75 8.01 18.55
CA VAL A 466 -19.85 8.64 19.87
C VAL A 466 -21.20 8.33 20.50
N PHE A 467 -21.17 7.89 21.74
CA PHE A 467 -22.36 7.57 22.49
C PHE A 467 -22.31 8.50 23.70
N PRO A 468 -23.20 9.52 23.71
CA PRO A 468 -23.13 10.53 24.76
C PRO A 468 -23.84 10.07 26.01
N LEU A 469 -23.28 10.37 27.18
CA LEU A 469 -23.95 10.09 28.42
C LEU A 469 -24.04 11.39 29.16
N LEU A 470 -25.25 11.78 29.54
CA LEU A 470 -25.44 13.02 30.25
C LEU A 470 -25.27 12.75 31.73
N TYR A 471 -24.43 13.56 32.35
CA TYR A 471 -24.10 13.38 33.75
C TYR A 471 -24.77 14.49 34.55
N ARG A 472 -25.44 14.10 35.64
CA ARG A 472 -26.34 15.00 36.36
C ARG A 472 -25.87 15.42 37.77
N GLU A 473 -25.03 14.61 38.42
CA GLU A 473 -24.58 14.91 39.79
C GLU A 473 -23.88 16.28 39.90
N PRO A 474 -24.00 16.93 41.07
CA PRO A 474 -23.27 18.18 41.30
C PRO A 474 -21.77 17.88 41.45
N PRO A 475 -20.89 18.82 41.05
CA PRO A 475 -19.43 18.65 41.27
C PRO A 475 -19.03 18.28 42.71
N GLU A 476 -18.04 17.40 42.85
CA GLU A 476 -17.42 17.09 44.15
C GLU A 476 -16.51 18.25 44.51
N ALA A 477 -16.14 18.35 45.80
CA ALA A 477 -15.21 19.39 46.23
C ALA A 477 -13.82 19.20 45.57
N ILE A 478 -13.26 18.00 45.71
CA ILE A 478 -11.97 17.66 45.11
C ILE A 478 -12.15 17.31 43.61
N TRP A 479 -11.62 18.18 42.75
CA TRP A 479 -11.79 18.02 41.30
C TRP A 479 -11.47 16.60 40.83
N ALA A 480 -10.28 16.10 41.16
CA ALA A 480 -9.86 14.73 40.86
C ALA A 480 -10.96 13.69 41.12
N ASP A 481 -11.62 13.78 42.28
CA ASP A 481 -12.75 12.90 42.61
C ASP A 481 -13.89 13.07 41.61
N ASP A 482 -14.18 14.31 41.25
CA ASP A 482 -15.24 14.59 40.27
C ASP A 482 -14.92 13.90 38.96
N VAL A 483 -13.68 14.03 38.50
CA VAL A 483 -13.18 13.32 37.34
C VAL A 483 -13.43 11.80 37.46
N ASP A 484 -12.99 11.18 38.55
CA ASP A 484 -13.15 9.73 38.73
C ASP A 484 -14.62 9.25 38.74
N ARG A 485 -15.51 9.97 39.42
CA ARG A 485 -16.94 9.61 39.45
C ARG A 485 -17.52 9.61 38.04
N ARG A 486 -17.13 10.60 37.23
CA ARG A 486 -17.56 10.67 35.83
C ARG A 486 -17.08 9.49 34.99
N VAL A 487 -15.79 9.18 35.10
CA VAL A 487 -15.23 8.01 34.43
C VAL A 487 -15.97 6.75 34.87
N GLN A 488 -16.08 6.60 36.18
CA GLN A 488 -16.86 5.50 36.74
C GLN A 488 -18.29 5.48 36.19
N PHE A 489 -18.93 6.66 36.12
CA PHE A 489 -20.28 6.77 35.58
C PHE A 489 -20.34 6.15 34.18
N GLY A 490 -19.35 6.51 33.35
CA GLY A 490 -19.24 5.98 31.98
C GLY A 490 -19.20 4.47 31.96
N ILE A 491 -18.34 3.90 32.81
CA ILE A 491 -18.17 2.44 32.93
C ILE A 491 -19.49 1.75 33.26
N GLU A 492 -20.12 2.20 34.33
CA GLU A 492 -21.38 1.66 34.77
C GLU A 492 -22.40 1.73 33.64
N SER A 493 -22.67 2.94 33.12
CA SER A 493 -23.59 3.06 31.99
C SER A 493 -23.18 2.07 30.93
N GLY A 494 -21.87 1.99 30.72
CA GLY A 494 -21.27 1.06 29.76
C GLY A 494 -21.72 -0.36 30.05
N LYS A 495 -21.45 -0.85 31.25
CA LYS A 495 -21.84 -2.21 31.66
C LYS A 495 -23.33 -2.42 31.37
N LEU A 496 -24.15 -1.48 31.85
CA LEU A 496 -25.60 -1.60 31.79
C LEU A 496 -26.15 -1.79 30.38
N ARG A 497 -25.64 -1.05 29.41
CA ARG A 497 -26.17 -1.17 28.04
C ARG A 497 -25.46 -2.26 27.21
N GLY A 498 -24.62 -3.08 27.86
CA GLY A 498 -23.85 -4.10 27.17
C GLY A 498 -22.81 -3.57 26.18
N PHE A 499 -22.18 -2.43 26.48
CA PHE A 499 -21.00 -1.99 25.69
C PHE A 499 -19.72 -2.60 26.25
N LEU A 500 -19.69 -2.87 27.55
CA LEU A 500 -18.49 -3.38 28.20
C LEU A 500 -18.87 -4.49 29.14
N ARG A 501 -18.01 -5.49 29.17
CA ARG A 501 -18.20 -6.65 30.04
C ARG A 501 -16.98 -6.78 30.93
N VAL A 502 -17.17 -7.34 32.12
CA VAL A 502 -16.05 -7.65 33.03
C VAL A 502 -14.90 -8.26 32.21
N GLY A 503 -13.66 -7.90 32.54
CA GLY A 503 -12.51 -8.42 31.79
C GLY A 503 -12.14 -7.66 30.54
N ASP A 504 -13.03 -6.81 30.04
CA ASP A 504 -12.67 -5.89 28.95
C ASP A 504 -11.60 -4.90 29.40
N LEU A 505 -10.85 -4.41 28.42
CA LEU A 505 -9.95 -3.29 28.65
C LEU A 505 -10.66 -2.09 28.10
N VAL A 506 -10.39 -0.94 28.71
CA VAL A 506 -11.01 0.28 28.24
C VAL A 506 -9.96 1.37 28.25
N ILE A 507 -10.07 2.29 27.30
CA ILE A 507 -9.16 3.44 27.25
C ILE A 507 -9.90 4.66 27.78
N VAL A 508 -9.29 5.34 28.74
CA VAL A 508 -9.92 6.52 29.33
C VAL A 508 -9.13 7.76 28.97
N VAL A 509 -9.82 8.75 28.42
CA VAL A 509 -9.17 9.98 28.02
C VAL A 509 -9.68 11.13 28.86
N THR A 510 -8.79 11.82 29.57
CA THR A 510 -9.13 12.96 30.44
C THR A 510 -8.19 14.19 30.27
N GLY A 511 -8.18 15.11 31.24
CA GLY A 511 -7.33 16.30 31.14
C GLY A 511 -6.63 16.75 32.43
N TRP A 512 -5.64 17.62 32.30
CA TRP A 512 -4.88 18.02 33.46
C TRP A 512 -5.54 19.07 34.35
N ARG A 513 -6.50 19.83 33.79
CA ARG A 513 -7.22 20.84 34.56
C ARG A 513 -8.64 21.02 34.01
N PRO A 514 -9.55 21.63 34.80
CA PRO A 514 -10.94 21.83 34.40
C PRO A 514 -11.09 22.86 33.28
N GLY A 515 -12.30 22.92 32.71
CA GLY A 515 -12.56 23.80 31.59
C GLY A 515 -12.21 23.06 30.32
N SER A 516 -12.73 23.51 29.19
CA SER A 516 -12.52 22.79 27.95
C SER A 516 -11.17 23.17 27.34
N GLY A 517 -10.69 22.32 26.43
CA GLY A 517 -9.51 22.64 25.62
C GLY A 517 -8.17 22.11 26.13
N TYR A 518 -8.22 21.34 27.22
CA TYR A 518 -7.01 20.86 27.86
C TYR A 518 -6.93 19.33 27.99
N THR A 519 -7.71 18.59 27.20
CA THR A 519 -7.55 17.13 27.18
C THR A 519 -6.08 16.85 26.88
N ASN A 520 -5.49 15.87 27.57
CA ASN A 520 -4.10 15.49 27.32
C ASN A 520 -3.63 14.20 28.00
N ILE A 521 -4.55 13.37 28.46
CA ILE A 521 -4.17 12.17 29.19
C ILE A 521 -4.89 10.97 28.61
N MET A 522 -4.17 9.88 28.51
CA MET A 522 -4.74 8.64 28.05
C MET A 522 -4.34 7.55 29.04
N ARG A 523 -5.31 6.75 29.47
CA ARG A 523 -5.04 5.69 30.43
C ARG A 523 -5.67 4.39 30.00
N VAL A 524 -4.97 3.30 30.27
CA VAL A 524 -5.51 1.97 30.01
C VAL A 524 -6.00 1.40 31.33
N LEU A 525 -7.28 1.02 31.36
CA LEU A 525 -7.88 0.38 32.52
C LEU A 525 -8.62 -0.90 32.10
N SER A 526 -8.68 -1.85 33.04
CA SER A 526 -9.45 -3.08 32.85
C SER A 526 -10.77 -2.98 33.61
N ILE A 527 -11.82 -3.54 33.02
CA ILE A 527 -13.13 -3.58 33.66
C ILE A 527 -13.33 -4.89 34.45
N GLN B 11 15.00 22.08 5.07
CA GLN B 11 14.64 21.35 6.33
C GLN B 11 15.79 20.47 6.82
N GLN B 12 15.63 19.96 8.03
CA GLN B 12 16.66 19.19 8.71
C GLN B 12 16.14 17.78 8.92
N GLN B 13 16.98 16.92 9.50
CA GLN B 13 16.60 15.55 9.86
C GLN B 13 16.13 14.69 8.68
N GLN B 14 16.41 15.12 7.46
CA GLN B 14 15.91 14.41 6.29
C GLN B 14 14.38 14.32 6.37
N LEU B 15 13.72 15.45 6.62
CA LEU B 15 12.26 15.47 6.72
C LEU B 15 11.58 15.33 5.36
N PRO B 16 12.05 16.08 4.33
CA PRO B 16 11.46 15.80 3.02
C PRO B 16 11.48 14.29 2.74
N ALA B 17 12.58 13.62 3.03
CA ALA B 17 12.67 12.18 2.77
C ALA B 17 11.74 11.35 3.66
N ALA B 18 11.49 11.82 4.88
CA ALA B 18 10.53 11.16 5.77
C ALA B 18 9.08 11.23 5.25
N MET B 19 8.76 12.32 4.55
CA MET B 19 7.39 12.54 4.02
C MET B 19 7.09 11.84 2.68
N ALA B 20 8.06 11.07 2.18
CA ALA B 20 7.91 10.34 0.92
C ALA B 20 6.86 9.24 0.98
N ASP B 21 6.18 9.02 -0.15
CA ASP B 21 5.10 8.04 -0.24
C ASP B 21 5.59 6.62 -0.59
N THR B 22 6.83 6.50 -1.09
CA THR B 22 7.40 5.19 -1.40
C THR B 22 8.83 5.14 -0.91
N PHE B 23 9.39 3.94 -0.83
CA PHE B 23 10.78 3.80 -0.40
C PHE B 23 11.72 4.40 -1.43
N LEU B 24 11.43 4.16 -2.70
CA LEU B 24 12.17 4.78 -3.79
C LEU B 24 12.18 6.31 -3.66
N GLU B 25 11.00 6.93 -3.59
CA GLU B 25 10.90 8.38 -3.49
C GLU B 25 11.70 8.85 -2.30
N HIS B 26 11.64 8.05 -1.23
CA HIS B 26 12.39 8.34 -0.02
C HIS B 26 13.85 8.46 -0.41
N LEU B 27 14.45 7.35 -0.86
CA LEU B 27 15.84 7.35 -1.31
C LEU B 27 16.15 8.56 -2.16
N CYS B 28 15.28 8.85 -3.12
CA CYS B 28 15.47 9.94 -4.05
C CYS B 28 15.55 11.32 -3.41
N LEU B 29 15.16 11.41 -2.14
CA LEU B 29 15.07 12.70 -1.45
C LEU B 29 16.08 12.90 -0.30
N LEU B 30 16.88 11.88 -0.03
CA LEU B 30 17.97 11.99 0.90
C LEU B 30 18.82 13.22 0.49
N ASP B 31 19.16 14.06 1.46
CA ASP B 31 19.83 15.33 1.19
C ASP B 31 21.10 15.47 2.04
N ILE B 32 22.25 15.54 1.40
CA ILE B 32 23.51 15.67 2.12
C ILE B 32 23.63 16.99 2.91
N ASP B 33 22.88 18.01 2.50
CA ASP B 33 22.82 19.27 3.25
C ASP B 33 21.74 19.34 4.35
N SER B 34 21.11 18.21 4.66
CA SER B 34 20.12 18.23 5.71
C SER B 34 20.85 17.75 6.95
N GLU B 35 21.22 18.70 7.82
CA GLU B 35 21.98 18.32 9.01
C GLU B 35 21.18 17.49 10.01
N PRO B 36 21.79 16.42 10.53
CA PRO B 36 21.04 15.64 11.50
C PRO B 36 20.85 16.56 12.67
N VAL B 37 19.89 16.27 13.52
CA VAL B 37 19.53 17.20 14.58
C VAL B 37 18.82 16.33 15.59
N ALA B 38 19.61 15.66 16.39
CA ALA B 38 19.07 14.69 17.32
C ALA B 38 20.29 13.99 17.90
N ALA B 39 20.13 13.52 19.13
CA ALA B 39 21.11 12.68 19.76
C ALA B 39 21.16 11.42 18.92
N ARG B 40 22.33 10.80 18.81
CA ARG B 40 22.36 9.60 17.99
C ARG B 40 21.83 8.47 18.82
N SER B 41 21.00 7.64 18.21
CA SER B 41 20.33 6.63 18.96
C SER B 41 21.03 5.26 18.97
N THR B 42 21.89 5.00 17.99
CA THR B 42 22.65 3.74 17.97
C THR B 42 23.81 3.75 18.95
N SER B 43 23.75 2.87 19.93
CA SER B 43 24.81 2.83 20.95
C SER B 43 26.08 2.20 20.38
N ILE B 44 27.22 2.68 20.86
CA ILE B 44 28.49 2.25 20.37
C ILE B 44 29.14 1.42 21.43
N ILE B 45 29.57 0.22 21.06
CA ILE B 45 30.28 -0.69 21.94
C ILE B 45 31.74 -0.63 21.57
N ALA B 46 32.62 -0.36 22.53
CA ALA B 46 34.05 -0.25 22.23
C ALA B 46 34.82 -1.32 23.01
N THR B 47 35.68 -2.04 22.31
CA THR B 47 36.48 -3.04 22.97
C THR B 47 37.69 -2.38 23.61
N ILE B 48 37.92 -2.69 24.89
CA ILE B 48 39.05 -2.18 25.67
C ILE B 48 40.33 -3.00 25.40
N GLY B 49 41.42 -2.28 25.16
CA GLY B 49 42.73 -2.91 25.02
C GLY B 49 43.85 -1.92 25.31
N PRO B 50 45.08 -2.24 24.90
CA PRO B 50 46.20 -1.36 25.25
C PRO B 50 45.95 0.08 24.80
N ALA B 51 45.26 0.27 23.68
CA ALA B 51 45.01 1.60 23.13
C ALA B 51 44.01 2.40 23.92
N SER B 52 43.21 1.70 24.74
CA SER B 52 42.01 2.28 25.33
C SER B 52 41.76 1.92 26.80
N ARG B 53 42.80 1.93 27.61
CA ARG B 53 42.68 1.34 28.91
C ARG B 53 43.02 2.37 29.95
N SER B 54 43.78 3.37 29.53
CA SER B 54 44.15 4.44 30.41
C SER B 54 42.91 5.27 30.68
N VAL B 55 42.70 5.56 31.95
CA VAL B 55 41.66 6.50 32.38
C VAL B 55 41.52 7.73 31.48
N GLU B 56 42.62 8.41 31.14
CA GLU B 56 42.49 9.65 30.36
C GLU B 56 41.97 9.41 28.95
N ARG B 57 42.37 8.27 28.39
CA ARG B 57 41.89 7.86 27.10
C ARG B 57 40.40 7.58 27.24
N LEU B 58 40.03 6.74 28.21
CA LEU B 58 38.62 6.40 28.40
C LEU B 58 37.75 7.64 28.49
N LYS B 59 38.24 8.66 29.21
CA LYS B 59 37.51 9.93 29.29
C LYS B 59 37.21 10.49 27.90
N GLU B 60 38.24 10.52 27.04
CA GLU B 60 38.05 10.94 25.65
C GLU B 60 37.00 10.12 24.89
N MET B 61 37.02 8.81 25.10
CA MET B 61 36.13 7.94 24.38
C MET B 61 34.71 8.04 24.84
N ILE B 62 34.50 8.32 26.13
CA ILE B 62 33.16 8.60 26.62
C ILE B 62 32.70 9.88 25.95
N LYS B 63 33.47 10.96 26.08
CA LYS B 63 33.16 12.24 25.44
C LYS B 63 32.77 12.07 23.97
N ALA B 64 33.44 11.13 23.30
CA ALA B 64 33.24 10.95 21.87
C ALA B 64 32.03 10.10 21.52
N GLY B 65 31.49 9.36 22.48
CA GLY B 65 30.29 8.59 22.18
C GLY B 65 30.20 7.17 22.71
N MET B 66 31.28 6.61 23.25
CA MET B 66 31.23 5.23 23.75
C MET B 66 30.06 5.06 24.72
N ASN B 67 29.31 3.98 24.58
CA ASN B 67 28.25 3.69 25.53
C ASN B 67 28.45 2.38 26.24
N ILE B 68 29.22 1.48 25.67
CA ILE B 68 29.42 0.19 26.28
C ILE B 68 30.90 -0.13 26.18
N ALA B 69 31.51 -0.54 27.28
CA ALA B 69 32.86 -1.07 27.21
C ALA B 69 32.82 -2.58 27.10
N ARG B 70 33.54 -3.10 26.13
CA ARG B 70 33.57 -4.52 25.90
C ARG B 70 34.88 -5.13 26.38
N LEU B 71 34.79 -6.07 27.32
CA LEU B 71 35.99 -6.77 27.76
C LEU B 71 36.03 -8.12 27.09
N ASN B 72 37.11 -8.35 26.36
CA ASN B 72 37.22 -9.53 25.56
C ASN B 72 38.04 -10.52 26.31
N PHE B 73 37.36 -11.45 26.97
CA PHE B 73 38.00 -12.49 27.77
C PHE B 73 38.78 -13.56 27.02
N SER B 74 38.81 -13.44 25.69
CA SER B 74 39.68 -14.23 24.87
C SER B 74 41.16 -13.90 25.13
N HIS B 75 41.43 -12.76 25.76
CA HIS B 75 42.78 -12.29 26.05
C HIS B 75 42.83 -11.61 27.43
N GLY B 76 43.92 -11.84 28.16
CA GLY B 76 44.10 -11.14 29.43
C GLY B 76 43.61 -11.94 30.61
N SER B 77 44.24 -11.70 31.76
CA SER B 77 43.93 -12.41 32.96
C SER B 77 42.80 -11.71 33.72
N HIS B 78 42.42 -12.29 34.86
CA HIS B 78 41.37 -11.73 35.69
C HIS B 78 41.81 -10.40 36.27
N GLU B 79 43.07 -10.36 36.71
CA GLU B 79 43.65 -9.16 37.24
C GLU B 79 43.57 -8.07 36.19
N TYR B 80 43.85 -8.46 34.94
CA TYR B 80 43.93 -7.54 33.84
C TYR B 80 42.58 -6.91 33.58
N HIS B 81 41.52 -7.72 33.70
CA HIS B 81 40.17 -7.22 33.43
C HIS B 81 39.60 -6.42 34.59
N ALA B 82 40.07 -6.74 35.79
CA ALA B 82 39.73 -5.97 36.97
C ALA B 82 40.24 -4.53 36.82
N GLU B 83 41.50 -4.38 36.38
CA GLU B 83 42.07 -3.05 36.11
C GLU B 83 41.22 -2.28 35.12
N SER B 84 40.71 -3.00 34.11
CA SER B 84 39.91 -2.40 33.04
C SER B 84 38.61 -1.86 33.59
N ILE B 85 37.96 -2.70 34.38
CA ILE B 85 36.70 -2.32 34.99
C ILE B 85 36.97 -1.09 35.83
N ALA B 86 37.98 -1.20 36.70
CA ALA B 86 38.36 -0.09 37.58
C ALA B 86 38.56 1.20 36.80
N ASN B 87 39.24 1.13 35.67
CA ASN B 87 39.59 2.33 34.94
C ASN B 87 38.36 2.92 34.31
N VAL B 88 37.50 2.06 33.76
CA VAL B 88 36.27 2.51 33.15
C VAL B 88 35.47 3.28 34.19
N ARG B 89 35.20 2.60 35.30
CA ARG B 89 34.41 3.17 36.39
C ARG B 89 34.95 4.50 36.83
N GLU B 90 36.27 4.61 36.96
CA GLU B 90 36.88 5.90 37.28
C GLU B 90 36.60 6.96 36.20
N ALA B 91 36.87 6.62 34.93
CA ALA B 91 36.66 7.55 33.85
C ALA B 91 35.20 7.98 33.89
N VAL B 92 34.31 7.02 34.14
CA VAL B 92 32.89 7.33 34.06
C VAL B 92 32.49 8.26 35.20
N GLU B 93 32.92 7.93 36.42
CA GLU B 93 32.54 8.71 37.59
C GLU B 93 33.20 10.09 37.65
N SER B 94 34.12 10.37 36.74
CA SER B 94 34.80 11.67 36.73
C SER B 94 33.88 12.79 36.23
N PHE B 95 32.74 12.39 35.70
CA PHE B 95 31.75 13.32 35.19
C PHE B 95 30.57 13.44 36.15
N ALA B 96 30.70 12.89 37.35
CA ALA B 96 29.53 12.78 38.26
C ALA B 96 29.30 14.13 38.87
N GLY B 97 30.23 15.04 38.58
CA GLY B 97 30.14 16.44 38.97
C GLY B 97 28.80 17.09 38.62
N SER B 98 28.04 16.44 37.75
CA SER B 98 26.93 17.13 37.18
C SER B 98 25.88 16.13 36.69
N PRO B 99 24.92 15.80 37.57
CA PRO B 99 23.91 14.73 37.33
C PRO B 99 23.13 14.94 36.04
N LEU B 100 22.89 16.21 35.69
CA LEU B 100 22.15 16.58 34.46
C LEU B 100 22.89 16.23 33.17
N SER B 101 24.21 16.03 33.25
CA SER B 101 25.03 15.73 32.07
C SER B 101 25.69 14.32 32.08
N TYR B 102 25.80 13.73 33.28
CA TYR B 102 26.37 12.39 33.50
C TYR B 102 25.96 11.31 32.48
N ARG B 103 26.94 10.66 31.83
CA ARG B 103 26.67 9.58 30.87
C ARG B 103 27.02 8.20 31.40
N PRO B 104 26.01 7.37 31.68
CA PRO B 104 26.29 6.03 32.17
C PRO B 104 27.04 5.21 31.13
N VAL B 105 27.95 4.37 31.55
CA VAL B 105 28.61 3.47 30.58
C VAL B 105 28.45 2.00 30.97
N ALA B 106 27.88 1.18 30.10
CA ALA B 106 27.71 -0.21 30.46
C ALA B 106 29.05 -0.91 30.41
N ILE B 107 29.13 -2.11 30.98
CA ILE B 107 30.32 -2.93 30.85
C ILE B 107 29.92 -4.33 30.45
N ALA B 108 30.43 -4.78 29.31
CA ALA B 108 30.05 -6.07 28.78
C ALA B 108 31.21 -7.02 28.81
N LEU B 109 31.00 -8.16 29.46
CA LEU B 109 31.99 -9.25 29.49
C LEU B 109 31.85 -10.14 28.28
N ASP B 110 32.86 -10.18 27.42
CA ASP B 110 32.76 -11.02 26.20
C ASP B 110 33.50 -12.34 26.37
N THR B 111 32.74 -13.42 26.28
CA THR B 111 33.24 -14.73 26.65
C THR B 111 34.25 -15.28 25.66
N LYS B 112 35.25 -16.02 26.15
CA LYS B 112 36.15 -16.73 25.24
C LYS B 112 35.41 -17.81 24.47
N GLY B 113 34.88 -18.82 25.18
CA GLY B 113 34.14 -19.90 24.54
C GLY B 113 35.05 -20.88 23.80
N PRO B 114 34.46 -21.73 22.94
CA PRO B 114 35.22 -22.83 22.32
C PRO B 114 36.12 -22.39 21.19
N GLU B 115 37.00 -21.43 21.44
CA GLU B 115 37.98 -21.01 20.44
C GLU B 115 39.02 -22.08 20.19
N ILE B 116 39.79 -21.85 19.12
CA ILE B 116 41.00 -22.59 18.87
C ILE B 116 42.02 -21.56 18.40
N ARG B 117 43.23 -21.63 18.95
CA ARG B 117 44.32 -20.75 18.53
C ARG B 117 45.58 -21.54 18.28
N THR B 118 46.47 -20.99 17.43
CA THR B 118 47.78 -21.58 17.15
C THR B 118 48.73 -21.33 18.32
N GLY B 119 49.90 -21.96 18.27
CA GLY B 119 50.96 -21.80 19.29
C GLY B 119 51.78 -20.55 19.06
N ILE B 120 52.77 -20.32 19.92
CA ILE B 120 53.59 -19.10 19.88
C ILE B 120 54.65 -19.15 18.78
N VAL B 129 57.02 -16.41 10.34
CA VAL B 129 56.89 -17.67 9.61
C VAL B 129 55.88 -17.55 8.45
N GLU B 130 56.27 -18.04 7.27
CA GLU B 130 55.43 -17.93 6.09
C GLU B 130 55.09 -19.30 5.54
N LEU B 131 53.80 -19.63 5.58
CA LEU B 131 53.33 -20.94 5.13
C LEU B 131 53.21 -20.93 3.59
N VAL B 132 54.24 -21.45 2.93
CA VAL B 132 54.29 -21.47 1.46
C VAL B 132 53.11 -22.23 0.85
N LYS B 133 52.56 -21.66 -0.22
CA LYS B 133 51.54 -22.32 -1.05
C LYS B 133 52.11 -23.58 -1.73
N GLY B 134 51.48 -24.72 -1.44
CA GLY B 134 51.88 -26.00 -2.00
C GLY B 134 52.44 -26.95 -0.94
N SER B 135 53.25 -26.40 -0.03
CA SER B 135 54.04 -27.20 0.91
C SER B 135 53.22 -28.01 1.92
N GLN B 136 53.90 -28.99 2.54
CA GLN B 136 53.37 -29.75 3.67
C GLN B 136 53.36 -28.95 4.97
N VAL B 137 52.32 -29.15 5.76
CA VAL B 137 52.25 -28.63 7.12
C VAL B 137 51.49 -29.63 8.00
N LEU B 138 52.16 -30.11 9.05
CA LEU B 138 51.52 -30.97 10.04
C LEU B 138 50.80 -30.13 11.10
N VAL B 139 49.70 -30.67 11.61
CA VAL B 139 49.04 -30.07 12.76
C VAL B 139 49.07 -31.04 13.96
N THR B 140 49.42 -30.51 15.13
CA THR B 140 49.40 -31.28 16.39
C THR B 140 48.67 -30.50 17.48
N ALA B 151 56.79 -23.20 10.40
CA ALA B 151 56.89 -23.15 8.94
C ALA B 151 56.25 -24.38 8.28
N ASN B 152 56.61 -25.55 8.80
CA ASN B 152 56.03 -26.82 8.36
C ASN B 152 55.35 -27.47 9.56
N THR B 153 55.19 -26.68 10.61
CA THR B 153 54.63 -27.18 11.87
C THR B 153 53.85 -26.08 12.61
N VAL B 154 52.52 -26.10 12.47
CA VAL B 154 51.63 -25.30 13.32
C VAL B 154 51.08 -26.14 14.49
N TRP B 155 51.01 -25.52 15.66
CA TRP B 155 50.47 -26.20 16.84
C TRP B 155 49.12 -25.57 17.14
N VAL B 156 48.18 -26.39 17.59
CA VAL B 156 46.81 -25.92 17.85
C VAL B 156 46.33 -26.35 19.27
N ASP B 157 45.50 -25.53 19.91
CA ASP B 157 45.15 -25.78 21.33
C ASP B 157 43.93 -26.71 21.56
N TYR B 158 43.45 -27.28 20.44
CA TYR B 158 42.25 -28.12 20.45
C TYR B 158 42.63 -29.58 20.11
N PRO B 159 42.90 -30.39 21.15
CA PRO B 159 43.44 -31.75 21.04
C PRO B 159 42.62 -32.67 20.12
N ASN B 160 41.30 -32.43 20.11
CA ASN B 160 40.37 -33.17 19.27
C ASN B 160 40.41 -32.83 17.79
N ILE B 161 41.20 -31.82 17.40
CA ILE B 161 41.35 -31.49 15.98
C ILE B 161 41.61 -32.76 15.12
N VAL B 162 42.60 -33.55 15.51
CA VAL B 162 42.90 -34.83 14.86
C VAL B 162 41.66 -35.74 14.71
N ARG B 163 40.68 -35.55 15.60
CA ARG B 163 39.48 -36.38 15.69
C ARG B 163 38.26 -35.90 14.88
N VAL B 164 38.22 -34.62 14.48
CA VAL B 164 37.04 -34.08 13.78
C VAL B 164 37.26 -33.53 12.36
N VAL B 165 38.52 -33.50 11.91
CA VAL B 165 38.81 -33.10 10.52
C VAL B 165 39.23 -34.35 9.71
N PRO B 166 38.33 -34.86 8.83
CA PRO B 166 38.62 -36.05 8.01
C PRO B 166 39.43 -35.74 6.74
N VAL B 167 40.07 -36.75 6.17
CA VAL B 167 40.79 -36.65 4.88
C VAL B 167 40.04 -35.72 3.93
N GLY B 168 40.69 -34.64 3.51
CA GLY B 168 40.05 -33.62 2.68
C GLY B 168 39.24 -32.59 3.45
N GLY B 169 39.61 -32.36 4.72
CA GLY B 169 38.98 -31.34 5.54
C GLY B 169 39.73 -30.04 5.47
N ARG B 170 39.09 -28.95 5.88
CA ARG B 170 39.69 -27.62 5.76
C ARG B 170 39.90 -26.93 7.11
N ILE B 171 41.10 -26.35 7.26
CA ILE B 171 41.48 -25.63 8.47
C ILE B 171 41.94 -24.22 8.10
N TYR B 172 41.15 -23.25 8.55
CA TYR B 172 41.45 -21.85 8.35
C TYR B 172 42.27 -21.34 9.51
N ILE B 173 43.15 -20.39 9.24
CA ILE B 173 43.99 -19.80 10.28
C ILE B 173 44.13 -18.31 10.06
N ASP B 174 43.87 -17.56 11.13
CA ASP B 174 44.00 -16.10 11.16
C ASP B 174 42.96 -15.47 10.24
N ASP B 175 41.81 -15.09 10.79
CA ASP B 175 40.79 -14.33 10.06
C ASP B 175 40.53 -14.93 8.66
N GLY B 176 40.66 -16.27 8.60
CA GLY B 176 40.49 -17.07 7.38
C GLY B 176 41.47 -16.76 6.25
N LEU B 177 42.63 -16.25 6.61
CA LEU B 177 43.60 -15.79 5.61
C LEU B 177 44.44 -16.94 5.10
N ILE B 178 44.64 -17.95 5.94
CA ILE B 178 45.33 -19.19 5.58
C ILE B 178 44.32 -20.34 5.45
N SER B 179 44.62 -21.28 4.55
CA SER B 179 43.78 -22.44 4.30
C SER B 179 44.59 -23.74 4.19
N LEU B 180 44.23 -24.74 5.01
CA LEU B 180 44.95 -26.01 5.02
C LEU B 180 44.06 -27.20 4.72
N VAL B 181 44.45 -28.02 3.74
CA VAL B 181 43.65 -29.17 3.29
C VAL B 181 44.33 -30.49 3.66
N VAL B 182 43.62 -31.32 4.43
CA VAL B 182 44.18 -32.55 5.01
C VAL B 182 44.51 -33.62 3.95
N VAL B 191 48.01 -34.89 8.30
CA VAL B 191 48.82 -34.24 7.28
C VAL B 191 47.94 -33.32 6.44
N THR B 192 48.35 -32.04 6.36
CA THR B 192 47.66 -31.08 5.50
C THR B 192 48.50 -30.64 4.30
N GLN B 193 47.86 -29.85 3.45
CA GLN B 193 48.53 -29.11 2.39
C GLN B 193 47.96 -27.71 2.41
N VAL B 194 48.86 -26.73 2.30
CA VAL B 194 48.49 -25.32 2.27
C VAL B 194 47.81 -24.99 0.93
N GLU B 195 46.55 -24.54 1.01
CA GLU B 195 45.76 -24.15 -0.17
C GLU B 195 45.93 -22.66 -0.43
N ASN B 196 45.90 -21.89 0.66
CA ASN B 196 46.21 -20.48 0.65
C ASN B 196 47.40 -20.25 1.55
N GLY B 197 48.48 -19.70 0.99
CA GLY B 197 49.62 -19.28 1.77
C GLY B 197 49.39 -17.96 2.51
N GLY B 198 50.36 -17.57 3.32
CA GLY B 198 50.30 -16.30 4.07
C GLY B 198 51.35 -16.23 5.18
N VAL B 199 51.48 -15.05 5.78
CA VAL B 199 52.45 -14.82 6.84
C VAL B 199 51.80 -15.12 8.20
N LEU B 200 52.28 -16.15 8.88
CA LEU B 200 51.72 -16.61 10.15
C LEU B 200 52.35 -15.95 11.38
N GLY B 201 51.51 -15.50 12.31
CA GLY B 201 51.97 -14.95 13.59
C GLY B 201 51.78 -15.92 14.76
N SER B 202 51.63 -15.35 15.95
CA SER B 202 51.50 -16.14 17.17
C SER B 202 50.05 -16.22 17.66
N ARG B 203 49.69 -17.41 18.14
CA ARG B 203 48.38 -17.68 18.78
C ARG B 203 47.20 -17.12 18.00
N LYS B 204 46.87 -17.75 16.87
CA LYS B 204 45.86 -17.17 16.01
C LYS B 204 44.66 -18.08 15.72
N GLY B 205 43.48 -17.45 15.65
CA GLY B 205 42.19 -18.11 15.50
C GLY B 205 42.11 -19.14 14.40
N VAL B 206 41.76 -20.36 14.78
CA VAL B 206 41.61 -21.47 13.84
C VAL B 206 40.13 -21.80 13.65
N ASN B 207 39.73 -21.95 12.38
CA ASN B 207 38.34 -22.23 12.04
C ASN B 207 38.12 -23.56 11.30
N LEU B 208 37.11 -24.32 11.71
CA LEU B 208 36.80 -25.62 11.12
C LEU B 208 35.31 -25.73 10.77
N PRO B 209 34.90 -25.19 9.62
CA PRO B 209 33.53 -25.40 9.15
C PRO B 209 33.39 -26.81 8.58
N GLY B 210 32.15 -27.23 8.34
CA GLY B 210 31.88 -28.61 7.89
C GLY B 210 32.14 -29.63 8.99
N ALA B 211 33.02 -29.29 9.93
CA ALA B 211 33.30 -30.12 11.08
C ALA B 211 32.36 -29.75 12.22
N GLN B 212 31.88 -30.75 12.95
CA GLN B 212 31.06 -30.54 14.14
C GLN B 212 31.95 -30.39 15.38
N VAL B 213 32.11 -29.17 15.87
CA VAL B 213 33.05 -28.90 16.96
C VAL B 213 32.49 -29.26 18.34
N ASP B 214 32.79 -30.49 18.78
CA ASP B 214 32.26 -31.04 20.05
C ASP B 214 32.86 -30.42 21.32
N LEU B 215 33.65 -29.35 21.14
CA LEU B 215 34.09 -28.53 22.26
C LEU B 215 32.85 -27.87 22.89
N PRO B 216 32.82 -27.81 24.24
CA PRO B 216 31.64 -27.26 24.92
C PRO B 216 31.53 -25.76 24.73
N GLY B 217 30.29 -25.26 24.85
CA GLY B 217 30.02 -23.84 24.71
C GLY B 217 30.54 -23.15 25.95
N LEU B 218 30.63 -23.92 27.04
CA LEU B 218 31.07 -23.40 28.32
C LEU B 218 32.10 -24.32 28.94
N SER B 219 33.35 -23.86 28.93
CA SER B 219 34.48 -24.61 29.48
C SER B 219 34.67 -24.25 30.95
N GLU B 220 35.60 -24.94 31.60
CA GLU B 220 35.90 -24.59 32.98
C GLU B 220 36.26 -23.09 33.06
N GLN B 221 37.11 -22.61 32.16
CA GLN B 221 37.45 -21.19 32.20
C GLN B 221 36.24 -20.25 32.04
N ASP B 222 35.44 -20.43 31.00
CA ASP B 222 34.25 -19.58 30.82
C ASP B 222 33.49 -19.44 32.17
N VAL B 223 33.10 -20.56 32.76
CA VAL B 223 32.41 -20.56 34.04
C VAL B 223 33.13 -19.67 35.05
N ARG B 224 34.45 -19.86 35.19
CA ARG B 224 35.25 -18.97 36.04
C ARG B 224 35.07 -17.50 35.61
N ASP B 225 35.24 -17.27 34.32
CA ASP B 225 35.15 -15.91 33.79
C ASP B 225 33.79 -15.32 34.10
N LEU B 226 32.74 -16.12 33.96
CA LEU B 226 31.41 -15.62 34.22
C LEU B 226 31.28 -15.26 35.71
N ARG B 227 31.65 -16.17 36.60
CA ARG B 227 31.60 -15.90 38.04
C ARG B 227 32.33 -14.59 38.35
N PHE B 228 33.44 -14.37 37.64
CA PHE B 228 34.21 -13.12 37.77
C PHE B 228 33.30 -11.95 37.45
N GLY B 229 32.60 -12.05 36.32
CA GLY B 229 31.70 -10.98 35.85
C GLY B 229 30.66 -10.64 36.90
N VAL B 230 30.15 -11.65 37.58
CA VAL B 230 29.17 -11.43 38.63
C VAL B 230 29.82 -10.59 39.73
N GLU B 231 30.92 -11.08 40.28
CA GLU B 231 31.60 -10.43 41.39
C GLU B 231 31.94 -8.97 41.11
N HIS B 232 32.24 -8.64 39.86
CA HIS B 232 32.64 -7.26 39.55
C HIS B 232 31.51 -6.48 38.91
N GLY B 233 30.30 -7.06 38.95
CA GLY B 233 29.08 -6.38 38.55
C GLY B 233 29.07 -5.95 37.11
N VAL B 234 29.60 -6.80 36.23
CA VAL B 234 29.42 -6.52 34.81
C VAL B 234 27.92 -6.45 34.53
N ASP B 235 27.54 -5.82 33.44
CA ASP B 235 26.15 -5.54 33.11
C ASP B 235 25.57 -6.47 32.06
N ILE B 236 26.46 -7.03 31.24
CA ILE B 236 26.05 -7.72 30.03
C ILE B 236 27.07 -8.79 29.70
N VAL B 237 26.58 -9.94 29.27
CA VAL B 237 27.43 -10.99 28.76
C VAL B 237 27.26 -11.16 27.24
N PHE B 238 28.31 -10.90 26.48
CA PHE B 238 28.31 -11.29 25.08
C PHE B 238 28.77 -12.76 25.07
N ALA B 239 27.84 -13.68 24.89
CA ALA B 239 28.17 -15.10 24.97
C ALA B 239 28.63 -15.65 23.63
N SER B 240 29.89 -16.06 23.56
CA SER B 240 30.48 -16.55 22.33
C SER B 240 29.98 -17.94 21.93
N PHE B 241 30.05 -18.19 20.63
CA PHE B 241 29.67 -19.44 19.97
C PHE B 241 28.35 -20.11 20.36
N VAL B 242 27.31 -19.30 20.50
CA VAL B 242 26.00 -19.79 20.90
C VAL B 242 25.35 -20.56 19.76
N ARG B 243 25.14 -21.85 19.93
CA ARG B 243 24.61 -22.72 18.86
C ARG B 243 23.18 -23.22 19.06
N LYS B 244 22.68 -23.18 20.30
CA LYS B 244 21.36 -23.72 20.64
C LYS B 244 20.90 -23.14 21.97
N ALA B 245 19.60 -23.11 22.21
CA ALA B 245 19.03 -22.63 23.47
C ALA B 245 19.75 -23.07 24.75
N SER B 246 20.11 -24.35 24.84
CA SER B 246 20.79 -24.88 26.04
C SER B 246 22.10 -24.17 26.32
N ASP B 247 22.69 -23.58 25.29
CA ASP B 247 23.95 -22.84 25.45
C ASP B 247 23.77 -21.64 26.35
N VAL B 248 22.67 -20.91 26.17
CA VAL B 248 22.39 -19.75 27.02
C VAL B 248 21.88 -20.19 28.40
N ALA B 249 21.15 -21.30 28.45
CA ALA B 249 20.78 -21.89 29.74
C ALA B 249 22.03 -22.14 30.55
N ALA B 250 23.05 -22.71 29.91
CA ALA B 250 24.32 -22.95 30.58
C ALA B 250 24.94 -21.63 31.08
N VAL B 251 25.00 -20.61 30.22
CA VAL B 251 25.48 -19.26 30.63
C VAL B 251 24.69 -18.77 31.84
N ARG B 252 23.36 -18.94 31.79
CA ARG B 252 22.51 -18.51 32.89
C ARG B 252 22.87 -19.22 34.18
N ALA B 253 23.04 -20.54 34.13
CA ALA B 253 23.42 -21.36 35.31
C ALA B 253 24.74 -20.87 35.93
N ALA B 254 25.73 -20.64 35.07
CA ALA B 254 27.05 -20.23 35.49
C ALA B 254 27.02 -18.84 36.11
N LEU B 255 26.25 -17.94 35.50
CA LEU B 255 26.05 -16.58 36.02
C LEU B 255 25.55 -16.61 37.46
N GLY B 256 24.89 -17.71 37.81
CA GLY B 256 24.42 -17.92 39.18
C GLY B 256 23.34 -16.95 39.59
N PRO B 257 22.83 -17.11 40.82
CA PRO B 257 21.70 -16.34 41.30
C PRO B 257 22.07 -14.89 41.57
N GLU B 258 23.32 -14.63 41.96
CA GLU B 258 23.77 -13.26 42.18
C GLU B 258 23.69 -12.43 40.89
N GLY B 259 23.21 -13.03 39.79
CA GLY B 259 23.24 -12.37 38.48
C GLY B 259 22.09 -12.59 37.49
N HIS B 260 20.87 -12.56 37.97
CA HIS B 260 19.71 -12.57 37.07
C HIS B 260 19.57 -11.28 36.35
N GLY B 261 20.02 -10.19 36.98
CA GLY B 261 19.87 -8.84 36.41
C GLY B 261 20.58 -8.69 35.07
N ILE B 262 21.69 -9.42 34.95
CA ILE B 262 22.64 -9.35 33.84
C ILE B 262 21.97 -9.74 32.53
N LYS B 263 22.04 -8.85 31.53
CA LYS B 263 21.50 -9.15 30.20
C LYS B 263 22.45 -10.05 29.45
N ILE B 264 21.89 -11.01 28.74
CA ILE B 264 22.66 -12.02 28.04
C ILE B 264 22.47 -11.80 26.56
N ILE B 265 23.58 -11.54 25.85
CA ILE B 265 23.52 -11.31 24.42
C ILE B 265 24.19 -12.50 23.72
N SER B 266 23.42 -13.33 23.03
CA SER B 266 24.04 -14.46 22.32
C SER B 266 24.73 -14.00 21.02
N LYS B 267 26.00 -14.38 20.89
CA LYS B 267 26.75 -14.10 19.68
C LYS B 267 26.54 -15.24 18.75
N ILE B 268 26.16 -14.89 17.51
CA ILE B 268 25.90 -15.86 16.45
C ILE B 268 27.13 -15.90 15.53
N GLU B 269 27.88 -16.99 15.61
CA GLU B 269 29.18 -17.06 14.99
C GLU B 269 29.33 -18.22 14.00
N ASN B 270 28.28 -19.00 13.79
CA ASN B 270 28.40 -20.12 12.85
C ASN B 270 27.09 -20.60 12.26
N HIS B 271 27.21 -21.58 11.37
CA HIS B 271 26.08 -22.01 10.60
C HIS B 271 24.98 -22.53 11.52
N GLU B 272 25.31 -23.44 12.42
CA GLU B 272 24.29 -24.01 13.27
C GLU B 272 23.57 -22.90 14.01
N GLY B 273 24.32 -21.98 14.56
CA GLY B 273 23.78 -20.80 15.23
C GLY B 273 22.82 -20.02 14.34
N VAL B 274 23.19 -19.85 13.07
CA VAL B 274 22.30 -19.19 12.17
C VAL B 274 21.03 -20.00 11.99
N LYS B 275 21.19 -21.31 11.82
CA LYS B 275 20.04 -22.17 11.62
C LYS B 275 19.08 -22.28 12.80
N ARG B 276 19.58 -22.18 14.03
CA ARG B 276 18.72 -22.36 15.20
C ARG B 276 18.43 -21.05 15.88
N PHE B 277 18.59 -20.00 15.10
CA PHE B 277 18.44 -18.64 15.55
C PHE B 277 17.14 -18.38 16.28
N ASP B 278 16.01 -18.81 15.72
CA ASP B 278 14.74 -18.55 16.37
C ASP B 278 14.76 -19.04 17.83
N GLU B 279 15.28 -20.25 18.04
CA GLU B 279 15.23 -20.83 19.37
C GLU B 279 16.15 -20.03 20.26
N ILE B 280 17.28 -19.63 19.71
CA ILE B 280 18.26 -18.86 20.46
C ILE B 280 17.69 -17.51 20.88
N LEU B 281 17.00 -16.83 19.97
CA LEU B 281 16.48 -15.50 20.26
C LEU B 281 15.45 -15.52 21.39
N GLU B 282 14.52 -16.47 21.30
CA GLU B 282 13.45 -16.59 22.29
C GLU B 282 13.97 -16.63 23.73
N VAL B 283 15.20 -17.10 23.88
CA VAL B 283 15.75 -17.43 25.17
C VAL B 283 16.82 -16.41 25.61
N SER B 284 17.24 -15.57 24.67
CA SER B 284 18.24 -14.55 24.94
C SER B 284 17.62 -13.17 25.11
N ASP B 285 18.38 -12.26 25.71
CA ASP B 285 17.92 -10.88 25.83
C ASP B 285 18.16 -10.11 24.55
N GLY B 286 19.12 -10.59 23.75
CA GLY B 286 19.43 -9.99 22.47
C GLY B 286 20.44 -10.80 21.69
N ILE B 287 20.93 -10.23 20.60
CA ILE B 287 21.77 -10.94 19.66
C ILE B 287 22.97 -10.07 19.24
N MET B 288 24.10 -10.73 18.97
CA MET B 288 25.26 -10.15 18.29
C MET B 288 25.54 -10.86 16.98
N VAL B 289 25.52 -10.09 15.89
CA VAL B 289 25.87 -10.63 14.59
C VAL B 289 27.38 -10.66 14.55
N ALA B 290 27.92 -11.82 14.91
CA ALA B 290 29.35 -11.95 15.09
C ALA B 290 30.02 -12.20 13.76
N ARG B 291 30.15 -11.14 12.95
CA ARG B 291 30.60 -11.29 11.58
C ARG B 291 31.95 -11.96 11.39
N GLY B 292 32.93 -11.64 12.26
CA GLY B 292 34.27 -12.22 12.20
C GLY B 292 34.26 -13.74 11.98
N ASP B 293 33.86 -14.49 13.00
CA ASP B 293 33.77 -15.93 12.88
C ASP B 293 32.76 -16.32 11.82
N LEU B 294 31.57 -15.73 11.88
CA LEU B 294 30.54 -16.05 10.91
C LEU B 294 31.10 -16.02 9.50
N GLY B 295 31.95 -15.02 9.25
CA GLY B 295 32.51 -14.77 7.91
C GLY B 295 33.54 -15.82 7.55
N ILE B 296 33.80 -16.75 8.45
CA ILE B 296 34.79 -17.77 8.16
C ILE B 296 34.10 -19.12 8.14
N GLU B 297 33.03 -19.23 8.93
CA GLU B 297 32.29 -20.47 9.11
C GLU B 297 31.35 -20.69 7.95
N ILE B 298 30.78 -19.61 7.44
CA ILE B 298 29.97 -19.64 6.23
C ILE B 298 30.69 -18.78 5.19
N PRO B 299 30.39 -18.98 3.88
CA PRO B 299 31.03 -18.17 2.84
C PRO B 299 30.88 -16.68 3.10
N ALA B 300 31.98 -15.94 2.90
CA ALA B 300 31.97 -14.48 3.04
C ALA B 300 30.83 -13.81 2.24
N GLU B 301 30.51 -14.29 1.05
CA GLU B 301 29.36 -13.78 0.29
C GLU B 301 28.04 -13.81 1.05
N LYS B 302 27.96 -14.54 2.13
CA LYS B 302 26.63 -14.85 2.66
C LYS B 302 26.32 -14.11 3.95
N VAL B 303 27.37 -13.65 4.63
CA VAL B 303 27.16 -12.94 5.88
C VAL B 303 26.07 -11.87 5.78
N PHE B 304 26.11 -11.01 4.76
CA PHE B 304 25.16 -9.91 4.72
C PHE B 304 23.72 -10.44 4.82
N LEU B 305 23.48 -11.63 4.26
CA LEU B 305 22.18 -12.27 4.41
C LEU B 305 21.90 -12.66 5.87
N ALA B 306 22.86 -13.25 6.56
CA ALA B 306 22.61 -13.62 7.94
C ALA B 306 22.38 -12.35 8.72
N GLN B 307 23.23 -11.35 8.50
CA GLN B 307 23.11 -10.08 9.21
C GLN B 307 21.71 -9.51 9.04
N LYS B 308 21.26 -9.34 7.81
CA LYS B 308 20.00 -8.62 7.59
C LYS B 308 18.82 -9.43 8.11
N MET B 309 18.93 -10.76 8.05
CA MET B 309 17.90 -11.65 8.56
C MET B 309 17.77 -11.53 10.07
N MET B 310 18.91 -11.61 10.77
CA MET B 310 18.89 -11.55 12.22
C MET B 310 18.40 -10.20 12.73
N ILE B 311 18.99 -9.11 12.22
CA ILE B 311 18.53 -7.77 12.56
C ILE B 311 17.02 -7.60 12.30
N GLY B 312 16.53 -8.20 11.22
CA GLY B 312 15.12 -8.10 10.91
C GLY B 312 14.33 -8.81 11.99
N ARG B 313 14.66 -10.09 12.20
CA ARG B 313 14.01 -10.89 13.23
C ARG B 313 14.05 -10.22 14.61
N CYS B 314 15.21 -9.70 15.03
CA CYS B 314 15.30 -9.02 16.31
C CYS B 314 14.34 -7.85 16.33
N ASN B 315 14.40 -7.01 15.30
CA ASN B 315 13.48 -5.87 15.23
C ASN B 315 12.05 -6.34 15.49
N LEU B 316 11.68 -7.46 14.89
CA LEU B 316 10.37 -8.10 15.09
C LEU B 316 10.13 -8.56 16.52
N ALA B 317 11.12 -9.22 17.12
CA ALA B 317 10.97 -9.74 18.48
C ALA B 317 11.02 -8.63 19.53
N GLY B 318 11.56 -7.47 19.15
CA GLY B 318 11.71 -6.35 20.07
C GLY B 318 12.92 -6.49 20.97
N LYS B 319 13.92 -7.24 20.52
CA LYS B 319 15.13 -7.47 21.28
C LYS B 319 16.33 -6.71 20.70
N PRO B 320 17.30 -6.31 21.55
CA PRO B 320 18.44 -5.59 21.04
C PRO B 320 19.22 -6.46 20.08
N VAL B 321 19.75 -5.88 19.00
CA VAL B 321 20.69 -6.61 18.14
C VAL B 321 21.94 -5.79 17.85
N VAL B 322 23.08 -6.46 17.93
CA VAL B 322 24.38 -5.85 17.77
C VAL B 322 25.03 -6.24 16.44
N CYS B 323 25.53 -5.26 15.70
CA CYS B 323 26.36 -5.50 14.52
C CYS B 323 27.84 -5.35 14.85
N ALA B 324 28.64 -6.34 14.47
CA ALA B 324 30.02 -6.39 14.95
C ALA B 324 31.10 -6.79 13.92
N THR B 325 32.31 -6.29 14.20
CA THR B 325 33.53 -6.74 13.59
C THR B 325 33.88 -6.07 12.27
N GLN B 326 35.02 -5.41 12.26
CA GLN B 326 35.62 -4.84 11.05
C GLN B 326 34.81 -3.68 10.48
N MET B 327 33.96 -3.06 11.29
CA MET B 327 33.12 -2.01 10.70
C MET B 327 33.98 -0.81 10.28
N LEU B 328 35.20 -0.72 10.78
CA LEU B 328 36.11 0.38 10.49
C LEU B 328 37.59 -0.04 10.60
N GLU B 329 37.94 -1.28 10.16
CA GLU B 329 39.30 -1.87 10.30
C GLU B 329 40.43 -1.00 9.87
N SER B 330 40.30 -0.35 8.71
CA SER B 330 41.40 0.49 8.21
C SER B 330 41.81 1.51 9.27
N MET B 331 40.87 1.92 10.10
CA MET B 331 41.18 2.87 11.17
C MET B 331 42.14 2.36 12.20
N ILE B 332 42.23 1.03 12.38
CA ILE B 332 43.28 0.48 13.23
C ILE B 332 44.62 1.13 12.85
N THR B 333 44.71 1.62 11.62
CA THR B 333 46.00 1.99 11.08
C THR B 333 46.03 3.35 10.43
N LYS B 334 44.84 3.86 10.11
CA LYS B 334 44.69 5.09 9.31
C LYS B 334 43.66 6.01 9.92
N PRO B 335 43.85 7.33 9.74
CA PRO B 335 43.01 8.29 10.45
C PRO B 335 41.65 8.44 9.84
N ARG B 336 41.44 7.83 8.66
CA ARG B 336 40.19 7.95 7.93
C ARG B 336 39.74 6.60 7.47
N PRO B 337 38.41 6.37 7.45
CA PRO B 337 37.90 5.06 7.05
C PRO B 337 37.84 4.94 5.54
N THR B 338 37.70 3.71 5.07
CA THR B 338 37.54 3.49 3.65
C THR B 338 36.09 3.74 3.33
N ARG B 339 35.77 3.81 2.04
CA ARG B 339 34.41 4.14 1.68
C ARG B 339 33.47 2.99 2.02
N ALA B 340 34.00 1.79 2.15
CA ALA B 340 33.13 0.65 2.39
C ALA B 340 32.76 0.62 3.87
N GLU B 341 33.64 1.16 4.69
CA GLU B 341 33.47 1.07 6.11
C GLU B 341 32.36 2.02 6.50
N THR B 342 32.45 3.25 6.00
CA THR B 342 31.42 4.27 6.16
C THR B 342 30.03 3.72 5.81
N SER B 343 29.89 3.17 4.61
CA SER B 343 28.61 2.63 4.22
C SER B 343 28.24 1.40 5.08
N ASP B 344 29.20 0.57 5.47
CA ASP B 344 28.89 -0.50 6.40
C ASP B 344 28.16 -0.02 7.64
N VAL B 345 28.70 1.00 8.31
CA VAL B 345 28.04 1.54 9.49
C VAL B 345 26.64 2.03 9.15
N ALA B 346 26.52 2.96 8.22
CA ALA B 346 25.19 3.46 7.83
C ALA B 346 24.22 2.32 7.52
N ASN B 347 24.64 1.35 6.72
CA ASN B 347 23.75 0.18 6.45
C ASN B 347 23.39 -0.68 7.66
N ALA B 348 24.25 -0.73 8.66
CA ALA B 348 23.89 -1.49 9.87
C ALA B 348 22.73 -0.79 10.51
N VAL B 349 22.82 0.54 10.60
CA VAL B 349 21.77 1.34 11.22
C VAL B 349 20.50 1.20 10.39
N LEU B 350 20.60 1.42 9.09
CA LEU B 350 19.48 1.26 8.19
C LEU B 350 18.95 -0.16 8.20
N ASP B 351 19.81 -1.14 8.49
CA ASP B 351 19.31 -2.51 8.59
C ASP B 351 18.36 -2.56 9.79
N GLY B 352 18.77 -1.89 10.87
CA GLY B 352 17.95 -1.73 12.07
C GLY B 352 18.67 -2.14 13.34
N ALA B 353 19.99 -2.02 13.36
CA ALA B 353 20.78 -2.55 14.45
C ALA B 353 20.61 -1.67 15.63
N ASP B 354 20.57 -2.27 16.82
CA ASP B 354 20.56 -1.46 18.05
C ASP B 354 21.92 -0.90 18.44
N CYS B 355 22.99 -1.64 18.23
CA CYS B 355 24.33 -1.17 18.57
C CYS B 355 25.31 -1.55 17.50
N ILE B 356 26.37 -0.76 17.38
CA ILE B 356 27.46 -1.05 16.47
C ILE B 356 28.72 -1.19 17.30
N MET B 357 29.62 -2.08 16.88
CA MET B 357 30.81 -2.40 17.69
C MET B 357 32.11 -1.92 17.03
N LEU B 358 33.20 -1.94 17.80
CA LEU B 358 34.54 -1.69 17.32
C LEU B 358 35.41 -2.63 18.09
N SER B 359 36.43 -3.17 17.42
CA SER B 359 37.32 -4.15 18.09
C SER B 359 38.76 -3.72 17.99
N GLY B 360 39.50 -4.22 17.00
CA GLY B 360 40.84 -3.69 16.79
C GLY B 360 40.85 -2.15 16.80
N GLU B 361 39.83 -1.54 16.23
CA GLU B 361 39.82 -0.08 16.07
C GLU B 361 40.03 0.66 17.37
N THR B 362 39.51 0.11 18.47
CA THR B 362 39.67 0.75 19.77
C THR B 362 40.53 -0.04 20.70
N ALA B 363 40.73 -1.32 20.46
CA ALA B 363 41.54 -2.12 21.38
C ALA B 363 43.05 -1.95 21.18
N LYS B 364 43.52 -1.85 19.93
CA LYS B 364 44.97 -1.73 19.67
C LYS B 364 45.41 -0.70 18.68
N GLY B 365 44.48 -0.14 17.92
CA GLY B 365 44.83 0.69 16.82
C GLY B 365 45.35 2.03 17.27
N ASN B 366 45.78 2.82 16.29
CA ASN B 366 46.33 4.11 16.59
C ASN B 366 45.32 5.23 16.65
N PHE B 367 44.03 4.91 16.48
CA PHE B 367 42.99 5.96 16.43
C PHE B 367 41.67 5.58 17.12
N PRO B 368 41.75 5.14 18.39
CA PRO B 368 40.53 4.66 19.05
C PRO B 368 39.46 5.78 19.19
N VAL B 369 39.85 6.95 19.63
CA VAL B 369 38.89 8.00 19.76
C VAL B 369 38.36 8.45 18.38
N GLU B 370 39.24 8.64 17.41
CA GLU B 370 38.77 8.93 16.06
C GLU B 370 37.79 7.87 15.57
N ALA B 371 38.08 6.61 15.82
CA ALA B 371 37.16 5.52 15.47
C ALA B 371 35.79 5.65 16.12
N VAL B 372 35.74 6.03 17.39
CA VAL B 372 34.46 6.23 18.06
C VAL B 372 33.75 7.46 17.50
N LYS B 373 34.49 8.54 17.31
CA LYS B 373 33.90 9.73 16.69
C LYS B 373 33.24 9.45 15.34
N MET B 374 33.86 8.60 14.53
CA MET B 374 33.27 8.23 13.24
C MET B 374 31.95 7.43 13.36
N GLN B 375 31.92 6.34 14.11
CA GLN B 375 30.65 5.64 14.32
C GLN B 375 29.58 6.62 14.82
N HIS B 376 29.95 7.52 15.73
CA HIS B 376 29.01 8.58 16.14
C HIS B 376 28.47 9.41 14.92
N ALA B 377 29.39 9.93 14.10
CA ALA B 377 29.00 10.80 12.98
C ALA B 377 28.11 10.10 11.97
N ILE B 378 28.49 8.90 11.57
CA ILE B 378 27.70 8.14 10.60
C ILE B 378 26.34 7.77 11.17
N ALA B 379 26.29 7.25 12.41
CA ALA B 379 25.03 6.77 12.96
C ALA B 379 24.02 7.90 12.99
N ARG B 380 24.46 9.13 13.24
CA ARG B 380 23.50 10.25 13.26
C ARG B 380 22.87 10.51 11.91
N GLU B 381 23.69 10.51 10.86
CA GLU B 381 23.18 10.62 9.49
C GLU B 381 22.23 9.48 9.17
N ALA B 382 22.67 8.25 9.45
CA ALA B 382 21.89 7.09 9.07
C ALA B 382 20.55 7.05 9.80
N GLU B 383 20.61 7.31 11.10
CA GLU B 383 19.39 7.40 11.89
C GLU B 383 18.33 8.35 11.31
N ALA B 384 18.72 9.58 10.94
CA ALA B 384 17.84 10.54 10.24
C ALA B 384 17.31 10.07 8.91
N ALA B 385 17.98 9.12 8.30
CA ALA B 385 17.53 8.67 7.03
C ALA B 385 16.59 7.47 7.12
N VAL B 386 16.33 6.95 8.32
CA VAL B 386 15.42 5.82 8.42
C VAL B 386 14.06 6.27 7.93
N TYR B 387 13.44 5.44 7.08
CA TYR B 387 12.09 5.71 6.57
C TYR B 387 11.06 5.23 7.58
N HIS B 388 10.91 5.96 8.69
CA HIS B 388 10.01 5.49 9.77
C HIS B 388 8.63 5.10 9.27
N ARG B 389 8.07 5.95 8.39
CA ARG B 389 6.75 5.69 7.83
C ARG B 389 6.59 4.20 7.54
N GLN B 390 7.42 3.67 6.63
CA GLN B 390 7.37 2.22 6.32
C GLN B 390 7.67 1.41 7.59
N LEU B 391 8.73 1.81 8.29
CA LEU B 391 9.24 1.02 9.39
C LEU B 391 8.14 0.84 10.44
N PHE B 392 7.59 1.94 10.91
CA PHE B 392 6.50 1.90 11.89
C PHE B 392 5.33 1.06 11.37
N GLU B 393 4.86 1.37 10.16
CA GLU B 393 3.75 0.63 9.60
C GLU B 393 4.00 -0.85 9.73
N GLU B 394 5.17 -1.28 9.25
CA GLU B 394 5.48 -2.69 9.16
C GLU B 394 5.52 -3.36 10.52
N LEU B 395 6.09 -2.66 11.51
CA LEU B 395 6.17 -3.19 12.87
C LEU B 395 4.79 -3.37 13.48
N ARG B 396 3.98 -2.31 13.55
CA ARG B 396 2.57 -2.49 13.96
C ARG B 396 1.96 -3.70 13.28
N ARG B 397 1.90 -3.61 11.94
CA ARG B 397 1.30 -4.63 11.07
C ARG B 397 1.76 -6.04 11.45
N ALA B 398 3.06 -6.21 11.72
CA ALA B 398 3.62 -7.55 11.97
C ALA B 398 3.40 -8.00 13.41
N ALA B 399 3.58 -7.09 14.37
CA ALA B 399 3.48 -7.40 15.79
C ALA B 399 2.06 -7.82 16.16
N PRO B 400 1.92 -8.97 16.85
CA PRO B 400 0.58 -9.50 17.16
C PRO B 400 -0.14 -8.58 18.15
N LEU B 401 -1.46 -8.70 18.23
CA LEU B 401 -2.24 -7.95 19.23
C LEU B 401 -1.55 -8.14 20.56
N SER B 402 -1.94 -7.37 21.56
CA SER B 402 -1.35 -7.50 22.87
C SER B 402 -2.30 -7.02 23.89
N ARG B 403 -2.17 -7.60 25.07
CA ARG B 403 -3.07 -7.37 26.17
C ARG B 403 -2.29 -6.77 27.34
N ASP B 404 -0.97 -6.73 27.24
CA ASP B 404 -0.13 -6.16 28.29
C ASP B 404 -0.22 -4.65 28.24
N PRO B 405 -0.81 -4.04 29.27
CA PRO B 405 -0.99 -2.59 29.31
C PRO B 405 0.26 -1.80 28.99
N THR B 406 1.42 -2.28 29.40
CA THR B 406 2.68 -1.60 29.08
C THR B 406 2.89 -1.47 27.56
N GLU B 407 2.74 -2.58 26.82
CA GLU B 407 2.88 -2.54 25.37
C GLU B 407 1.89 -1.57 24.78
N VAL B 408 0.64 -1.72 25.23
CA VAL B 408 -0.48 -0.90 24.77
C VAL B 408 -0.21 0.60 24.95
N THR B 409 0.42 0.98 26.06
CA THR B 409 0.75 2.38 26.29
C THR B 409 1.90 2.81 25.40
N ALA B 410 2.87 1.93 25.22
CA ALA B 410 4.03 2.19 24.42
C ALA B 410 3.62 2.58 22.99
N ILE B 411 2.91 1.70 22.32
CA ILE B 411 2.55 1.97 20.93
C ILE B 411 1.74 3.25 20.83
N GLY B 412 0.88 3.46 21.83
CA GLY B 412 0.09 4.67 21.89
C GLY B 412 0.99 5.88 21.99
N ALA B 413 1.97 5.80 22.87
CA ALA B 413 2.90 6.88 23.06
C ALA B 413 3.67 7.17 21.78
N VAL B 414 4.15 6.13 21.13
CA VAL B 414 4.92 6.29 19.92
C VAL B 414 4.03 6.95 18.88
N GLU B 415 2.77 6.54 18.81
CA GLU B 415 1.86 7.08 17.82
C GLU B 415 1.63 8.56 18.06
N ALA B 416 1.44 8.91 19.33
CA ALA B 416 1.23 10.30 19.74
C ALA B 416 2.45 11.12 19.38
N ALA B 417 3.61 10.57 19.67
CA ALA B 417 4.87 11.20 19.38
C ALA B 417 5.00 11.56 17.91
N PHE B 418 4.71 10.59 17.04
CA PHE B 418 4.75 10.86 15.61
C PHE B 418 3.83 11.98 15.21
N LYS B 419 2.63 12.04 15.78
CA LYS B 419 1.65 13.00 15.32
C LYS B 419 2.02 14.46 15.59
N CYS B 420 2.88 14.71 16.58
CA CYS B 420 3.23 16.09 16.96
C CYS B 420 4.73 16.33 16.85
N CYS B 421 5.44 15.42 16.20
CA CYS B 421 6.88 15.53 16.11
C CYS B 421 7.41 15.82 17.49
N ALA B 422 7.01 15.01 18.46
CA ALA B 422 7.48 15.17 19.83
C ALA B 422 9.01 15.12 19.81
N ALA B 423 9.63 15.97 20.63
CA ALA B 423 11.09 15.94 20.73
C ALA B 423 11.49 14.68 21.45
N ALA B 424 10.64 14.23 22.39
CA ALA B 424 10.95 13.07 23.23
C ALA B 424 9.74 12.40 23.86
N ILE B 425 9.93 11.14 24.20
CA ILE B 425 9.03 10.38 25.06
C ILE B 425 9.81 10.15 26.37
N ILE B 426 9.27 10.62 27.49
CA ILE B 426 9.95 10.48 28.79
C ILE B 426 9.25 9.39 29.55
N VAL B 427 10.00 8.35 29.95
CA VAL B 427 9.42 7.21 30.67
C VAL B 427 10.03 6.96 32.01
N LEU B 428 9.21 6.78 33.04
CA LEU B 428 9.69 6.23 34.29
C LEU B 428 9.80 4.72 34.12
N THR B 429 10.92 4.13 34.53
CA THR B 429 11.08 2.69 34.39
C THR B 429 12.00 2.14 35.46
N THR B 430 11.66 0.97 35.97
CA THR B 430 12.40 0.35 37.07
C THR B 430 13.41 -0.69 36.60
N THR B 431 13.03 -1.45 35.57
CA THR B 431 13.88 -2.50 35.05
C THR B 431 14.25 -2.25 33.61
N GLY B 432 13.73 -1.16 33.05
CA GLY B 432 14.00 -0.78 31.66
C GLY B 432 12.92 -1.27 30.74
N ARG B 433 12.14 -2.25 31.18
CA ARG B 433 11.17 -2.87 30.27
C ARG B 433 10.24 -1.87 29.57
N SER B 434 9.71 -0.89 30.26
CA SER B 434 8.85 0.04 29.51
C SER B 434 9.60 0.99 28.61
N ALA B 435 10.85 1.29 28.92
CA ALA B 435 11.66 2.00 27.93
C ALA B 435 11.86 1.11 26.70
N GLN B 436 12.15 -0.16 26.93
CA GLN B 436 12.36 -1.09 25.85
C GLN B 436 11.16 -1.17 24.94
N LEU B 437 9.97 -1.33 25.53
CA LEU B 437 8.76 -1.47 24.74
C LEU B 437 8.53 -0.27 23.85
N LEU B 438 8.86 0.94 24.31
CA LEU B 438 8.83 2.11 23.44
C LEU B 438 9.81 2.00 22.27
N SER B 439 11.08 1.73 22.54
CA SER B 439 12.05 1.68 21.45
C SER B 439 11.75 0.56 20.44
N ARG B 440 11.20 -0.55 20.93
CA ARG B 440 10.65 -1.61 20.12
C ARG B 440 9.89 -1.11 18.88
N TYR B 441 9.16 0.00 19.04
CA TYR B 441 8.42 0.62 17.93
C TYR B 441 9.20 1.71 17.20
N ARG B 442 10.48 1.88 17.55
CA ARG B 442 11.35 2.85 16.90
C ARG B 442 10.68 4.20 16.75
N PRO B 443 10.44 4.88 17.87
CA PRO B 443 9.98 6.24 17.73
C PRO B 443 11.08 7.02 17.07
N ARG B 444 10.79 8.21 16.61
CA ARG B 444 11.87 9.10 16.21
C ARG B 444 12.21 10.01 17.38
N ALA B 445 11.19 10.45 18.10
CA ALA B 445 11.42 11.20 19.31
C ALA B 445 12.28 10.28 20.16
N ALA B 446 13.17 10.88 20.93
CA ALA B 446 14.09 10.13 21.78
C ALA B 446 13.36 9.64 23.01
N VAL B 447 13.73 8.45 23.48
CA VAL B 447 13.14 7.85 24.66
C VAL B 447 14.04 8.15 25.88
N ILE B 448 13.64 9.11 26.71
CA ILE B 448 14.41 9.50 27.89
C ILE B 448 13.92 8.69 29.08
N ALA B 449 14.72 7.71 29.49
CA ALA B 449 14.31 6.80 30.54
C ALA B 449 14.85 7.22 31.89
N VAL B 450 13.95 7.44 32.84
CA VAL B 450 14.33 7.90 34.19
C VAL B 450 14.23 6.71 35.15
N THR B 451 15.33 6.42 35.83
CA THR B 451 15.36 5.26 36.70
C THR B 451 16.23 5.46 37.92
N ARG B 452 15.88 4.75 39.00
CA ARG B 452 16.73 4.72 40.19
C ARG B 452 17.78 3.62 40.12
N SER B 453 17.55 2.62 39.28
CA SER B 453 18.41 1.45 39.22
C SER B 453 19.61 1.79 38.34
N ALA B 454 20.77 1.99 38.96
CA ALA B 454 21.99 2.31 38.22
C ALA B 454 22.22 1.27 37.13
N GLN B 455 21.98 0.00 37.42
CA GLN B 455 22.19 -1.10 36.48
C GLN B 455 21.24 -1.03 35.31
N ALA B 456 19.94 -0.96 35.59
CA ALA B 456 18.98 -0.81 34.51
C ALA B 456 19.37 0.38 33.62
N ALA B 457 19.83 1.47 34.22
CA ALA B 457 20.27 2.64 33.46
C ALA B 457 21.36 2.28 32.46
N ARG B 458 22.26 1.38 32.85
CA ARG B 458 23.33 0.92 31.97
C ARG B 458 22.81 -0.05 30.90
N GLN B 459 21.99 -1.00 31.29
CA GLN B 459 21.58 -2.06 30.34
C GLN B 459 20.68 -1.50 29.24
N VAL B 460 20.02 -0.39 29.53
CA VAL B 460 19.10 0.22 28.59
C VAL B 460 19.78 0.71 27.31
N HIS B 461 21.09 0.95 27.37
CA HIS B 461 21.89 1.25 26.15
C HIS B 461 21.81 0.23 25.02
N LEU B 462 21.32 -0.97 25.33
CA LEU B 462 21.21 -2.04 24.40
C LEU B 462 20.02 -1.78 23.44
N CYS B 463 19.16 -0.81 23.77
CA CYS B 463 17.91 -0.58 23.01
C CYS B 463 17.93 0.70 22.23
N ARG B 464 17.84 0.63 20.90
CA ARG B 464 17.96 1.87 20.15
C ARG B 464 17.05 2.98 20.70
N GLY B 465 17.61 4.18 20.82
CA GLY B 465 16.81 5.36 21.06
C GLY B 465 16.52 5.66 22.51
N VAL B 466 17.08 4.84 23.41
CA VAL B 466 16.90 5.08 24.84
C VAL B 466 18.10 5.80 25.41
N PHE B 467 17.80 6.89 26.11
CA PHE B 467 18.79 7.73 26.79
C PHE B 467 18.47 7.67 28.26
N PRO B 468 19.28 6.89 29.03
CA PRO B 468 18.96 6.69 30.42
C PRO B 468 19.38 7.87 31.26
N LEU B 469 18.60 8.21 32.26
CA LEU B 469 19.03 9.18 33.24
C LEU B 469 18.92 8.55 34.60
N LEU B 470 20.02 8.55 35.34
CA LEU B 470 20.03 7.99 36.68
C LEU B 470 19.57 9.05 37.65
N TYR B 471 18.59 8.68 38.48
CA TYR B 471 17.95 9.60 39.41
C TYR B 471 18.38 9.25 40.82
N ARG B 472 18.84 10.25 41.57
CA ARG B 472 19.55 10.02 42.84
C ARG B 472 18.80 10.44 44.11
N GLU B 473 17.87 11.39 44.01
CA GLU B 473 17.12 11.87 45.17
C GLU B 473 16.38 10.75 45.90
N PRO B 474 16.21 10.90 47.23
CA PRO B 474 15.41 9.98 48.03
C PRO B 474 13.91 10.20 47.75
N PRO B 475 13.09 9.11 47.80
CA PRO B 475 11.65 9.21 47.53
C PRO B 475 11.00 10.29 48.38
N GLU B 476 10.03 11.00 47.81
CA GLU B 476 9.19 11.94 48.56
C GLU B 476 8.18 11.12 49.34
N ALA B 477 7.53 11.75 50.32
CA ALA B 477 6.49 11.08 51.11
C ALA B 477 5.26 10.73 50.26
N ILE B 478 4.72 11.73 49.55
CA ILE B 478 3.60 11.52 48.63
C ILE B 478 4.13 10.94 47.29
N TRP B 479 3.72 9.72 46.98
CA TRP B 479 4.19 9.03 45.77
C TRP B 479 4.01 9.87 44.50
N ALA B 480 2.81 10.41 44.31
CA ALA B 480 2.51 11.29 43.17
C ALA B 480 3.56 12.39 42.95
N ASP B 481 3.97 13.05 44.04
CA ASP B 481 5.05 14.03 43.99
C ASP B 481 6.35 13.41 43.49
N ASP B 482 6.68 12.22 44.00
CA ASP B 482 7.91 11.53 43.59
C ASP B 482 7.92 11.33 42.09
N VAL B 483 6.77 10.88 41.58
CA VAL B 483 6.56 10.72 40.14
C VAL B 483 6.85 12.05 39.42
N ASP B 484 6.19 13.14 39.82
CA ASP B 484 6.37 14.43 39.17
C ASP B 484 7.85 14.92 39.16
N ARG B 485 8.53 14.83 40.30
CA ARG B 485 9.94 15.26 40.39
C ARG B 485 10.78 14.52 39.36
N ARG B 486 10.51 13.22 39.20
CA ARG B 486 11.24 12.39 38.23
C ARG B 486 10.99 12.82 36.79
N VAL B 487 9.72 12.98 36.41
CA VAL B 487 9.35 13.52 35.11
C VAL B 487 10.01 14.88 34.90
N GLN B 488 9.83 15.80 35.85
CA GLN B 488 10.54 17.08 35.82
C GLN B 488 12.06 16.90 35.63
N PHE B 489 12.66 16.00 36.41
CA PHE B 489 14.09 15.69 36.28
C PHE B 489 14.45 15.40 34.83
N GLY B 490 13.67 14.53 34.19
CA GLY B 490 13.87 14.15 32.78
C GLY B 490 13.87 15.36 31.87
N ILE B 491 12.86 16.22 32.06
CA ILE B 491 12.73 17.48 31.30
C ILE B 491 13.96 18.36 31.42
N GLU B 492 14.33 18.70 32.65
CA GLU B 492 15.51 19.49 32.90
C GLU B 492 16.74 18.87 32.22
N SER B 493 17.07 17.61 32.55
CA SER B 493 18.20 16.93 31.90
C SER B 493 18.07 17.09 30.39
N GLY B 494 16.83 16.91 29.93
CA GLY B 494 16.47 17.10 28.53
C GLY B 494 16.93 18.45 28.05
N LYS B 495 16.37 19.51 28.64
CA LYS B 495 16.73 20.88 28.28
C LYS B 495 18.25 21.03 28.18
N LEU B 496 18.93 20.63 29.26
CA LEU B 496 20.38 20.82 29.41
C LEU B 496 21.20 20.22 28.27
N ARG B 497 20.85 19.02 27.82
CA ARG B 497 21.66 18.36 26.80
C ARG B 497 21.19 18.72 25.39
N GLY B 498 20.26 19.68 25.30
CA GLY B 498 19.66 20.02 24.01
C GLY B 498 18.86 18.90 23.31
N PHE B 499 18.13 18.11 24.08
CA PHE B 499 17.13 17.18 23.49
C PHE B 499 15.78 17.86 23.32
N LEU B 500 15.48 18.86 24.16
CA LEU B 500 14.17 19.53 24.17
C LEU B 500 14.36 21.00 24.38
N ARG B 501 13.61 21.78 23.63
CA ARG B 501 13.66 23.23 23.72
C ARG B 501 12.28 23.71 24.14
N VAL B 502 12.22 24.86 24.80
CA VAL B 502 10.96 25.53 25.14
C VAL B 502 10.02 25.49 23.92
N GLY B 503 8.73 25.32 24.18
CA GLY B 503 7.75 25.16 23.09
C GLY B 503 7.62 23.76 22.46
N ASP B 504 8.61 22.87 22.65
CA ASP B 504 8.45 21.47 22.24
C ASP B 504 7.27 20.83 22.96
N LEU B 505 6.72 19.78 22.35
CA LEU B 505 5.78 18.91 23.03
C LEU B 505 6.58 17.69 23.45
N VAL B 506 6.16 17.08 24.54
CA VAL B 506 6.82 15.88 24.98
C VAL B 506 5.75 14.91 25.43
N ILE B 507 6.06 13.62 25.28
CA ILE B 507 5.13 12.57 25.68
C ILE B 507 5.66 11.95 26.95
N VAL B 508 4.83 11.89 27.97
CA VAL B 508 5.26 11.33 29.24
C VAL B 508 4.56 10.02 29.55
N VAL B 509 5.33 8.97 29.79
CA VAL B 509 4.74 7.67 30.10
C VAL B 509 5.01 7.26 31.54
N THR B 510 3.94 7.02 32.31
CA THR B 510 4.07 6.61 33.74
C THR B 510 3.14 5.44 34.12
N GLY B 511 2.86 5.27 35.41
CA GLY B 511 2.01 4.18 35.88
C GLY B 511 1.08 4.52 37.03
N TRP B 512 0.11 3.63 37.29
CA TRP B 512 -0.93 3.91 38.28
C TRP B 512 -0.51 3.62 39.72
N ARG B 513 0.51 2.77 39.89
CA ARG B 513 1.03 2.47 41.23
C ARG B 513 2.52 2.11 41.16
N PRO B 514 3.23 2.14 42.31
CA PRO B 514 4.67 1.86 42.35
C PRO B 514 5.00 0.39 42.13
N GLY B 515 6.28 0.11 41.93
CA GLY B 515 6.74 -1.23 41.59
C GLY B 515 6.72 -1.36 40.09
N SER B 516 7.42 -2.35 39.55
CA SER B 516 7.50 -2.46 38.11
C SER B 516 6.32 -3.26 37.58
N GLY B 517 6.10 -3.17 36.26
CA GLY B 517 5.06 -3.95 35.58
C GLY B 517 3.69 -3.30 35.44
N TYR B 518 3.53 -2.06 35.88
CA TYR B 518 2.22 -1.42 35.86
C TYR B 518 2.13 -0.13 35.05
N THR B 519 3.08 0.09 34.14
CA THR B 519 3.00 1.26 33.26
C THR B 519 1.66 1.21 32.52
N ASN B 520 0.98 2.35 32.45
CA ASN B 520 -0.33 2.38 31.80
C ASN B 520 -0.91 3.77 31.49
N ILE B 521 -0.07 4.80 31.57
CA ILE B 521 -0.53 6.17 31.37
C ILE B 521 0.33 6.87 30.35
N MET B 522 -0.31 7.67 29.52
CA MET B 522 0.39 8.45 28.51
C MET B 522 -0.18 9.84 28.58
N ARG B 523 0.71 10.83 28.59
CA ARG B 523 0.29 12.22 28.72
C ARG B 523 1.06 13.08 27.75
N VAL B 524 0.38 14.06 27.20
CA VAL B 524 1.00 15.02 26.31
C VAL B 524 1.25 16.30 27.09
N LEU B 525 2.52 16.70 27.16
CA LEU B 525 2.90 17.94 27.85
C LEU B 525 3.71 18.85 26.94
N SER B 526 3.59 20.16 27.16
CA SER B 526 4.38 21.13 26.43
C SER B 526 5.51 21.62 27.32
N ILE B 527 6.68 21.85 26.73
CA ILE B 527 7.87 22.35 27.46
C ILE B 527 7.96 23.88 27.44
N GLN C 11 -9.80 17.03 -16.92
CA GLN C 11 -9.64 15.67 -17.51
C GLN C 11 -10.94 14.87 -17.44
N GLN C 12 -10.93 13.75 -18.15
CA GLN C 12 -12.10 12.93 -18.33
C GLN C 12 -11.82 11.57 -17.68
N GLN C 13 -12.80 10.69 -17.71
CA GLN C 13 -12.68 9.32 -17.18
C GLN C 13 -12.26 9.24 -15.73
N GLN C 14 -12.49 10.31 -14.96
CA GLN C 14 -12.03 10.35 -13.56
C GLN C 14 -10.53 9.97 -13.49
N LEU C 15 -9.70 10.66 -14.28
CA LEU C 15 -8.26 10.39 -14.31
C LEU C 15 -7.55 10.97 -13.08
N PRO C 16 -7.85 12.24 -12.72
CA PRO C 16 -7.26 12.69 -11.45
C PRO C 16 -7.50 11.66 -10.38
N ALA C 17 -8.70 11.08 -10.32
CA ALA C 17 -9.03 10.10 -9.29
C ALA C 17 -8.22 8.81 -9.45
N ALA C 18 -7.94 8.45 -10.70
CA ALA C 18 -7.16 7.23 -11.00
C ALA C 18 -5.71 7.34 -10.53
N MET C 19 -5.19 8.57 -10.53
CA MET C 19 -3.81 8.83 -10.13
C MET C 19 -3.60 8.97 -8.62
N ALA C 20 -4.65 8.79 -7.82
CA ALA C 20 -4.54 8.95 -6.36
C ALA C 20 -3.67 7.87 -5.72
N ASP C 21 -2.98 8.25 -4.65
CA ASP C 21 -2.08 7.35 -3.93
C ASP C 21 -2.78 6.50 -2.85
N THR C 22 -4.00 6.86 -2.47
CA THR C 22 -4.77 6.06 -1.51
C THR C 22 -6.21 5.95 -1.97
N PHE C 23 -6.97 5.01 -1.39
CA PHE C 23 -8.37 4.89 -1.74
C PHE C 23 -9.13 6.13 -1.29
N LEU C 24 -8.78 6.63 -0.11
CA LEU C 24 -9.42 7.82 0.41
C LEU C 24 -9.21 9.03 -0.51
N GLU C 25 -7.97 9.24 -0.93
CA GLU C 25 -7.64 10.36 -1.82
C GLU C 25 -8.39 10.17 -3.13
N HIS C 26 -8.57 8.90 -3.50
CA HIS C 26 -9.27 8.55 -4.72
C HIS C 26 -10.69 9.06 -4.58
N LEU C 27 -11.43 8.54 -3.61
CA LEU C 27 -12.76 9.05 -3.31
C LEU C 27 -12.77 10.60 -3.31
N CYS C 28 -11.82 11.21 -2.63
CA CYS C 28 -11.83 12.67 -2.53
C CYS C 28 -11.71 13.42 -3.85
N LEU C 29 -11.47 12.69 -4.93
CA LEU C 29 -11.17 13.34 -6.23
C LEU C 29 -12.16 12.96 -7.35
N LEU C 30 -13.12 12.09 -7.04
CA LEU C 30 -14.18 11.76 -7.98
C LEU C 30 -14.84 13.09 -8.34
N ASP C 31 -15.07 13.28 -9.65
CA ASP C 31 -15.52 14.56 -10.20
C ASP C 31 -16.80 14.38 -11.05
N ILE C 32 -17.89 15.01 -10.60
CA ILE C 32 -19.17 14.92 -11.34
C ILE C 32 -19.09 15.52 -12.74
N ASP C 33 -18.12 16.41 -13.00
CA ASP C 33 -17.95 17.03 -14.32
C ASP C 33 -16.94 16.30 -15.22
N SER C 34 -16.44 15.16 -14.78
CA SER C 34 -15.49 14.44 -15.59
C SER C 34 -16.31 13.45 -16.34
N GLU C 35 -16.60 13.72 -17.61
CA GLU C 35 -17.51 12.84 -18.37
C GLU C 35 -16.85 11.51 -18.64
N PRO C 36 -17.63 10.42 -18.53
CA PRO C 36 -17.08 9.10 -18.83
C PRO C 36 -16.81 9.14 -20.30
N VAL C 37 -15.94 8.28 -20.76
CA VAL C 37 -15.48 8.39 -22.15
C VAL C 37 -14.95 7.01 -22.47
N ALA C 38 -15.89 6.12 -22.65
CA ALA C 38 -15.55 4.75 -22.88
C ALA C 38 -16.90 4.06 -23.06
N ALA C 39 -16.91 2.98 -23.85
CA ALA C 39 -18.02 2.07 -23.90
C ALA C 39 -18.22 1.58 -22.49
N ARG C 40 -19.45 1.33 -22.09
CA ARG C 40 -19.66 0.79 -20.75
C ARG C 40 -19.33 -0.72 -20.72
N SER C 41 -18.59 -1.12 -19.71
CA SER C 41 -18.10 -2.47 -19.67
C SER C 41 -19.02 -3.50 -18.95
N THR C 42 -19.86 -3.03 -18.03
CA THR C 42 -20.86 -3.89 -17.37
C THR C 42 -22.05 -4.30 -18.26
N SER C 43 -22.13 -5.59 -18.58
CA SER C 43 -23.22 -6.02 -19.46
C SER C 43 -24.51 -6.05 -18.67
N ILE C 44 -25.61 -5.79 -19.37
CA ILE C 44 -26.91 -5.62 -18.77
C ILE C 44 -27.68 -6.80 -19.25
N ILE C 45 -28.31 -7.48 -18.30
CA ILE C 45 -29.20 -8.56 -18.60
C ILE C 45 -30.61 -8.01 -18.43
N ALA C 46 -31.49 -8.24 -19.39
CA ALA C 46 -32.89 -7.81 -19.26
C ALA C 46 -33.84 -9.01 -19.36
N THR C 47 -34.80 -9.06 -18.44
CA THR C 47 -35.75 -10.13 -18.42
C THR C 47 -36.86 -9.78 -19.38
N ILE C 48 -37.26 -10.78 -20.19
CA ILE C 48 -38.28 -10.64 -21.22
C ILE C 48 -39.62 -10.93 -20.61
N GLY C 49 -40.56 -10.01 -20.86
CA GLY C 49 -41.95 -10.21 -20.48
C GLY C 49 -42.90 -9.46 -21.41
N PRO C 50 -44.17 -9.36 -21.01
CA PRO C 50 -45.12 -8.67 -21.86
C PRO C 50 -44.59 -7.27 -22.29
N ALA C 51 -43.84 -6.59 -21.41
CA ALA C 51 -43.41 -5.22 -21.70
C ALA C 51 -42.31 -5.15 -22.73
N SER C 52 -41.66 -6.30 -22.98
CA SER C 52 -40.44 -6.32 -23.74
C SER C 52 -40.33 -7.50 -24.72
N ARG C 53 -41.41 -7.83 -25.39
CA ARG C 53 -41.46 -9.07 -26.14
C ARG C 53 -41.66 -8.78 -27.62
N SER C 54 -42.27 -7.64 -27.89
CA SER C 54 -42.48 -7.22 -29.23
C SER C 54 -41.14 -6.90 -29.87
N VAL C 55 -40.93 -7.45 -31.06
CA VAL C 55 -39.81 -7.08 -31.90
C VAL C 55 -39.40 -5.59 -31.82
N GLU C 56 -40.36 -4.67 -31.98
CA GLU C 56 -39.99 -3.24 -32.04
C GLU C 56 -39.46 -2.69 -30.73
N ARG C 57 -40.03 -3.16 -29.64
CA ARG C 57 -39.55 -2.85 -28.32
C ARG C 57 -38.12 -3.42 -28.21
N LEU C 58 -37.95 -4.74 -28.45
CA LEU C 58 -36.59 -5.33 -28.39
C LEU C 58 -35.56 -4.47 -29.11
N LYS C 59 -35.88 -4.04 -30.34
CA LYS C 59 -34.96 -3.17 -31.08
C LYS C 59 -34.53 -1.97 -30.24
N GLU C 60 -35.50 -1.29 -29.61
CA GLU C 60 -35.19 -0.16 -28.76
C GLU C 60 -34.25 -0.55 -27.63
N MET C 61 -34.50 -1.70 -27.01
CA MET C 61 -33.75 -2.15 -25.86
C MET C 61 -32.33 -2.53 -26.22
N ILE C 62 -32.15 -3.11 -27.39
CA ILE C 62 -30.82 -3.35 -27.88
C ILE C 62 -30.11 -2.00 -28.02
N LYS C 63 -30.72 -1.08 -28.76
CA LYS C 63 -30.14 0.24 -29.00
C LYS C 63 -29.74 0.85 -27.69
N ALA C 64 -30.57 0.64 -26.67
CA ALA C 64 -30.33 1.24 -25.37
C ALA C 64 -29.26 0.56 -24.52
N GLY C 65 -28.87 -0.66 -24.85
CA GLY C 65 -27.79 -1.26 -24.09
C GLY C 65 -27.95 -2.71 -23.68
N MET C 66 -29.13 -3.29 -23.91
CA MET C 66 -29.31 -4.68 -23.54
C MET C 66 -28.20 -5.54 -24.14
N ASN C 67 -27.67 -6.49 -23.37
CA ASN C 67 -26.68 -7.44 -23.91
C ASN C 67 -27.11 -8.87 -23.71
N ILE C 68 -27.97 -9.12 -22.72
CA ILE C 68 -28.40 -10.50 -22.52
C ILE C 68 -29.89 -10.51 -22.35
N ALA C 69 -30.58 -11.39 -23.07
CA ALA C 69 -32.01 -11.52 -22.83
C ALA C 69 -32.24 -12.71 -21.86
N ARG C 70 -32.99 -12.46 -20.81
CA ARG C 70 -33.22 -13.48 -19.80
C ARG C 70 -34.63 -14.03 -19.89
N LEU C 71 -34.75 -15.34 -20.13
CA LEU C 71 -36.06 -15.96 -20.20
C LEU C 71 -36.32 -16.62 -18.87
N ASN C 72 -37.39 -16.19 -18.22
CA ASN C 72 -37.69 -16.68 -16.90
C ASN C 72 -38.66 -17.86 -16.96
N PHE C 73 -38.12 -19.07 -16.92
CA PHE C 73 -38.96 -20.27 -17.03
C PHE C 73 -39.84 -20.55 -15.83
N SER C 74 -39.80 -19.70 -14.83
CA SER C 74 -40.75 -19.73 -13.75
C SER C 74 -42.18 -19.40 -14.23
N HIS C 75 -42.28 -18.80 -15.43
CA HIS C 75 -43.54 -18.40 -16.02
C HIS C 75 -43.51 -18.66 -17.53
N GLY C 76 -44.66 -19.05 -18.08
CA GLY C 76 -44.77 -19.24 -19.51
C GLY C 76 -44.48 -20.67 -19.97
N SER C 77 -45.08 -21.01 -21.11
CA SER C 77 -44.95 -22.34 -21.66
C SER C 77 -43.80 -22.37 -22.63
N HIS C 78 -43.53 -23.55 -23.17
CA HIS C 78 -42.45 -23.71 -24.11
C HIS C 78 -42.70 -22.88 -25.37
N GLU C 79 -43.95 -22.95 -25.84
CA GLU C 79 -44.37 -22.18 -26.99
C GLU C 79 -44.11 -20.71 -26.72
N TYR C 80 -44.40 -20.28 -25.49
CA TYR C 80 -44.28 -18.88 -25.13
C TYR C 80 -42.84 -18.44 -25.24
N HIS C 81 -41.90 -19.27 -24.80
CA HIS C 81 -40.48 -18.91 -24.79
C HIS C 81 -39.86 -19.02 -26.17
N ALA C 82 -40.44 -19.88 -27.00
CA ALA C 82 -39.99 -20.01 -28.37
C ALA C 82 -40.27 -18.70 -29.11
N GLU C 83 -41.44 -18.13 -28.88
CA GLU C 83 -41.81 -16.84 -29.49
C GLU C 83 -40.86 -15.74 -29.04
N SER C 84 -40.39 -15.83 -27.79
CA SER C 84 -39.47 -14.85 -27.22
C SER C 84 -38.13 -14.96 -27.92
N ILE C 85 -37.64 -16.19 -28.00
CA ILE C 85 -36.36 -16.43 -28.66
C ILE C 85 -36.49 -15.86 -30.07
N ALA C 86 -37.51 -16.31 -30.81
CA ALA C 86 -37.76 -15.85 -32.19
C ALA C 86 -37.77 -14.35 -32.33
N ASN C 87 -38.34 -13.65 -31.35
CA ASN C 87 -38.42 -12.20 -31.44
C ASN C 87 -37.11 -11.49 -31.11
N VAL C 88 -36.41 -11.98 -30.10
CA VAL C 88 -35.07 -11.51 -29.84
C VAL C 88 -34.27 -11.63 -31.15
N ARG C 89 -34.11 -12.88 -31.62
CA ARG C 89 -33.29 -13.16 -32.80
C ARG C 89 -33.64 -12.26 -33.96
N GLU C 90 -34.92 -11.99 -34.17
CA GLU C 90 -35.34 -11.07 -35.22
C GLU C 90 -34.85 -9.65 -34.94
N ALA C 91 -35.16 -9.13 -33.77
CA ALA C 91 -34.72 -7.83 -33.37
C ALA C 91 -33.20 -7.74 -33.55
N VAL C 92 -32.50 -8.76 -33.10
CA VAL C 92 -31.05 -8.72 -33.16
C VAL C 92 -30.54 -8.67 -34.60
N GLU C 93 -31.06 -9.53 -35.46
CA GLU C 93 -30.53 -9.66 -36.80
C GLU C 93 -30.92 -8.49 -37.68
N SER C 94 -31.78 -7.60 -37.17
CA SER C 94 -32.28 -6.48 -37.97
C SER C 94 -31.16 -5.48 -38.18
N PHE C 95 -30.13 -5.62 -37.36
CA PHE C 95 -28.93 -4.77 -37.43
C PHE C 95 -27.76 -5.43 -38.13
N ALA C 96 -27.98 -6.58 -38.76
CA ALA C 96 -26.88 -7.27 -39.45
C ALA C 96 -26.50 -6.56 -40.76
N GLY C 97 -27.31 -5.59 -41.18
CA GLY C 97 -27.00 -4.78 -42.37
C GLY C 97 -25.64 -4.13 -42.34
N SER C 98 -25.01 -4.10 -41.17
CA SER C 98 -23.70 -3.47 -41.01
C SER C 98 -22.85 -4.19 -39.98
N PRO C 99 -21.99 -5.12 -40.45
CA PRO C 99 -21.17 -5.97 -39.58
C PRO C 99 -20.30 -5.16 -38.61
N LEU C 100 -19.89 -3.95 -39.03
CA LEU C 100 -19.01 -3.10 -38.23
C LEU C 100 -19.73 -2.51 -37.03
N SER C 101 -21.06 -2.54 -37.08
CA SER C 101 -21.85 -1.96 -35.99
C SER C 101 -22.75 -2.99 -35.21
N TYR C 102 -22.97 -4.17 -35.81
CA TYR C 102 -23.78 -5.27 -35.25
C TYR C 102 -23.46 -5.59 -33.78
N ARG C 103 -24.50 -5.64 -32.94
CA ARG C 103 -24.38 -6.01 -31.52
C ARG C 103 -24.95 -7.39 -31.21
N PRO C 104 -24.10 -8.37 -30.93
CA PRO C 104 -24.59 -9.68 -30.52
C PRO C 104 -25.40 -9.60 -29.23
N VAL C 105 -26.45 -10.41 -29.10
CA VAL C 105 -27.22 -10.44 -27.86
C VAL C 105 -27.32 -11.86 -27.37
N ALA C 106 -26.91 -12.12 -26.13
CA ALA C 106 -26.98 -13.46 -25.62
C ALA C 106 -28.41 -13.79 -25.28
N ILE C 107 -28.67 -15.07 -25.04
CA ILE C 107 -29.98 -15.48 -24.55
C ILE C 107 -29.74 -16.43 -23.41
N ALA C 108 -30.29 -16.07 -22.26
CA ALA C 108 -30.12 -16.86 -21.05
C ALA C 108 -31.43 -17.46 -20.58
N LEU C 109 -31.46 -18.78 -20.46
CA LEU C 109 -32.60 -19.49 -19.95
C LEU C 109 -32.49 -19.50 -18.45
N ASP C 110 -33.45 -18.91 -17.76
CA ASP C 110 -33.46 -18.94 -16.29
C ASP C 110 -34.37 -20.01 -15.75
N THR C 111 -33.80 -20.92 -14.98
CA THR C 111 -34.50 -22.14 -14.53
C THR C 111 -35.58 -21.90 -13.47
N LYS C 112 -36.67 -22.65 -13.51
CA LYS C 112 -37.65 -22.52 -12.44
C LYS C 112 -37.07 -23.06 -11.14
N GLY C 113 -36.72 -24.35 -11.08
CA GLY C 113 -36.11 -24.92 -9.88
C GLY C 113 -37.13 -25.17 -8.79
N PRO C 114 -36.68 -25.50 -7.56
CA PRO C 114 -37.58 -25.88 -6.48
C PRO C 114 -38.38 -24.73 -5.85
N GLU C 115 -39.12 -23.97 -6.65
CA GLU C 115 -39.93 -22.88 -6.12
C GLU C 115 -41.09 -23.44 -5.35
N ILE C 116 -41.78 -22.56 -4.64
CA ILE C 116 -43.07 -22.89 -4.05
C ILE C 116 -43.94 -21.68 -4.27
N ARG C 117 -45.16 -21.90 -4.78
CA ARG C 117 -46.11 -20.80 -4.96
C ARG C 117 -47.48 -21.13 -4.39
N THR C 118 -48.15 -20.10 -3.92
CA THR C 118 -49.54 -20.22 -3.55
C THR C 118 -50.38 -20.58 -4.79
N GLY C 119 -51.64 -20.96 -4.55
CA GLY C 119 -52.58 -21.27 -5.63
C GLY C 119 -53.18 -20.06 -6.32
N ILE C 120 -54.16 -20.31 -7.20
CA ILE C 120 -54.92 -19.27 -7.89
C ILE C 120 -56.03 -18.84 -6.96
N LEU C 121 -56.37 -17.55 -7.02
CA LEU C 121 -57.36 -17.02 -6.10
C LEU C 121 -58.81 -17.29 -6.52
N GLN C 122 -59.65 -17.51 -5.50
CA GLN C 122 -61.08 -17.80 -5.69
C GLN C 122 -61.70 -16.81 -6.66
N GLY C 123 -62.13 -17.31 -7.80
CA GLY C 123 -62.57 -16.43 -8.88
C GLY C 123 -61.71 -15.17 -8.87
N GLY C 124 -60.41 -15.36 -9.09
CA GLY C 124 -59.57 -14.21 -9.19
C GLY C 124 -58.12 -14.48 -9.46
N PRO C 125 -57.73 -14.52 -10.75
CA PRO C 125 -56.31 -14.53 -11.07
C PRO C 125 -55.72 -13.11 -10.93
N GLU C 126 -56.53 -12.09 -11.29
CA GLU C 126 -56.19 -10.68 -11.09
C GLU C 126 -56.97 -10.03 -9.93
N SER C 127 -57.40 -10.85 -8.98
CA SER C 127 -58.12 -10.41 -7.79
C SER C 127 -57.30 -10.59 -6.54
N GLU C 128 -57.72 -9.95 -5.45
CA GLU C 128 -56.98 -9.89 -4.20
C GLU C 128 -57.82 -10.32 -3.01
N VAL C 129 -57.21 -11.13 -2.15
CA VAL C 129 -57.75 -11.52 -0.83
C VAL C 129 -56.91 -10.73 0.21
N GLU C 130 -57.35 -10.66 1.46
CA GLU C 130 -56.58 -9.92 2.49
C GLU C 130 -56.32 -10.77 3.76
N LEU C 131 -55.07 -11.15 3.96
CA LEU C 131 -54.69 -11.91 5.14
C LEU C 131 -54.51 -10.99 6.34
N VAL C 132 -55.51 -10.95 7.21
CA VAL C 132 -55.51 -10.02 8.35
C VAL C 132 -54.54 -10.49 9.43
N LYS C 133 -53.80 -9.53 10.00
CA LYS C 133 -52.92 -9.80 11.13
C LYS C 133 -53.68 -10.40 12.32
N GLY C 134 -53.22 -11.56 12.75
CA GLY C 134 -53.74 -12.20 13.96
C GLY C 134 -54.72 -13.33 13.73
N SER C 135 -55.06 -13.58 12.46
CA SER C 135 -56.11 -14.53 12.13
C SER C 135 -55.59 -15.95 11.85
N GLN C 136 -56.51 -16.90 11.82
CA GLN C 136 -56.22 -18.29 11.43
C GLN C 136 -56.19 -18.46 9.90
N VAL C 137 -55.07 -18.94 9.37
CA VAL C 137 -54.94 -19.26 7.97
C VAL C 137 -54.47 -20.69 7.83
N LEU C 138 -55.22 -21.49 7.06
CA LEU C 138 -54.89 -22.89 6.86
C LEU C 138 -54.09 -23.00 5.58
N VAL C 139 -52.88 -23.54 5.67
CA VAL C 139 -52.16 -23.88 4.44
C VAL C 139 -52.45 -25.35 4.07
N THR C 140 -53.00 -25.55 2.88
CA THR C 140 -53.38 -26.89 2.41
C THR C 140 -52.60 -27.30 1.20
N VAL C 141 -52.39 -28.61 1.08
CA VAL C 141 -51.84 -29.16 -0.14
C VAL C 141 -52.94 -29.94 -0.88
N ASP C 142 -54.13 -29.97 -0.29
CA ASP C 142 -55.28 -30.70 -0.86
C ASP C 142 -55.60 -30.23 -2.28
N PRO C 143 -55.53 -31.16 -3.27
CA PRO C 143 -55.52 -30.78 -4.69
C PRO C 143 -56.74 -29.95 -5.05
N ALA C 144 -57.82 -30.17 -4.30
CA ALA C 144 -59.10 -29.50 -4.54
C ALA C 144 -59.11 -28.03 -4.13
N PHE C 145 -58.08 -27.60 -3.42
CA PHE C 145 -58.07 -26.21 -2.96
C PHE C 145 -57.21 -25.26 -3.81
N ARG C 146 -56.54 -25.80 -4.82
CA ARG C 146 -55.68 -25.03 -5.71
C ARG C 146 -56.29 -23.67 -6.12
N THR C 147 -57.61 -23.68 -6.23
CA THR C 147 -58.33 -22.68 -6.97
C THR C 147 -59.33 -22.02 -6.04
N ARG C 148 -59.51 -22.67 -4.90
CA ARG C 148 -60.52 -22.29 -3.93
C ARG C 148 -60.02 -21.33 -2.84
N GLY C 149 -58.77 -20.87 -2.95
CA GLY C 149 -58.13 -20.14 -1.86
C GLY C 149 -58.67 -18.76 -1.47
N ASN C 150 -58.78 -18.53 -0.16
CA ASN C 150 -59.36 -17.30 0.41
C ASN C 150 -58.51 -16.68 1.52
N ALA C 151 -59.13 -15.81 2.31
CA ALA C 151 -58.47 -15.07 3.39
C ALA C 151 -58.03 -15.94 4.56
N ASN C 152 -58.74 -17.05 4.77
CA ASN C 152 -58.41 -17.99 5.82
C ASN C 152 -57.83 -19.25 5.25
N THR C 153 -57.72 -19.34 3.93
CA THR C 153 -57.16 -20.55 3.31
C THR C 153 -56.25 -20.30 2.13
N VAL C 154 -54.98 -20.67 2.27
CA VAL C 154 -54.07 -20.65 1.12
C VAL C 154 -53.53 -22.03 0.76
N TRP C 155 -53.70 -22.38 -0.51
CA TRP C 155 -53.15 -23.60 -1.11
C TRP C 155 -51.73 -23.32 -1.61
N VAL C 156 -50.89 -24.34 -1.50
CA VAL C 156 -49.50 -24.26 -1.92
C VAL C 156 -49.12 -25.49 -2.76
N ASP C 157 -48.23 -25.31 -3.74
CA ASP C 157 -47.86 -26.41 -4.68
C ASP C 157 -46.74 -27.32 -4.18
N TYR C 158 -46.52 -27.37 -2.87
CA TYR C 158 -45.47 -28.21 -2.35
C TYR C 158 -46.03 -29.26 -1.36
N PRO C 159 -46.49 -30.41 -1.91
CA PRO C 159 -47.02 -31.50 -1.10
C PRO C 159 -46.33 -31.64 0.26
N ASN C 160 -45.01 -31.80 0.30
CA ASN C 160 -44.31 -31.97 1.57
C ASN C 160 -44.32 -30.79 2.58
N ILE C 161 -44.91 -29.64 2.23
CA ILE C 161 -44.86 -28.48 3.15
C ILE C 161 -45.31 -28.93 4.53
N VAL C 162 -46.44 -29.64 4.56
CA VAL C 162 -47.07 -30.08 5.81
C VAL C 162 -46.10 -30.92 6.64
N ARG C 163 -45.13 -31.52 5.97
CA ARG C 163 -44.21 -32.47 6.61
C ARG C 163 -42.86 -31.81 6.99
N VAL C 164 -42.62 -30.58 6.53
CA VAL C 164 -41.33 -29.86 6.76
C VAL C 164 -41.36 -28.57 7.60
N VAL C 165 -42.52 -27.95 7.78
CA VAL C 165 -42.61 -26.81 8.71
C VAL C 165 -43.13 -27.24 10.09
N PRO C 166 -42.25 -27.16 11.11
CA PRO C 166 -42.69 -27.56 12.43
C PRO C 166 -43.51 -26.46 13.09
N VAL C 167 -44.12 -26.78 14.23
CA VAL C 167 -44.83 -25.82 15.04
C VAL C 167 -43.86 -24.71 15.44
N GLY C 168 -44.28 -23.47 15.21
CA GLY C 168 -43.46 -22.32 15.50
C GLY C 168 -42.63 -21.95 14.29
N GLY C 169 -42.89 -22.62 13.17
CA GLY C 169 -42.16 -22.39 11.93
C GLY C 169 -42.82 -21.32 11.08
N ARG C 170 -41.99 -20.54 10.37
CA ARG C 170 -42.46 -19.36 9.66
C ARG C 170 -42.61 -19.62 8.17
N ILE C 171 -43.66 -19.04 7.57
CA ILE C 171 -43.97 -19.21 6.15
C ILE C 171 -44.18 -17.83 5.54
N TYR C 172 -43.28 -17.47 4.65
CA TYR C 172 -43.31 -16.15 4.06
C TYR C 172 -44.01 -16.25 2.72
N ILE C 173 -44.87 -15.27 2.43
CA ILE C 173 -45.57 -15.25 1.16
C ILE C 173 -45.39 -13.92 0.44
N ASP C 174 -45.08 -14.00 -0.85
CA ASP C 174 -45.01 -12.86 -1.74
C ASP C 174 -43.86 -11.93 -1.38
N ASP C 175 -42.66 -12.28 -1.87
CA ASP C 175 -41.47 -11.45 -1.72
C ASP C 175 -41.33 -11.15 -0.22
N GLY C 176 -41.61 -12.16 0.60
CA GLY C 176 -41.52 -12.07 2.05
C GLY C 176 -42.33 -10.98 2.75
N LEU C 177 -43.34 -10.45 2.06
CA LEU C 177 -44.12 -9.39 2.67
C LEU C 177 -45.24 -9.94 3.56
N ILE C 178 -45.57 -11.22 3.39
CA ILE C 178 -46.58 -11.92 4.17
C ILE C 178 -45.90 -12.96 5.04
N SER C 179 -46.47 -13.21 6.21
CA SER C 179 -45.75 -13.90 7.27
C SER C 179 -46.71 -14.72 8.10
N LEU C 180 -46.57 -16.04 7.95
CA LEU C 180 -47.38 -16.98 8.71
C LEU C 180 -46.53 -17.81 9.67
N VAL C 181 -47.08 -18.13 10.86
CA VAL C 181 -46.41 -18.95 11.87
C VAL C 181 -47.26 -20.17 12.29
N VAL C 182 -46.72 -21.36 12.04
CA VAL C 182 -47.44 -22.61 12.28
C VAL C 182 -47.71 -22.82 13.75
N GLN C 183 -48.98 -22.93 14.13
CA GLN C 183 -49.29 -23.27 15.53
C GLN C 183 -49.74 -24.72 15.76
N LYS C 184 -50.63 -25.20 14.90
CA LYS C 184 -50.99 -26.61 14.92
C LYS C 184 -50.74 -27.28 13.59
N ILE C 185 -50.15 -28.45 13.67
CA ILE C 185 -50.09 -29.37 12.55
C ILE C 185 -51.35 -30.22 12.65
N GLY C 186 -51.80 -30.77 11.52
CA GLY C 186 -53.01 -31.60 11.52
C GLY C 186 -53.04 -32.55 10.35
N PRO C 187 -54.13 -33.34 10.21
CA PRO C 187 -54.20 -34.28 9.10
C PRO C 187 -54.51 -33.60 7.77
N GLU C 188 -55.26 -32.51 7.79
CA GLU C 188 -55.62 -31.83 6.53
C GLU C 188 -54.97 -30.44 6.31
N GLY C 189 -53.77 -30.26 6.88
CA GLY C 189 -53.04 -29.01 6.66
C GLY C 189 -52.42 -28.35 7.89
N LEU C 190 -51.76 -27.24 7.65
CA LEU C 190 -51.05 -26.50 8.70
C LEU C 190 -51.90 -25.36 9.31
N VAL C 191 -52.25 -25.46 10.57
CA VAL C 191 -53.00 -24.38 11.20
C VAL C 191 -52.01 -23.29 11.53
N THR C 192 -52.17 -22.15 10.87
CA THR C 192 -51.23 -21.05 11.02
C THR C 192 -51.90 -19.81 11.58
N GLN C 193 -51.11 -18.95 12.20
CA GLN C 193 -51.58 -17.64 12.64
C GLN C 193 -50.84 -16.61 11.80
N VAL C 194 -51.58 -15.66 11.24
CA VAL C 194 -51.00 -14.58 10.44
C VAL C 194 -50.20 -13.61 11.32
N GLU C 195 -48.88 -13.60 11.11
CA GLU C 195 -47.96 -12.78 11.90
C GLU C 195 -47.75 -11.40 11.27
N ASN C 196 -47.43 -11.39 9.97
CA ASN C 196 -47.51 -10.18 9.18
C ASN C 196 -48.57 -10.42 8.14
N GLY C 197 -49.55 -9.53 8.10
CA GLY C 197 -50.59 -9.57 7.09
C GLY C 197 -50.22 -8.69 5.92
N GLY C 198 -51.19 -8.51 5.02
CA GLY C 198 -51.04 -7.78 3.76
C GLY C 198 -51.96 -8.37 2.71
N VAL C 199 -51.98 -7.74 1.54
CA VAL C 199 -52.86 -8.11 0.43
C VAL C 199 -52.23 -9.16 -0.48
N LEU C 200 -52.94 -10.27 -0.68
CA LEU C 200 -52.43 -11.46 -1.37
C LEU C 200 -53.12 -11.72 -2.69
N GLY C 201 -52.34 -12.10 -3.69
CA GLY C 201 -52.87 -12.47 -4.99
C GLY C 201 -52.59 -13.93 -5.31
N SER C 202 -52.61 -14.26 -6.59
CA SER C 202 -52.59 -15.64 -6.96
C SER C 202 -51.19 -16.05 -7.35
N ARG C 203 -50.84 -17.29 -7.00
CA ARG C 203 -49.56 -17.89 -7.42
C ARG C 203 -48.36 -17.11 -6.92
N LYS C 204 -48.31 -16.85 -5.63
CA LYS C 204 -47.19 -16.06 -5.17
C LYS C 204 -46.09 -16.85 -4.50
N GLY C 205 -44.86 -16.39 -4.63
CA GLY C 205 -43.71 -17.17 -4.15
C GLY C 205 -43.76 -17.38 -2.65
N VAL C 206 -43.42 -18.58 -2.20
CA VAL C 206 -43.37 -18.91 -0.78
C VAL C 206 -41.91 -19.18 -0.40
N ASN C 207 -41.46 -18.73 0.76
CA ASN C 207 -40.14 -19.13 1.22
C ASN C 207 -40.25 -19.76 2.57
N LEU C 208 -39.40 -20.77 2.78
CA LEU C 208 -39.36 -21.53 4.02
C LEU C 208 -37.98 -21.51 4.71
N PRO C 209 -37.61 -20.35 5.32
CA PRO C 209 -36.29 -20.38 5.99
C PRO C 209 -36.33 -21.36 7.15
N GLY C 210 -35.18 -21.87 7.54
CA GLY C 210 -35.12 -22.71 8.72
C GLY C 210 -35.64 -24.12 8.46
N ALA C 211 -36.47 -24.27 7.44
CA ALA C 211 -36.88 -25.59 6.97
C ALA C 211 -35.96 -26.05 5.85
N GLN C 212 -35.34 -27.22 6.03
CA GLN C 212 -34.57 -27.84 4.94
C GLN C 212 -35.58 -28.26 3.85
N VAL C 213 -35.51 -27.65 2.68
CA VAL C 213 -36.48 -27.96 1.62
C VAL C 213 -35.94 -29.13 0.78
N ASP C 214 -36.59 -30.29 0.91
CA ASP C 214 -36.09 -31.54 0.31
C ASP C 214 -36.44 -31.68 -1.17
N LEU C 215 -37.09 -30.65 -1.69
CA LEU C 215 -37.38 -30.54 -3.12
C LEU C 215 -36.07 -30.64 -3.92
N PRO C 216 -36.10 -31.34 -5.08
CA PRO C 216 -34.88 -31.45 -5.89
C PRO C 216 -34.53 -30.13 -6.57
N GLY C 217 -33.23 -29.95 -6.85
CA GLY C 217 -32.77 -28.78 -7.55
C GLY C 217 -33.21 -28.88 -9.00
N LEU C 218 -33.45 -30.11 -9.46
CA LEU C 218 -33.86 -30.34 -10.85
C LEU C 218 -35.03 -31.31 -10.93
N SER C 219 -36.19 -30.75 -11.24
CA SER C 219 -37.43 -31.50 -11.30
C SER C 219 -37.63 -32.04 -12.71
N GLU C 220 -38.63 -32.87 -12.90
CA GLU C 220 -38.93 -33.34 -14.24
C GLU C 220 -39.06 -32.14 -15.21
N GLN C 221 -39.81 -31.11 -14.83
CA GLN C 221 -39.94 -29.91 -15.68
C GLN C 221 -38.60 -29.19 -16.00
N ASP C 222 -37.80 -28.87 -14.98
CA ASP C 222 -36.50 -28.28 -15.23
C ASP C 222 -35.78 -29.04 -16.35
N VAL C 223 -35.58 -30.34 -16.18
CA VAL C 223 -34.94 -31.18 -17.19
C VAL C 223 -35.56 -30.93 -18.58
N ARG C 224 -36.88 -30.99 -18.68
CA ARG C 224 -37.57 -30.66 -19.93
C ARG C 224 -37.18 -29.25 -20.38
N ASP C 225 -37.21 -28.30 -19.45
CA ASP C 225 -36.89 -26.93 -19.79
C ASP C 225 -35.49 -26.85 -20.34
N LEU C 226 -34.57 -27.57 -19.70
CA LEU C 226 -33.18 -27.51 -20.13
C LEU C 226 -33.04 -28.09 -21.54
N ARG C 227 -33.61 -29.27 -21.76
CA ARG C 227 -33.56 -29.86 -23.10
C ARG C 227 -34.06 -28.84 -24.12
N PHE C 228 -35.12 -28.11 -23.76
CA PHE C 228 -35.69 -27.09 -24.63
C PHE C 228 -34.62 -26.07 -24.99
N GLY C 229 -33.88 -25.62 -23.98
CA GLY C 229 -32.80 -24.64 -24.16
C GLY C 229 -31.75 -25.15 -25.11
N VAL C 230 -31.42 -26.44 -25.03
CA VAL C 230 -30.45 -27.00 -25.96
C VAL C 230 -31.00 -26.84 -27.36
N GLU C 231 -32.18 -27.42 -27.63
CA GLU C 231 -32.82 -27.40 -28.96
C GLU C 231 -32.94 -25.99 -29.58
N HIS C 232 -33.12 -24.95 -28.78
CA HIS C 232 -33.31 -23.62 -29.35
C HIS C 232 -32.06 -22.79 -29.27
N GLY C 233 -30.98 -23.43 -28.84
CA GLY C 233 -29.66 -22.83 -28.87
C GLY C 233 -29.47 -21.67 -27.92
N VAL C 234 -30.10 -21.74 -26.74
CA VAL C 234 -29.79 -20.75 -25.71
C VAL C 234 -28.29 -20.80 -25.40
N ASP C 235 -27.76 -19.70 -24.87
CA ASP C 235 -26.32 -19.54 -24.70
C ASP C 235 -25.84 -19.80 -23.27
N ILE C 236 -26.75 -19.64 -22.32
CA ILE C 236 -26.42 -19.52 -20.90
C ILE C 236 -27.60 -20.05 -20.10
N VAL C 237 -27.31 -20.80 -19.05
CA VAL C 237 -28.33 -21.25 -18.11
C VAL C 237 -28.12 -20.55 -16.78
N PHE C 238 -29.09 -19.76 -16.35
CA PHE C 238 -29.06 -19.26 -14.98
C PHE C 238 -29.73 -20.36 -14.16
N ALA C 239 -28.95 -21.15 -13.41
CA ALA C 239 -29.52 -22.28 -12.66
C ALA C 239 -30.02 -21.86 -11.28
N SER C 240 -31.32 -21.99 -11.05
CA SER C 240 -31.93 -21.58 -9.78
C SER C 240 -31.65 -22.54 -8.64
N PHE C 241 -31.71 -21.98 -7.44
CA PHE C 241 -31.52 -22.62 -6.17
C PHE C 241 -30.33 -23.58 -6.01
N VAL C 242 -29.17 -23.15 -6.50
CA VAL C 242 -27.99 -24.03 -6.49
C VAL C 242 -27.41 -24.10 -5.09
N ARG C 243 -27.45 -25.29 -4.48
CA ARG C 243 -27.00 -25.44 -3.09
C ARG C 243 -25.67 -26.15 -2.89
N LYS C 244 -25.18 -26.84 -3.92
CA LYS C 244 -23.99 -27.69 -3.78
C LYS C 244 -23.52 -28.11 -5.17
N ALA C 245 -22.26 -28.49 -5.29
CA ALA C 245 -21.64 -28.88 -6.57
C ALA C 245 -22.46 -29.84 -7.43
N SER C 246 -22.99 -30.91 -6.82
CA SER C 246 -23.80 -31.88 -7.55
C SER C 246 -24.99 -31.22 -8.29
N ASP C 247 -25.45 -30.06 -7.80
CA ASP C 247 -26.59 -29.39 -8.40
C ASP C 247 -26.22 -28.96 -9.80
N VAL C 248 -24.99 -28.47 -9.98
CA VAL C 248 -24.57 -28.08 -11.32
C VAL C 248 -24.18 -29.27 -12.20
N ALA C 249 -23.65 -30.31 -11.57
CA ALA C 249 -23.45 -31.57 -12.27
C ALA C 249 -24.79 -32.01 -12.87
N ALA C 250 -25.85 -31.98 -12.06
CA ALA C 250 -27.19 -32.35 -12.54
C ALA C 250 -27.61 -31.50 -13.74
N VAL C 251 -27.47 -30.17 -13.62
CA VAL C 251 -27.74 -29.27 -14.74
C VAL C 251 -26.94 -29.71 -15.98
N ARG C 252 -25.64 -29.98 -15.77
CA ARG C 252 -24.76 -30.43 -16.85
C ARG C 252 -25.29 -31.68 -17.52
N ALA C 253 -25.65 -32.70 -16.73
CA ALA C 253 -26.19 -33.96 -17.30
C ALA C 253 -27.44 -33.68 -18.15
N ALA C 254 -28.36 -32.91 -17.59
CA ALA C 254 -29.62 -32.57 -18.25
C ALA C 254 -29.37 -31.85 -19.56
N LEU C 255 -28.46 -30.87 -19.51
CA LEU C 255 -28.07 -30.09 -20.70
C LEU C 255 -27.66 -31.04 -21.83
N GLY C 256 -27.18 -32.22 -21.44
CA GLY C 256 -26.81 -33.23 -22.40
C GLY C 256 -25.60 -32.85 -23.22
N PRO C 257 -25.18 -33.75 -24.11
CA PRO C 257 -23.96 -33.58 -24.88
C PRO C 257 -24.11 -32.52 -25.97
N GLU C 258 -25.33 -32.34 -26.50
CA GLU C 258 -25.58 -31.29 -27.49
C GLU C 258 -25.33 -29.90 -26.91
N GLY C 259 -24.97 -29.81 -25.62
CA GLY C 259 -24.79 -28.53 -24.96
C GLY C 259 -23.67 -28.29 -23.97
N HIS C 260 -22.47 -28.78 -24.28
CA HIS C 260 -21.28 -28.42 -23.48
C HIS C 260 -20.94 -26.96 -23.60
N GLY C 261 -21.29 -26.36 -24.73
CA GLY C 261 -20.83 -25.02 -25.06
C GLY C 261 -21.51 -24.01 -24.17
N ILE C 262 -22.70 -24.38 -23.70
CA ILE C 262 -23.53 -23.52 -22.88
C ILE C 262 -22.87 -23.23 -21.55
N LYS C 263 -22.70 -21.94 -21.27
CA LYS C 263 -22.22 -21.47 -19.96
C LYS C 263 -23.29 -21.62 -18.89
N ILE C 264 -22.86 -22.14 -17.75
CA ILE C 264 -23.75 -22.39 -16.61
C ILE C 264 -23.48 -21.38 -15.50
N ILE C 265 -24.49 -20.63 -15.10
CA ILE C 265 -24.32 -19.61 -14.07
C ILE C 265 -25.13 -20.03 -12.84
N SER C 266 -24.49 -20.39 -11.75
CA SER C 266 -25.27 -20.82 -10.60
C SER C 266 -25.82 -19.63 -9.85
N LYS C 267 -27.13 -19.64 -9.62
CA LYS C 267 -27.73 -18.57 -8.85
C LYS C 267 -27.67 -19.00 -7.39
N ILE C 268 -27.21 -18.08 -6.53
CA ILE C 268 -27.05 -18.35 -5.12
C ILE C 268 -28.19 -17.64 -4.42
N GLU C 269 -29.13 -18.43 -3.92
CA GLU C 269 -30.41 -17.92 -3.46
C GLU C 269 -30.70 -18.22 -1.96
N ASN C 270 -29.79 -18.92 -1.28
CA ASN C 270 -30.06 -19.28 0.11
C ASN C 270 -28.83 -19.46 0.96
N HIS C 271 -29.03 -19.72 2.26
CA HIS C 271 -27.95 -19.86 3.20
C HIS C 271 -27.00 -20.99 2.84
N GLU C 272 -27.53 -22.18 2.54
CA GLU C 272 -26.65 -23.28 2.23
C GLU C 272 -25.78 -22.96 1.03
N GLY C 273 -26.40 -22.35 0.03
CA GLY C 273 -25.69 -21.92 -1.16
C GLY C 273 -24.58 -20.94 -0.81
N VAL C 274 -24.86 -20.04 0.12
CA VAL C 274 -23.85 -19.09 0.52
C VAL C 274 -22.73 -19.86 1.22
N LYS C 275 -23.08 -20.79 2.07
CA LYS C 275 -22.07 -21.54 2.80
C LYS C 275 -21.19 -22.47 1.96
N ARG C 276 -21.73 -23.00 0.88
CA ARG C 276 -20.96 -23.92 0.06
C ARG C 276 -20.50 -23.28 -1.23
N PHE C 277 -20.51 -21.95 -1.20
CA PHE C 277 -20.14 -21.14 -2.32
C PHE C 277 -18.84 -21.56 -3.00
N ASP C 278 -17.79 -21.78 -2.23
CA ASP C 278 -16.51 -22.16 -2.82
C ASP C 278 -16.65 -23.39 -3.71
N GLU C 279 -17.35 -24.41 -3.24
CA GLU C 279 -17.44 -25.64 -4.00
C GLU C 279 -18.26 -25.37 -5.26
N ILE C 280 -19.32 -24.60 -5.12
CA ILE C 280 -20.18 -24.19 -6.25
C ILE C 280 -19.44 -23.38 -7.32
N LEU C 281 -18.52 -22.51 -6.92
CA LEU C 281 -17.85 -21.67 -7.90
C LEU C 281 -16.91 -22.48 -8.76
N GLU C 282 -16.12 -23.31 -8.10
CA GLU C 282 -15.12 -24.13 -8.77
C GLU C 282 -15.70 -24.92 -9.94
N VAL C 283 -16.99 -25.23 -9.82
CA VAL C 283 -17.65 -26.12 -10.73
C VAL C 283 -18.59 -25.41 -11.74
N SER C 284 -18.82 -24.13 -11.51
CA SER C 284 -19.68 -23.30 -12.37
C SER C 284 -18.88 -22.35 -13.23
N ASP C 285 -19.47 -21.85 -14.30
CA ASP C 285 -18.78 -20.90 -15.16
C ASP C 285 -18.85 -19.50 -14.56
N GLY C 286 -19.82 -19.29 -13.67
CA GLY C 286 -20.01 -18.00 -13.02
C GLY C 286 -21.09 -18.05 -11.96
N ILE C 287 -21.43 -16.89 -11.42
CA ILE C 287 -22.35 -16.83 -10.28
C ILE C 287 -23.37 -15.72 -10.47
N MET C 288 -24.59 -15.95 -9.95
CA MET C 288 -25.64 -14.93 -9.83
C MET C 288 -25.97 -14.69 -8.35
N VAL C 289 -25.76 -13.47 -7.88
CA VAL C 289 -26.13 -13.11 -6.52
C VAL C 289 -27.63 -12.89 -6.59
N ALA C 290 -28.36 -13.94 -6.27
CA ALA C 290 -29.81 -13.92 -6.45
C ALA C 290 -30.49 -13.21 -5.25
N ARG C 291 -30.45 -11.88 -5.27
CA ARG C 291 -30.80 -11.13 -4.05
C ARG C 291 -32.24 -11.33 -3.57
N GLY C 292 -33.19 -11.45 -4.51
CA GLY C 292 -34.63 -11.68 -4.22
C GLY C 292 -34.85 -12.77 -3.16
N ASP C 293 -34.62 -14.03 -3.52
CA ASP C 293 -34.70 -15.16 -2.59
C ASP C 293 -33.69 -15.02 -1.43
N LEU C 294 -32.46 -14.64 -1.76
CA LEU C 294 -31.43 -14.55 -0.73
C LEU C 294 -31.94 -13.60 0.34
N GLY C 295 -32.61 -12.55 -0.10
CA GLY C 295 -33.10 -11.51 0.79
C GLY C 295 -34.24 -11.94 1.67
N ILE C 296 -34.70 -13.18 1.51
CA ILE C 296 -35.81 -13.70 2.28
C ILE C 296 -35.34 -14.89 3.10
N GLU C 297 -34.40 -15.65 2.54
CA GLU C 297 -33.83 -16.83 3.17
C GLU C 297 -32.87 -16.45 4.29
N ILE C 298 -32.12 -15.38 4.09
CA ILE C 298 -31.29 -14.84 5.16
C ILE C 298 -31.84 -13.46 5.50
N PRO C 299 -31.48 -12.93 6.69
CA PRO C 299 -31.97 -11.57 7.04
C PRO C 299 -31.60 -10.51 6.02
N ALA C 300 -32.53 -9.60 5.73
CA ALA C 300 -32.31 -8.54 4.74
C ALA C 300 -31.05 -7.71 5.02
N GLU C 301 -30.72 -7.48 6.28
CA GLU C 301 -29.48 -6.79 6.69
C GLU C 301 -28.22 -7.46 6.20
N LYS C 302 -28.28 -8.73 5.81
CA LYS C 302 -27.04 -9.49 5.57
C LYS C 302 -26.69 -9.71 4.12
N VAL C 303 -27.64 -9.49 3.21
CA VAL C 303 -27.42 -9.70 1.78
C VAL C 303 -26.17 -8.95 1.31
N PHE C 304 -26.08 -7.65 1.61
CA PHE C 304 -24.92 -6.88 1.14
C PHE C 304 -23.59 -7.62 1.43
N LEU C 305 -23.50 -8.25 2.60
CA LEU C 305 -22.35 -9.06 2.92
C LEU C 305 -22.20 -10.26 1.98
N ALA C 306 -23.29 -10.97 1.65
CA ALA C 306 -23.13 -12.10 0.74
C ALA C 306 -22.76 -11.57 -0.64
N GLN C 307 -23.42 -10.49 -1.07
CA GLN C 307 -23.11 -9.91 -2.37
C GLN C 307 -21.65 -9.53 -2.46
N LYS C 308 -21.15 -8.78 -1.49
CA LYS C 308 -19.78 -8.29 -1.64
C LYS C 308 -18.76 -9.43 -1.57
N MET C 309 -19.05 -10.42 -0.74
CA MET C 309 -18.22 -11.63 -0.60
C MET C 309 -18.14 -12.46 -1.87
N MET C 310 -19.27 -12.68 -2.51
CA MET C 310 -19.29 -13.49 -3.71
C MET C 310 -18.62 -12.75 -4.87
N ILE C 311 -18.98 -11.47 -5.07
CA ILE C 311 -18.37 -10.67 -6.12
C ILE C 311 -16.86 -10.68 -5.94
N GLY C 312 -16.42 -10.57 -4.69
CA GLY C 312 -15.01 -10.52 -4.38
C GLY C 312 -14.38 -11.81 -4.84
N ARG C 313 -15.02 -12.93 -4.44
CA ARG C 313 -14.48 -14.26 -4.68
C ARG C 313 -14.43 -14.56 -6.16
N CYS C 314 -15.49 -14.21 -6.88
CA CYS C 314 -15.50 -14.39 -8.32
C CYS C 314 -14.38 -13.57 -8.93
N ASN C 315 -14.32 -12.28 -8.63
CA ASN C 315 -13.22 -11.47 -9.12
C ASN C 315 -11.91 -12.25 -8.96
N LEU C 316 -11.68 -12.83 -7.78
CA LEU C 316 -10.49 -13.64 -7.51
C LEU C 316 -10.38 -14.83 -8.46
N ALA C 317 -11.48 -15.57 -8.65
CA ALA C 317 -11.41 -16.80 -9.42
C ALA C 317 -11.35 -16.48 -10.91
N GLY C 318 -11.67 -15.24 -11.25
CA GLY C 318 -11.78 -14.81 -12.64
C GLY C 318 -13.02 -15.33 -13.34
N LYS C 319 -14.11 -15.49 -12.62
CA LYS C 319 -15.35 -15.97 -13.20
C LYS C 319 -16.42 -14.88 -13.20
N PRO C 320 -17.31 -14.88 -14.21
CA PRO C 320 -18.31 -13.83 -14.29
C PRO C 320 -19.17 -13.84 -13.06
N VAL C 321 -19.54 -12.66 -12.55
CA VAL C 321 -20.53 -12.60 -11.47
C VAL C 321 -21.63 -11.61 -11.79
N VAL C 322 -22.87 -12.02 -11.56
CA VAL C 322 -24.04 -11.24 -11.85
C VAL C 322 -24.67 -10.70 -10.56
N CYS C 323 -24.98 -9.41 -10.52
CA CYS C 323 -25.81 -8.84 -9.47
C CYS C 323 -27.25 -8.67 -9.92
N ALA C 324 -28.20 -9.11 -9.09
CA ALA C 324 -29.60 -9.22 -9.53
C ALA C 324 -30.68 -8.74 -8.57
N THR C 325 -31.80 -8.30 -9.15
CA THR C 325 -33.08 -8.18 -8.47
C THR C 325 -33.27 -6.88 -7.75
N GLN C 326 -34.31 -6.17 -8.16
CA GLN C 326 -34.71 -4.88 -7.55
C GLN C 326 -33.66 -3.77 -7.70
N MET C 327 -32.76 -3.88 -8.67
CA MET C 327 -31.78 -2.82 -8.76
C MET C 327 -32.44 -1.49 -9.13
N LEU C 328 -33.63 -1.55 -9.72
CA LEU C 328 -34.33 -0.33 -10.14
C LEU C 328 -35.89 -0.49 -10.03
N GLU C 329 -36.39 -1.11 -8.95
CA GLU C 329 -37.83 -1.45 -8.83
C GLU C 329 -38.79 -0.33 -9.07
N SER C 330 -38.50 0.83 -8.50
CA SER C 330 -39.44 1.94 -8.63
C SER C 330 -39.75 2.21 -10.11
N MET C 331 -38.79 1.88 -10.99
CA MET C 331 -38.97 2.09 -12.42
C MET C 331 -40.02 1.21 -13.07
N ILE C 332 -40.38 0.11 -12.42
CA ILE C 332 -41.54 -0.66 -12.87
C ILE C 332 -42.74 0.29 -13.02
N THR C 333 -42.73 1.38 -12.27
CA THR C 333 -43.92 2.17 -12.13
C THR C 333 -43.68 3.66 -12.36
N LYS C 334 -42.41 4.05 -12.33
CA LYS C 334 -42.04 5.45 -12.41
C LYS C 334 -40.94 5.66 -13.39
N PRO C 335 -40.91 6.83 -14.06
CA PRO C 335 -39.91 7.08 -15.09
C PRO C 335 -38.50 7.39 -14.53
N ARG C 336 -38.39 7.62 -13.22
CA ARG C 336 -37.10 7.92 -12.62
C ARG C 336 -36.80 6.98 -11.45
N PRO C 337 -35.53 6.62 -11.26
CA PRO C 337 -35.22 5.72 -10.14
C PRO C 337 -35.09 6.48 -8.81
N THR C 338 -35.15 5.74 -7.71
CA THR C 338 -35.03 6.37 -6.40
C THR C 338 -33.54 6.57 -6.21
N ARG C 339 -33.13 7.41 -5.26
CA ARG C 339 -31.70 7.59 -5.05
C ARG C 339 -30.97 6.31 -4.58
N ALA C 340 -31.66 5.36 -3.96
CA ALA C 340 -30.99 4.13 -3.51
C ALA C 340 -30.69 3.23 -4.69
N GLU C 341 -31.51 3.34 -5.74
CA GLU C 341 -31.43 2.41 -6.84
C GLU C 341 -30.18 2.76 -7.65
N THR C 342 -30.04 4.07 -7.86
CA THR C 342 -28.90 4.63 -8.56
C THR C 342 -27.61 4.19 -7.88
N SER C 343 -27.54 4.43 -6.58
CA SER C 343 -26.37 4.02 -5.85
C SER C 343 -26.24 2.47 -5.82
N ASP C 344 -27.35 1.74 -5.84
CA ASP C 344 -27.21 0.31 -5.90
C ASP C 344 -26.43 -0.16 -7.14
N VAL C 345 -26.82 0.36 -8.29
CA VAL C 345 -26.15 -0.02 -9.53
C VAL C 345 -24.66 0.36 -9.40
N ALA C 346 -24.35 1.65 -9.15
CA ALA C 346 -22.97 2.08 -9.06
C ALA C 346 -22.20 1.16 -8.16
N ASN C 347 -22.68 0.92 -6.94
CA ASN C 347 -21.97 0.04 -6.01
C ASN C 347 -21.86 -1.43 -6.46
N ALA C 348 -22.78 -1.95 -7.28
CA ALA C 348 -22.59 -3.30 -7.81
C ALA C 348 -21.34 -3.28 -8.70
N VAL C 349 -21.17 -2.19 -9.43
CA VAL C 349 -20.11 -2.08 -10.38
C VAL C 349 -18.83 -1.92 -9.60
N LEU C 350 -18.86 -1.04 -8.59
CA LEU C 350 -17.70 -0.75 -7.79
C LEU C 350 -17.36 -1.99 -6.99
N ASP C 351 -18.36 -2.78 -6.63
CA ASP C 351 -18.13 -4.04 -5.95
C ASP C 351 -17.29 -4.91 -6.88
N GLY C 352 -17.63 -4.92 -8.15
CA GLY C 352 -16.84 -5.62 -9.15
C GLY C 352 -17.65 -6.62 -9.95
N ALA C 353 -18.91 -6.31 -10.18
CA ALA C 353 -19.83 -7.24 -10.81
C ALA C 353 -19.64 -7.24 -12.29
N ASP C 354 -19.68 -8.41 -12.89
CA ASP C 354 -19.60 -8.45 -14.35
C ASP C 354 -20.87 -7.96 -15.05
N CYS C 355 -22.02 -8.43 -14.57
CA CYS C 355 -23.31 -8.03 -15.15
C CYS C 355 -24.26 -7.48 -14.11
N ILE C 356 -25.15 -6.60 -14.53
CA ILE C 356 -26.26 -6.17 -13.69
C ILE C 356 -27.58 -6.58 -14.35
N MET C 357 -28.60 -6.91 -13.57
CA MET C 357 -29.84 -7.46 -14.14
C MET C 357 -31.02 -6.52 -13.95
N LEU C 358 -32.11 -6.78 -14.69
CA LEU C 358 -33.40 -6.13 -14.49
C LEU C 358 -34.47 -7.23 -14.54
N SER C 359 -35.52 -7.09 -13.75
CA SER C 359 -36.57 -8.08 -13.87
C SER C 359 -37.90 -7.41 -14.09
N GLY C 360 -38.63 -7.15 -13.03
CA GLY C 360 -39.86 -6.41 -13.17
C GLY C 360 -39.69 -5.22 -14.09
N GLU C 361 -38.54 -4.55 -13.98
CA GLU C 361 -38.33 -3.29 -14.68
C GLU C 361 -38.44 -3.44 -16.17
N THR C 362 -38.04 -4.58 -16.70
CA THR C 362 -38.17 -4.80 -18.17
C THR C 362 -39.22 -5.83 -18.53
N ALA C 363 -39.59 -6.70 -17.62
CA ALA C 363 -40.58 -7.72 -17.94
C ALA C 363 -42.04 -7.22 -17.98
N LYS C 364 -42.44 -6.39 -17.02
CA LYS C 364 -43.83 -5.94 -16.97
C LYS C 364 -44.03 -4.44 -16.81
N GLY C 365 -42.99 -3.73 -16.41
CA GLY C 365 -43.14 -2.34 -16.05
C GLY C 365 -43.44 -1.43 -17.22
N ASN C 366 -43.72 -0.18 -16.90
CA ASN C 366 -44.10 0.77 -17.92
C ASN C 366 -42.93 1.50 -18.54
N PHE C 367 -41.70 1.22 -18.06
CA PHE C 367 -40.52 1.87 -18.62
C PHE C 367 -39.32 0.96 -18.88
N PRO C 368 -39.50 -0.12 -19.66
CA PRO C 368 -38.40 -1.09 -19.80
C PRO C 368 -37.16 -0.47 -20.46
N VAL C 369 -37.40 0.34 -21.51
CA VAL C 369 -36.30 0.97 -22.21
C VAL C 369 -35.63 1.98 -21.32
N GLU C 370 -36.42 2.88 -20.73
CA GLU C 370 -35.83 3.83 -19.78
C GLU C 370 -34.97 3.10 -18.71
N ALA C 371 -35.49 1.98 -18.19
CA ALA C 371 -34.77 1.15 -17.20
C ALA C 371 -33.41 0.66 -17.74
N VAL C 372 -33.38 0.22 -18.99
CA VAL C 372 -32.12 -0.20 -19.57
C VAL C 372 -31.21 1.00 -19.74
N LYS C 373 -31.72 2.11 -20.31
CA LYS C 373 -30.89 3.30 -20.44
C LYS C 373 -30.25 3.72 -19.11
N MET C 374 -30.99 3.60 -18.01
CA MET C 374 -30.42 3.98 -16.69
C MET C 374 -29.26 3.07 -16.28
N GLN C 375 -29.43 1.75 -16.32
CA GLN C 375 -28.28 0.90 -15.98
C GLN C 375 -27.10 1.25 -16.87
N HIS C 376 -27.36 1.51 -18.15
CA HIS C 376 -26.29 2.00 -19.04
C HIS C 376 -25.60 3.24 -18.49
N ALA C 377 -26.34 4.28 -18.15
CA ALA C 377 -25.76 5.58 -17.76
C ALA C 377 -24.96 5.46 -16.46
N ILE C 378 -25.54 4.79 -15.47
CA ILE C 378 -24.86 4.59 -14.19
C ILE C 378 -23.60 3.76 -14.36
N ALA C 379 -23.68 2.63 -15.07
CA ALA C 379 -22.49 1.76 -15.17
C ALA C 379 -21.29 2.47 -15.78
N ARG C 380 -21.52 3.37 -16.73
CA ARG C 380 -20.43 4.13 -17.32
C ARG C 380 -19.74 5.00 -16.31
N GLU C 381 -20.52 5.75 -15.51
CA GLU C 381 -19.93 6.57 -14.47
C GLU C 381 -19.14 5.70 -13.51
N ALA C 382 -19.76 4.65 -12.99
CA ALA C 382 -19.15 3.83 -11.97
C ALA C 382 -17.91 3.13 -12.48
N GLU C 383 -17.97 2.58 -13.68
CA GLU C 383 -16.77 2.01 -14.30
C GLU C 383 -15.55 2.94 -14.28
N ALA C 384 -15.76 4.22 -14.61
CA ALA C 384 -14.73 5.24 -14.51
C ALA C 384 -14.21 5.49 -13.06
N ALA C 385 -14.99 5.10 -12.01
CA ALA C 385 -14.66 5.40 -10.60
C ALA C 385 -13.97 4.25 -9.89
N VAL C 386 -13.85 3.12 -10.58
CA VAL C 386 -13.05 2.02 -10.07
C VAL C 386 -11.61 2.48 -9.85
N TYR C 387 -11.09 2.22 -8.65
CA TYR C 387 -9.67 2.48 -8.31
C TYR C 387 -8.79 1.32 -8.82
N HIS C 388 -8.58 1.30 -10.13
CA HIS C 388 -7.83 0.20 -10.77
C HIS C 388 -6.49 -0.04 -10.10
N ARG C 389 -5.79 1.06 -9.79
CA ARG C 389 -4.50 0.95 -9.12
C ARG C 389 -4.56 -0.15 -8.05
N GLN C 390 -5.44 0.00 -7.05
CA GLN C 390 -5.57 -1.01 -6.00
C GLN C 390 -6.05 -2.32 -6.63
N LEU C 391 -7.09 -2.23 -7.44
CA LEU C 391 -7.74 -3.40 -7.98
C LEU C 391 -6.72 -4.28 -8.67
N PHE C 392 -6.01 -3.70 -9.64
CA PHE C 392 -5.01 -4.43 -10.38
C PHE C 392 -3.95 -4.99 -9.45
N GLU C 393 -3.41 -4.16 -8.57
CA GLU C 393 -2.37 -4.64 -7.67
C GLU C 393 -2.84 -5.88 -6.96
N GLU C 394 -4.04 -5.81 -6.39
CA GLU C 394 -4.56 -6.87 -5.55
C GLU C 394 -4.74 -8.16 -6.32
N LEU C 395 -5.26 -8.03 -7.55
CA LEU C 395 -5.47 -9.21 -8.40
C LEU C 395 -4.15 -9.91 -8.74
N ARG C 396 -3.21 -9.21 -9.36
CA ARG C 396 -1.88 -9.76 -9.58
C ARG C 396 -1.44 -10.46 -8.30
N ARG C 397 -1.38 -9.68 -7.23
CA ARG C 397 -0.86 -10.13 -5.94
C ARG C 397 -1.51 -11.44 -5.49
N ALA C 398 -2.81 -11.54 -5.72
CA ALA C 398 -3.55 -12.67 -5.20
C ALA C 398 -3.51 -13.87 -6.14
N ALA C 399 -3.66 -13.61 -7.45
CA ALA C 399 -3.62 -14.65 -8.48
C ALA C 399 -2.28 -15.41 -8.47
N PRO C 400 -2.34 -16.76 -8.45
CA PRO C 400 -1.12 -17.57 -8.41
C PRO C 400 -0.30 -17.45 -9.69
N LEU C 401 0.98 -17.79 -9.63
CA LEU C 401 1.80 -17.83 -10.82
C LEU C 401 1.03 -18.60 -11.85
N SER C 402 1.47 -18.55 -13.10
CA SER C 402 0.79 -19.29 -14.16
C SER C 402 1.73 -19.64 -15.26
N ARG C 403 1.45 -20.76 -15.90
CA ARG C 403 2.32 -21.31 -16.92
C ARG C 403 1.58 -21.32 -18.27
N ASP C 404 0.29 -21.02 -18.23
CA ASP C 404 -0.52 -20.96 -19.45
C ASP C 404 -0.22 -19.70 -20.26
N PRO C 405 0.42 -19.86 -21.42
CA PRO C 405 0.84 -18.74 -22.22
C PRO C 405 -0.26 -17.71 -22.41
N THR C 406 -1.51 -18.15 -22.49
CA THR C 406 -2.64 -17.25 -22.68
C THR C 406 -2.81 -16.27 -21.51
N GLU C 407 -2.81 -16.79 -20.28
CA GLU C 407 -2.83 -15.94 -19.09
C GLU C 407 -1.64 -15.00 -19.15
N VAL C 408 -0.47 -15.57 -19.39
CA VAL C 408 0.77 -14.82 -19.40
C VAL C 408 0.69 -13.62 -20.33
N THR C 409 0.09 -13.80 -21.49
CA THR C 409 -0.02 -12.74 -22.47
C THR C 409 -1.07 -11.74 -22.04
N ALA C 410 -2.15 -12.25 -21.45
CA ALA C 410 -3.23 -11.43 -20.96
C ALA C 410 -2.70 -10.38 -19.98
N ILE C 411 -2.13 -10.82 -18.88
CA ILE C 411 -1.59 -9.89 -17.87
C ILE C 411 -0.56 -8.93 -18.48
N GLY C 412 0.30 -9.45 -19.37
CA GLY C 412 1.23 -8.60 -20.07
C GLY C 412 0.44 -7.48 -20.77
N ALA C 413 -0.61 -7.88 -21.46
CA ALA C 413 -1.36 -6.97 -22.30
C ALA C 413 -2.04 -5.91 -21.45
N VAL C 414 -2.61 -6.36 -20.34
CA VAL C 414 -3.23 -5.44 -19.42
C VAL C 414 -2.21 -4.43 -18.88
N GLU C 415 -1.03 -4.92 -18.53
CA GLU C 415 0.00 -4.06 -18.01
C GLU C 415 0.36 -3.01 -19.06
N ALA C 416 0.52 -3.44 -20.31
CA ALA C 416 0.99 -2.57 -21.36
C ALA C 416 -0.08 -1.53 -21.59
N ALA C 417 -1.33 -1.99 -21.51
CA ALA C 417 -2.47 -1.12 -21.70
C ALA C 417 -2.46 0.02 -20.68
N PHE C 418 -2.19 -0.33 -19.42
CA PHE C 418 -2.17 0.66 -18.37
C PHE C 418 -1.08 1.70 -18.60
N LYS C 419 0.10 1.26 -19.02
CA LYS C 419 1.23 2.17 -19.18
C LYS C 419 1.04 3.29 -20.21
N CYS C 420 0.22 3.06 -21.23
CA CYS C 420 0.03 4.05 -22.29
C CYS C 420 -1.42 4.55 -22.41
N CYS C 421 -2.24 4.22 -21.42
CA CYS C 421 -3.66 4.56 -21.45
C CYS C 421 -4.26 4.08 -22.76
N ALA C 422 -3.95 2.86 -23.14
CA ALA C 422 -4.48 2.31 -24.36
C ALA C 422 -5.99 2.52 -24.38
N ALA C 423 -6.52 2.92 -25.55
CA ALA C 423 -7.99 2.98 -25.69
C ALA C 423 -8.61 1.60 -25.66
N ALA C 424 -7.90 0.60 -26.17
CA ALA C 424 -8.43 -0.77 -26.23
C ALA C 424 -7.36 -1.83 -26.28
N ILE C 425 -7.76 -3.03 -25.87
CA ILE C 425 -7.02 -4.25 -26.17
C ILE C 425 -7.88 -5.03 -27.15
N ILE C 426 -7.41 -5.22 -28.38
CA ILE C 426 -8.09 -6.03 -29.38
C ILE C 426 -7.58 -7.47 -29.37
N VAL C 427 -8.47 -8.45 -29.19
CA VAL C 427 -8.06 -9.87 -29.12
C VAL C 427 -8.81 -10.71 -30.12
N LEU C 428 -8.09 -11.54 -30.88
CA LEU C 428 -8.73 -12.62 -31.62
C LEU C 428 -9.04 -13.75 -30.64
N THR C 429 -10.25 -14.29 -30.70
CA THR C 429 -10.62 -15.39 -29.82
C THR C 429 -11.66 -16.29 -30.45
N THR C 430 -11.53 -17.57 -30.20
CA THR C 430 -12.38 -18.58 -30.81
C THR C 430 -13.52 -19.03 -29.91
N THR C 431 -13.26 -19.09 -28.61
CA THR C 431 -14.22 -19.62 -27.63
C THR C 431 -14.47 -18.57 -26.58
N GLY C 432 -13.74 -17.45 -26.65
CA GLY C 432 -13.90 -16.35 -25.71
C GLY C 432 -12.83 -16.37 -24.63
N ARG C 433 -12.20 -17.55 -24.46
CA ARG C 433 -11.27 -17.70 -23.34
C ARG C 433 -10.15 -16.65 -23.24
N SER C 434 -9.50 -16.30 -24.34
CA SER C 434 -8.50 -15.23 -24.21
C SER C 434 -9.09 -13.85 -23.99
N ALA C 435 -10.30 -13.59 -24.45
CA ALA C 435 -10.94 -12.34 -24.07
C ALA C 435 -11.23 -12.37 -22.57
N GLN C 436 -11.62 -13.53 -22.05
CA GLN C 436 -11.92 -13.65 -20.62
C GLN C 436 -10.72 -13.45 -19.73
N LEU C 437 -9.58 -14.01 -20.13
CA LEU C 437 -8.40 -13.89 -19.31
C LEU C 437 -7.95 -12.44 -19.27
N LEU C 438 -8.09 -11.71 -20.36
CA LEU C 438 -7.92 -10.25 -20.27
C LEU C 438 -8.84 -9.64 -19.23
N SER C 439 -10.15 -9.85 -19.34
CA SER C 439 -11.06 -9.12 -18.47
C SER C 439 -10.91 -9.47 -17.00
N ARG C 440 -10.52 -10.72 -16.76
CA ARG C 440 -10.06 -11.22 -15.46
C ARG C 440 -9.14 -10.27 -14.68
N TYR C 441 -8.31 -9.50 -15.39
CA TYR C 441 -7.41 -8.53 -14.78
C TYR C 441 -7.97 -7.11 -14.81
N ARG C 442 -9.22 -6.98 -15.25
CA ARG C 442 -9.88 -5.68 -15.26
C ARG C 442 -9.03 -4.58 -15.87
N PRO C 443 -8.78 -4.66 -17.17
CA PRO C 443 -8.15 -3.52 -17.80
C PRO C 443 -9.14 -2.38 -17.73
N ARG C 444 -8.67 -1.15 -17.96
CA ARG C 444 -9.56 -0.04 -18.14
C ARG C 444 -9.82 0.11 -19.64
N ALA C 445 -8.77 -0.10 -20.45
CA ALA C 445 -8.96 -0.16 -21.88
C ALA C 445 -9.98 -1.24 -22.15
N ALA C 446 -10.87 -0.97 -23.11
CA ALA C 446 -11.88 -1.97 -23.49
C ALA C 446 -11.26 -3.16 -24.25
N VAL C 447 -11.76 -4.36 -23.95
CA VAL C 447 -11.35 -5.58 -24.59
C VAL C 447 -12.24 -5.83 -25.80
N ILE C 448 -11.74 -5.59 -27.01
CA ILE C 448 -12.51 -5.73 -28.23
C ILE C 448 -12.23 -7.10 -28.82
N ALA C 449 -13.19 -8.03 -28.65
CA ALA C 449 -12.99 -9.45 -29.02
C ALA C 449 -13.55 -9.73 -30.38
N VAL C 450 -12.70 -10.22 -31.26
CA VAL C 450 -13.08 -10.50 -32.63
C VAL C 450 -13.17 -12.01 -32.78
N THR C 451 -14.32 -12.48 -33.24
CA THR C 451 -14.56 -13.91 -33.31
C THR C 451 -15.46 -14.30 -34.48
N ARG C 452 -15.32 -15.53 -34.95
CA ARG C 452 -16.23 -16.03 -35.99
C ARG C 452 -17.36 -16.81 -35.38
N SER C 453 -17.24 -17.16 -34.09
CA SER C 453 -18.26 -17.97 -33.42
C SER C 453 -19.36 -17.03 -32.94
N ALA C 454 -20.48 -17.05 -33.63
CA ALA C 454 -21.62 -16.23 -33.23
C ALA C 454 -21.94 -16.42 -31.75
N GLN C 455 -21.87 -17.68 -31.29
CA GLN C 455 -22.19 -18.03 -29.92
C GLN C 455 -21.17 -17.43 -28.93
N ALA C 456 -19.90 -17.72 -29.15
CA ALA C 456 -18.88 -17.17 -28.31
C ALA C 456 -19.04 -15.63 -28.25
N ALA C 457 -19.39 -15.01 -29.36
CA ALA C 457 -19.64 -13.57 -29.39
C ALA C 457 -20.70 -13.16 -28.38
N ARG C 458 -21.70 -14.02 -28.22
CA ARG C 458 -22.80 -13.75 -27.28
C ARG C 458 -22.39 -14.04 -25.84
N GLN C 459 -21.74 -15.18 -25.60
CA GLN C 459 -21.41 -15.58 -24.22
C GLN C 459 -20.38 -14.67 -23.57
N VAL C 460 -19.59 -14.00 -24.39
CA VAL C 460 -18.57 -13.11 -23.89
C VAL C 460 -19.12 -11.94 -23.09
N HIS C 461 -20.37 -11.57 -23.32
CA HIS C 461 -21.04 -10.50 -22.52
C HIS C 461 -21.05 -10.74 -21.00
N LEU C 462 -20.81 -11.98 -20.61
CA LEU C 462 -20.72 -12.36 -19.23
C LEU C 462 -19.46 -11.79 -18.52
N CYS C 463 -18.46 -11.34 -19.29
CA CYS C 463 -17.17 -10.90 -18.74
C CYS C 463 -16.97 -9.39 -18.82
N ARG C 464 -16.86 -8.71 -17.68
CA ARG C 464 -16.77 -7.27 -17.74
C ARG C 464 -15.76 -6.79 -18.78
N GLY C 465 -16.14 -5.76 -19.53
CA GLY C 465 -15.20 -5.06 -20.35
C GLY C 465 -14.93 -5.66 -21.72
N VAL C 466 -15.62 -6.75 -22.04
CA VAL C 466 -15.47 -7.34 -23.38
C VAL C 466 -16.58 -6.88 -24.30
N PHE C 467 -16.17 -6.37 -25.46
CA PHE C 467 -17.06 -5.93 -26.49
C PHE C 467 -16.88 -6.84 -27.69
N PRO C 468 -17.85 -7.75 -27.94
CA PRO C 468 -17.60 -8.76 -28.97
C PRO C 468 -17.93 -8.21 -30.37
N LEU C 469 -17.13 -8.60 -31.35
CA LEU C 469 -17.47 -8.26 -32.71
C LEU C 469 -17.54 -9.55 -33.48
N LEU C 470 -18.67 -9.76 -34.15
CA LEU C 470 -18.82 -10.93 -34.97
C LEU C 470 -18.25 -10.67 -36.36
N TYR C 471 -17.39 -11.58 -36.80
CA TYR C 471 -16.65 -11.43 -38.06
C TYR C 471 -17.19 -12.42 -39.08
N ARG C 472 -17.54 -11.91 -40.26
CA ARG C 472 -18.36 -12.67 -41.20
C ARG C 472 -17.64 -13.15 -42.46
N GLU C 473 -16.53 -12.49 -42.83
CA GLU C 473 -15.76 -12.82 -44.07
C GLU C 473 -15.20 -14.26 -44.07
N PRO C 474 -15.13 -14.88 -45.27
CA PRO C 474 -14.53 -16.21 -45.40
C PRO C 474 -13.04 -16.12 -45.25
N PRO C 475 -12.38 -17.15 -44.65
CA PRO C 475 -10.92 -17.14 -44.44
C PRO C 475 -10.16 -16.77 -45.71
N GLU C 476 -9.10 -15.97 -45.59
CA GLU C 476 -8.13 -15.76 -46.67
C GLU C 476 -7.27 -17.01 -46.84
N ALA C 477 -6.58 -17.11 -47.97
CA ALA C 477 -5.73 -18.26 -48.22
C ALA C 477 -4.54 -18.27 -47.27
N ILE C 478 -3.84 -17.14 -47.19
CA ILE C 478 -2.70 -16.97 -46.27
C ILE C 478 -3.18 -16.61 -44.85
N TRP C 479 -3.02 -17.54 -43.91
CA TRP C 479 -3.51 -17.36 -42.53
C TRP C 479 -3.12 -16.01 -41.94
N ALA C 480 -1.84 -15.66 -41.99
CA ALA C 480 -1.37 -14.36 -41.54
C ALA C 480 -2.24 -13.18 -42.05
N ASP C 481 -2.61 -13.18 -43.32
CA ASP C 481 -3.52 -12.16 -43.86
C ASP C 481 -4.87 -12.23 -43.17
N ASP C 482 -5.37 -13.43 -42.91
CA ASP C 482 -6.69 -13.58 -42.24
C ASP C 482 -6.65 -12.95 -40.87
N VAL C 483 -5.55 -13.23 -40.16
CA VAL C 483 -5.29 -12.59 -38.87
C VAL C 483 -5.32 -11.05 -38.98
N ASP C 484 -4.56 -10.48 -39.92
CA ASP C 484 -4.51 -9.05 -40.05
C ASP C 484 -5.89 -8.43 -40.34
N ARG C 485 -6.65 -9.02 -41.27
CA ARG C 485 -7.95 -8.48 -41.66
C ARG C 485 -8.84 -8.37 -40.45
N ARG C 486 -8.76 -9.39 -39.57
CA ARG C 486 -9.54 -9.45 -38.35
C ARG C 486 -9.17 -8.34 -37.38
N VAL C 487 -7.89 -8.19 -37.14
CA VAL C 487 -7.38 -7.13 -36.28
C VAL C 487 -7.81 -5.78 -36.86
N GLN C 488 -7.62 -5.60 -38.17
CA GLN C 488 -8.09 -4.41 -38.85
C GLN C 488 -9.59 -4.24 -38.63
N PHE C 489 -10.35 -5.33 -38.73
CA PHE C 489 -11.81 -5.28 -38.56
C PHE C 489 -12.15 -4.69 -37.21
N GLY C 490 -11.48 -5.19 -36.18
CA GLY C 490 -11.59 -4.69 -34.81
C GLY C 490 -11.37 -3.18 -34.75
N ILE C 491 -10.28 -2.72 -35.36
CA ILE C 491 -9.94 -1.29 -35.40
C ILE C 491 -11.07 -0.42 -35.99
N GLU C 492 -11.46 -0.76 -37.22
CA GLU C 492 -12.52 -0.06 -37.92
C GLU C 492 -13.81 -0.04 -37.10
N SER C 493 -14.30 -1.20 -36.69
CA SER C 493 -15.47 -1.25 -35.81
C SER C 493 -15.24 -0.29 -34.66
N GLY C 494 -14.04 -0.39 -34.08
CA GLY C 494 -13.60 0.46 -32.99
C GLY C 494 -13.78 1.92 -33.33
N LYS C 495 -13.15 2.38 -34.41
CA LYS C 495 -13.29 3.77 -34.85
C LYS C 495 -14.74 4.14 -34.94
N LEU C 496 -15.54 3.36 -35.67
CA LEU C 496 -16.95 3.68 -35.93
C LEU C 496 -17.82 3.88 -34.69
N ARG C 497 -17.59 3.10 -33.64
CA ARG C 497 -18.42 3.25 -32.43
C ARG C 497 -17.80 4.20 -31.40
N GLY C 498 -16.79 4.98 -31.83
CA GLY C 498 -16.08 5.88 -30.92
C GLY C 498 -15.35 5.23 -29.74
N PHE C 499 -14.81 4.03 -29.92
CA PHE C 499 -13.93 3.41 -28.91
C PHE C 499 -12.49 3.87 -29.09
N LEU C 500 -12.10 4.18 -30.33
CA LEU C 500 -10.71 4.52 -30.65
C LEU C 500 -10.70 5.67 -31.61
N ARG C 501 -9.78 6.59 -31.39
CA ARG C 501 -9.64 7.76 -32.23
C ARG C 501 -8.23 7.74 -32.78
N VAL C 502 -8.05 8.34 -33.96
CA VAL C 502 -6.73 8.52 -34.54
C VAL C 502 -5.79 9.02 -33.45
N GLY C 503 -4.55 8.54 -33.46
CA GLY C 503 -3.59 8.90 -32.42
C GLY C 503 -3.58 8.02 -31.17
N ASP C 504 -4.67 7.28 -30.91
CA ASP C 504 -4.66 6.34 -29.79
C ASP C 504 -3.64 5.27 -30.01
N LEU C 505 -3.25 4.64 -28.91
CA LEU C 505 -2.49 3.41 -28.96
C LEU C 505 -3.43 2.27 -28.68
N VAL C 506 -3.18 1.13 -29.28
CA VAL C 506 -4.01 -0.02 -29.03
C VAL C 506 -3.11 -1.21 -28.82
N ILE C 507 -3.55 -2.15 -28.00
CA ILE C 507 -2.80 -3.37 -27.75
C ILE C 507 -3.52 -4.50 -28.47
N VAL C 508 -2.80 -5.20 -29.33
CA VAL C 508 -3.37 -6.30 -30.07
C VAL C 508 -2.86 -7.65 -29.56
N VAL C 509 -3.77 -8.58 -29.24
CA VAL C 509 -3.38 -9.88 -28.74
C VAL C 509 -3.78 -10.96 -29.72
N THR C 510 -2.82 -11.78 -30.17
CA THR C 510 -3.07 -12.85 -31.15
C THR C 510 -2.29 -14.15 -30.82
N GLY C 511 -2.17 -15.07 -31.78
CA GLY C 511 -1.51 -16.35 -31.54
C GLY C 511 -0.58 -16.83 -32.66
N TRP C 512 0.21 -17.86 -32.36
CA TRP C 512 1.25 -18.30 -33.31
C TRP C 512 0.72 -19.27 -34.36
N ARG C 513 -0.43 -19.88 -34.09
CA ARG C 513 -1.06 -20.79 -35.05
C ARG C 513 -2.58 -20.82 -34.86
N PRO C 514 -3.33 -21.31 -35.87
CA PRO C 514 -4.78 -21.37 -35.81
C PRO C 514 -5.31 -22.39 -34.80
N GLY C 515 -6.60 -22.30 -34.50
CA GLY C 515 -7.24 -23.18 -33.53
C GLY C 515 -7.20 -22.44 -32.21
N SER C 516 -8.03 -22.81 -31.25
CA SER C 516 -8.02 -22.13 -29.99
C SER C 516 -6.92 -22.68 -29.06
N GLY C 517 -6.64 -21.92 -28.01
CA GLY C 517 -5.65 -22.33 -26.98
C GLY C 517 -4.18 -21.94 -27.15
N TYR C 518 -3.87 -21.17 -28.18
CA TYR C 518 -2.49 -20.87 -28.48
C TYR C 518 -2.21 -19.35 -28.51
N THR C 519 -3.08 -18.54 -27.91
CA THR C 519 -2.78 -17.11 -27.82
C THR C 519 -1.42 -16.99 -27.15
N ASN C 520 -0.55 -16.09 -27.66
CA ASN C 520 0.78 -15.90 -27.06
C ASN C 520 1.54 -14.69 -27.56
N ILE C 521 0.87 -13.77 -28.23
CA ILE C 521 1.54 -12.61 -28.77
C ILE C 521 0.85 -11.32 -28.31
N MET C 522 1.66 -10.32 -28.00
CA MET C 522 1.13 -9.04 -27.64
C MET C 522 1.85 -7.98 -28.45
N ARG C 523 1.09 -7.05 -29.03
CA ARG C 523 1.68 -6.01 -29.88
C ARG C 523 1.12 -4.66 -29.56
N VAL C 524 1.99 -3.67 -29.63
CA VAL C 524 1.57 -2.30 -29.47
C VAL C 524 1.41 -1.67 -30.84
N LEU C 525 0.21 -1.18 -31.15
CA LEU C 525 0.00 -0.44 -32.39
C LEU C 525 -0.64 0.92 -32.15
N SER C 526 -0.35 1.86 -33.03
CA SER C 526 -0.95 3.19 -32.97
C SER C 526 -2.02 3.31 -34.05
N ILE C 527 -3.12 3.98 -33.71
CA ILE C 527 -4.23 4.17 -34.62
C ILE C 527 -4.07 5.51 -35.38
N GLN D 11 13.67 -23.97 -0.98
CA GLN D 11 13.67 -23.29 -2.30
C GLN D 11 14.96 -22.51 -2.50
N GLN D 12 15.12 -22.01 -3.74
CA GLN D 12 16.34 -21.38 -4.20
C GLN D 12 15.99 -19.94 -4.54
N GLN D 13 17.01 -19.15 -4.87
CA GLN D 13 16.84 -17.76 -5.29
C GLN D 13 16.20 -16.85 -4.24
N GLN D 14 16.19 -17.28 -2.97
CA GLN D 14 15.50 -16.52 -1.91
C GLN D 14 14.04 -16.31 -2.26
N LEU D 15 13.36 -17.37 -2.72
CA LEU D 15 11.96 -17.26 -3.13
C LEU D 15 11.03 -17.06 -1.94
N PRO D 16 11.15 -17.87 -0.87
CA PRO D 16 10.33 -17.51 0.29
C PRO D 16 10.43 -16.01 0.63
N ALA D 17 11.63 -15.43 0.54
CA ALA D 17 11.81 -13.99 0.81
C ALA D 17 11.10 -13.09 -0.21
N ALA D 18 11.08 -13.53 -1.47
CA ALA D 18 10.42 -12.80 -2.53
C ALA D 18 8.89 -12.74 -2.31
N MET D 19 8.32 -13.79 -1.72
CA MET D 19 6.87 -13.89 -1.49
C MET D 19 6.36 -13.13 -0.25
N ALA D 20 7.26 -12.43 0.45
CA ALA D 20 6.91 -11.73 1.69
C ALA D 20 5.98 -10.55 1.42
N ASP D 21 5.12 -10.25 2.39
CA ASP D 21 4.11 -9.18 2.26
C ASP D 21 4.63 -7.79 2.70
N THR D 22 5.75 -7.78 3.41
CA THR D 22 6.37 -6.54 3.88
C THR D 22 7.88 -6.62 3.67
N PHE D 23 8.55 -5.47 3.73
CA PHE D 23 10.01 -5.47 3.62
C PHE D 23 10.66 -6.14 4.83
N LEU D 24 10.08 -5.89 6.00
CA LEU D 24 10.56 -6.51 7.21
C LEU D 24 10.46 -8.04 7.16
N GLU D 25 9.28 -8.57 6.84
CA GLU D 25 9.07 -10.01 6.67
C GLU D 25 10.06 -10.52 5.61
N HIS D 26 10.31 -9.71 4.59
CA HIS D 26 11.25 -10.08 3.55
C HIS D 26 12.60 -10.32 4.20
N LEU D 27 13.21 -9.26 4.76
CA LEU D 27 14.44 -9.39 5.53
C LEU D 27 14.42 -10.66 6.38
N CYS D 28 13.35 -10.86 7.14
CA CYS D 28 13.29 -11.94 8.10
C CYS D 28 13.39 -13.32 7.49
N LEU D 29 13.32 -13.39 6.17
CA LEU D 29 13.22 -14.69 5.49
C LEU D 29 14.41 -14.99 4.57
N LEU D 30 15.33 -14.02 4.44
CA LEU D 30 16.57 -14.23 3.74
C LEU D 30 17.21 -15.50 4.31
N ASP D 31 17.66 -16.38 3.42
CA ASP D 31 18.14 -17.71 3.80
C ASP D 31 19.54 -17.96 3.23
N ILE D 32 20.51 -18.13 4.13
CA ILE D 32 21.90 -18.41 3.73
C ILE D 32 22.09 -19.75 3.00
N ASP D 33 21.16 -20.68 3.16
CA ASP D 33 21.19 -21.92 2.40
C ASP D 33 20.37 -21.90 1.10
N SER D 34 19.84 -20.75 0.73
CA SER D 34 19.12 -20.66 -0.53
C SER D 34 20.13 -20.24 -1.61
N GLU D 35 20.61 -21.21 -2.38
CA GLU D 35 21.67 -20.93 -3.35
C GLU D 35 21.12 -20.09 -4.44
N PRO D 36 21.91 -19.07 -4.87
CA PRO D 36 21.48 -18.22 -5.98
C PRO D 36 21.42 -19.17 -7.15
N VAL D 37 20.71 -18.78 -8.20
CA VAL D 37 20.52 -19.70 -9.33
C VAL D 37 20.09 -18.82 -10.47
N ALA D 38 21.08 -18.18 -11.07
CA ALA D 38 20.84 -17.20 -12.09
C ALA D 38 22.20 -16.59 -12.35
N ALA D 39 22.39 -16.15 -13.60
CA ALA D 39 23.56 -15.38 -13.98
C ALA D 39 23.54 -14.17 -13.08
N ARG D 40 24.71 -13.65 -12.73
CA ARG D 40 24.69 -12.40 -11.94
C ARG D 40 24.44 -11.23 -12.86
N SER D 41 23.56 -10.34 -12.44
CA SER D 41 23.12 -9.27 -13.32
C SER D 41 23.93 -7.98 -13.20
N THR D 42 24.57 -7.77 -12.04
CA THR D 42 25.41 -6.58 -11.84
C THR D 42 26.78 -6.70 -12.55
N SER D 43 26.99 -5.82 -13.52
CA SER D 43 28.21 -5.89 -14.30
C SER D 43 29.36 -5.34 -13.47
N ILE D 44 30.50 -5.99 -13.61
CA ILE D 44 31.73 -5.64 -12.92
C ILE D 44 32.67 -4.89 -13.82
N ILE D 45 33.11 -3.73 -13.37
CA ILE D 45 34.06 -2.90 -14.10
C ILE D 45 35.41 -3.07 -13.42
N ALA D 46 36.45 -3.41 -14.18
CA ALA D 46 37.78 -3.65 -13.59
C ALA D 46 38.79 -2.66 -14.17
N THR D 47 39.57 -2.04 -13.30
CA THR D 47 40.54 -1.07 -13.78
C THR D 47 41.78 -1.84 -14.18
N ILE D 48 42.33 -1.49 -15.34
CA ILE D 48 43.52 -2.10 -15.87
C ILE D 48 44.76 -1.41 -15.32
N GLY D 49 45.70 -2.22 -14.86
CA GLY D 49 46.98 -1.73 -14.39
C GLY D 49 48.03 -2.82 -14.48
N PRO D 50 49.20 -2.60 -13.87
CA PRO D 50 50.29 -3.58 -14.01
C PRO D 50 49.81 -4.99 -13.63
N ALA D 51 48.87 -5.09 -12.70
CA ALA D 51 48.45 -6.40 -12.20
C ALA D 51 47.55 -7.12 -13.17
N SER D 52 46.99 -6.38 -14.13
CA SER D 52 45.91 -6.89 -14.98
C SER D 52 46.03 -6.54 -16.46
N ARG D 53 47.23 -6.62 -17.03
CA ARG D 53 47.46 -6.03 -18.33
C ARG D 53 47.92 -7.07 -19.29
N SER D 54 48.46 -8.16 -18.74
CA SER D 54 48.92 -9.24 -19.54
C SER D 54 47.73 -9.99 -20.05
N VAL D 55 47.73 -10.24 -21.33
CA VAL D 55 46.75 -11.09 -21.98
C VAL D 55 46.31 -12.31 -21.14
N GLU D 56 47.25 -13.05 -20.54
CA GLU D 56 46.85 -14.28 -19.84
C GLU D 56 46.06 -14.02 -18.58
N ARG D 57 46.41 -12.91 -17.94
CA ARG D 57 45.70 -12.43 -16.78
C ARG D 57 44.31 -12.01 -17.25
N LEU D 58 44.23 -11.15 -18.27
CA LEU D 58 42.94 -10.70 -18.75
C LEU D 58 42.01 -11.88 -18.98
N LYS D 59 42.53 -12.92 -19.62
CA LYS D 59 41.76 -14.15 -19.86
C LYS D 59 41.13 -14.68 -18.56
N GLU D 60 41.93 -14.75 -17.50
CA GLU D 60 41.42 -15.17 -16.21
C GLU D 60 40.32 -14.26 -15.72
N MET D 61 40.53 -12.96 -15.90
CA MET D 61 39.59 -11.98 -15.38
C MET D 61 38.27 -12.00 -16.11
N ILE D 62 38.34 -12.25 -17.41
CA ILE D 62 37.13 -12.40 -18.16
C ILE D 62 36.38 -13.61 -17.60
N LYS D 63 37.04 -14.77 -17.59
CA LYS D 63 36.46 -16.01 -17.07
C LYS D 63 35.83 -15.81 -15.71
N ALA D 64 36.45 -15.00 -14.86
CA ALA D 64 35.94 -14.78 -13.52
C ALA D 64 34.76 -13.81 -13.43
N GLY D 65 34.54 -12.95 -14.44
CA GLY D 65 33.35 -12.12 -14.41
C GLY D 65 33.46 -10.71 -14.95
N MET D 66 34.67 -10.22 -15.20
CA MET D 66 34.87 -8.86 -15.72
C MET D 66 33.96 -8.62 -16.91
N ASN D 67 33.33 -7.45 -16.97
CA ASN D 67 32.49 -7.10 -18.13
C ASN D 67 32.91 -5.76 -18.75
N ILE D 68 33.60 -4.94 -17.99
CA ILE D 68 34.06 -3.67 -18.50
C ILE D 68 35.49 -3.44 -18.09
N ALA D 69 36.38 -3.18 -19.05
CA ALA D 69 37.73 -2.79 -18.71
C ALA D 69 37.79 -1.27 -18.60
N ARG D 70 38.30 -0.78 -17.49
CA ARG D 70 38.40 0.65 -17.29
C ARG D 70 39.86 1.09 -17.47
N LEU D 71 40.08 2.03 -18.40
CA LEU D 71 41.40 2.64 -18.58
C LEU D 71 41.42 3.98 -17.88
N ASN D 72 42.35 4.10 -16.93
CA ASN D 72 42.39 5.30 -16.12
C ASN D 72 43.39 6.27 -16.70
N PHE D 73 42.89 7.25 -17.44
CA PHE D 73 43.79 8.19 -18.09
C PHE D 73 44.44 9.21 -17.17
N SER D 74 44.18 9.13 -15.87
CA SER D 74 44.97 9.82 -14.89
C SER D 74 46.46 9.38 -14.82
N HIS D 75 46.75 8.20 -15.39
CA HIS D 75 48.11 7.63 -15.41
C HIS D 75 48.33 6.95 -16.73
N GLY D 76 49.57 6.99 -17.22
CA GLY D 76 49.94 6.30 -18.43
C GLY D 76 49.79 7.15 -19.66
N SER D 77 50.61 6.83 -20.67
CA SER D 77 50.66 7.55 -21.92
C SER D 77 49.68 6.96 -22.92
N HIS D 78 49.57 7.60 -24.06
CA HIS D 78 48.69 7.10 -25.09
C HIS D 78 49.13 5.73 -25.52
N GLU D 79 50.44 5.59 -25.73
CA GLU D 79 51.03 4.34 -26.14
C GLU D 79 50.66 3.25 -25.12
N TYR D 80 50.70 3.63 -23.86
CA TYR D 80 50.44 2.70 -22.79
C TYR D 80 49.00 2.17 -22.81
N HIS D 81 48.04 3.06 -23.09
CA HIS D 81 46.65 2.68 -23.15
C HIS D 81 46.30 1.92 -24.41
N ALA D 82 47.03 2.19 -25.49
CA ALA D 82 46.84 1.47 -26.73
C ALA D 82 47.20 0.01 -26.52
N GLU D 83 48.31 -0.26 -25.83
CA GLU D 83 48.72 -1.62 -25.44
C GLU D 83 47.62 -2.29 -24.62
N SER D 84 46.99 -1.53 -23.75
CA SER D 84 45.93 -2.08 -22.91
C SER D 84 44.75 -2.51 -23.77
N ILE D 85 44.29 -1.60 -24.60
CA ILE D 85 43.22 -1.91 -25.51
C ILE D 85 43.60 -3.18 -26.29
N ALA D 86 44.79 -3.18 -26.87
CA ALA D 86 45.24 -4.32 -27.71
C ALA D 86 45.23 -5.65 -26.96
N ASN D 87 45.56 -5.61 -25.68
CA ASN D 87 45.62 -6.84 -24.90
C ASN D 87 44.21 -7.31 -24.53
N VAL D 88 43.37 -6.38 -24.07
CA VAL D 88 41.97 -6.68 -23.79
C VAL D 88 41.38 -7.37 -25.03
N ARG D 89 41.44 -6.67 -26.17
CA ARG D 89 40.81 -7.18 -27.39
C ARG D 89 41.33 -8.56 -27.71
N GLU D 90 42.62 -8.78 -27.48
CA GLU D 90 43.18 -10.10 -27.71
C GLU D 90 42.57 -11.14 -26.76
N ALA D 91 42.59 -10.83 -25.46
CA ALA D 91 42.08 -11.75 -24.49
C ALA D 91 40.63 -12.05 -24.84
N VAL D 92 39.88 -11.01 -25.19
CA VAL D 92 38.47 -11.18 -25.45
C VAL D 92 38.22 -12.07 -26.69
N GLU D 93 38.97 -11.83 -27.76
CA GLU D 93 38.73 -12.55 -29.00
C GLU D 93 39.31 -13.96 -28.98
N SER D 94 40.00 -14.33 -27.91
CA SER D 94 40.52 -15.68 -27.78
C SER D 94 39.38 -16.69 -27.56
N PHE D 95 38.20 -16.17 -27.23
CA PHE D 95 37.02 -16.98 -26.92
C PHE D 95 36.01 -16.90 -28.04
N ALA D 96 36.43 -16.39 -29.21
CA ALA D 96 35.54 -16.30 -30.36
C ALA D 96 35.36 -17.65 -31.06
N GLY D 97 36.14 -18.65 -30.64
CA GLY D 97 36.00 -20.03 -31.14
C GLY D 97 34.60 -20.61 -30.99
N SER D 98 33.77 -19.98 -30.16
CA SER D 98 32.44 -20.48 -29.90
C SER D 98 31.50 -19.35 -29.64
N PRO D 99 30.78 -18.93 -30.67
CA PRO D 99 29.84 -17.79 -30.63
C PRO D 99 28.77 -17.93 -29.53
N LEU D 100 28.37 -19.17 -29.22
CA LEU D 100 27.33 -19.50 -28.21
C LEU D 100 27.80 -19.24 -26.79
N SER D 101 29.12 -19.15 -26.62
CA SER D 101 29.72 -18.92 -25.31
C SER D 101 30.50 -17.56 -25.13
N TYR D 102 30.87 -16.94 -26.26
CA TYR D 102 31.61 -15.67 -26.34
C TYR D 102 31.06 -14.57 -25.44
N ARG D 103 31.94 -13.99 -24.61
CA ARG D 103 31.58 -12.89 -23.73
C ARG D 103 32.12 -11.53 -24.23
N PRO D 104 31.23 -10.65 -24.71
CA PRO D 104 31.73 -9.30 -25.07
C PRO D 104 32.29 -8.58 -23.85
N VAL D 105 33.32 -7.76 -24.05
CA VAL D 105 33.88 -6.95 -22.96
C VAL D 105 33.94 -5.48 -23.36
N ALA D 106 33.31 -4.59 -22.58
CA ALA D 106 33.33 -3.16 -22.93
C ALA D 106 34.67 -2.60 -22.56
N ILE D 107 34.98 -1.41 -23.08
CA ILE D 107 36.20 -0.71 -22.73
C ILE D 107 35.82 0.72 -22.45
N ALA D 108 36.10 1.17 -21.24
CA ALA D 108 35.70 2.49 -20.77
C ALA D 108 36.93 3.32 -20.57
N LEU D 109 36.99 4.44 -21.27
CA LEU D 109 38.03 5.43 -21.05
C LEU D 109 37.66 6.32 -19.85
N ASP D 110 38.46 6.27 -18.79
CA ASP D 110 38.25 7.17 -17.65
C ASP D 110 39.11 8.42 -17.68
N THR D 111 38.44 9.55 -17.79
CA THR D 111 39.10 10.85 -18.01
C THR D 111 39.96 11.38 -16.84
N LYS D 112 41.08 12.03 -17.11
CA LYS D 112 41.85 12.61 -16.00
C LYS D 112 41.08 13.76 -15.33
N GLY D 113 40.77 14.81 -16.06
CA GLY D 113 39.91 15.85 -15.52
C GLY D 113 40.73 16.79 -14.68
N PRO D 114 40.08 17.77 -14.04
CA PRO D 114 40.80 18.78 -13.24
C PRO D 114 41.42 18.23 -11.95
N GLU D 115 42.31 17.25 -12.05
CA GLU D 115 43.01 16.74 -10.88
C GLU D 115 44.05 17.73 -10.41
N ILE D 116 44.50 17.57 -9.17
CA ILE D 116 45.68 18.26 -8.69
C ILE D 116 46.59 17.24 -8.02
N ARG D 117 47.88 17.24 -8.36
CA ARG D 117 48.83 16.27 -7.79
C ARG D 117 50.05 16.96 -7.24
N THR D 118 50.61 16.34 -6.20
CA THR D 118 51.88 16.77 -5.64
C THR D 118 53.01 16.40 -6.59
N GLY D 119 54.23 16.86 -6.26
CA GLY D 119 55.41 16.65 -7.06
C GLY D 119 56.04 15.30 -6.85
N ILE D 120 57.12 15.04 -7.60
CA ILE D 120 58.00 13.88 -7.40
C ILE D 120 58.95 14.14 -6.22
N GLU D 126 61.13 5.82 -4.96
CA GLU D 126 59.94 5.44 -4.19
C GLU D 126 60.19 5.80 -2.73
N SER D 127 60.47 7.08 -2.54
CA SER D 127 60.78 7.65 -1.26
C SER D 127 59.58 8.38 -0.69
N GLU D 128 59.74 8.84 0.56
CA GLU D 128 58.65 9.34 1.37
C GLU D 128 59.11 10.42 2.34
N VAL D 129 58.45 11.55 2.29
CA VAL D 129 58.68 12.56 3.29
C VAL D 129 57.66 12.40 4.42
N GLU D 130 57.90 13.02 5.56
CA GLU D 130 56.94 12.94 6.65
C GLU D 130 56.46 14.32 7.06
N LEU D 131 55.21 14.62 6.81
CA LEU D 131 54.68 15.92 7.18
C LEU D 131 54.34 15.85 8.66
N VAL D 132 55.14 16.52 9.47
CA VAL D 132 54.90 16.53 10.89
C VAL D 132 53.74 17.43 11.26
N LYS D 133 52.74 16.83 11.90
CA LYS D 133 51.61 17.54 12.47
C LYS D 133 52.05 18.80 13.22
N GLY D 134 51.32 19.90 13.07
CA GLY D 134 51.67 21.17 13.72
C GLY D 134 52.76 22.00 13.03
N SER D 135 53.57 21.35 12.19
CA SER D 135 54.71 21.97 11.54
C SER D 135 54.25 22.88 10.39
N GLN D 136 55.16 23.76 9.97
CA GLN D 136 54.99 24.60 8.74
C GLN D 136 55.32 23.91 7.44
N VAL D 137 54.35 23.87 6.54
CA VAL D 137 54.55 23.35 5.20
C VAL D 137 54.17 24.43 4.20
N LEU D 138 54.99 24.58 3.16
CA LEU D 138 54.81 25.56 2.11
C LEU D 138 54.39 24.86 0.82
N VAL D 139 53.31 25.34 0.20
CA VAL D 139 52.87 24.79 -1.09
C VAL D 139 53.31 25.73 -2.22
N THR D 140 54.10 25.20 -3.16
CA THR D 140 54.54 26.01 -4.30
C THR D 140 54.12 25.47 -5.64
N VAL D 141 54.01 26.40 -6.59
CA VAL D 141 53.77 26.11 -7.98
C VAL D 141 54.90 26.72 -8.83
N ASP D 142 55.99 27.06 -8.17
CA ASP D 142 57.20 27.53 -8.84
C ASP D 142 57.91 26.35 -9.52
N PRO D 143 58.13 26.46 -10.84
CA PRO D 143 58.62 25.38 -11.70
C PRO D 143 59.92 24.72 -11.24
N ALA D 144 60.74 25.45 -10.49
CA ALA D 144 62.06 24.98 -10.04
C ALA D 144 61.95 24.01 -8.88
N PHE D 145 60.92 24.20 -8.05
CA PHE D 145 60.67 23.35 -6.89
C PHE D 145 59.91 22.08 -7.26
N ARG D 146 59.74 21.85 -8.57
CA ARG D 146 58.92 20.75 -9.13
C ARG D 146 59.36 19.34 -8.70
N THR D 147 60.60 19.24 -8.25
CA THR D 147 61.13 18.00 -7.70
C THR D 147 61.84 18.21 -6.32
N ARG D 148 62.03 19.48 -5.96
CA ARG D 148 62.58 19.86 -4.64
C ARG D 148 61.56 19.73 -3.51
N GLY D 149 60.91 18.58 -3.42
CA GLY D 149 59.87 18.34 -2.42
C GLY D 149 60.47 17.79 -1.15
N ASN D 150 59.94 18.23 -0.01
CA ASN D 150 60.49 17.83 1.30
C ASN D 150 59.51 17.98 2.47
N ALA D 151 59.96 17.62 3.66
CA ALA D 151 59.12 17.62 4.85
C ALA D 151 58.41 18.93 5.12
N ASN D 152 58.99 20.04 4.66
CA ASN D 152 58.40 21.34 4.88
C ASN D 152 58.13 22.09 3.55
N THR D 153 58.08 21.35 2.44
CA THR D 153 57.73 21.93 1.14
C THR D 153 57.08 20.91 0.20
N VAL D 154 55.82 21.14 -0.17
CA VAL D 154 55.16 20.33 -1.17
C VAL D 154 54.82 21.17 -2.41
N TRP D 155 55.15 20.61 -3.58
CA TRP D 155 54.90 21.27 -4.85
C TRP D 155 53.72 20.61 -5.53
N VAL D 156 52.91 21.43 -6.17
CA VAL D 156 51.68 20.95 -6.74
C VAL D 156 51.60 21.41 -8.20
N ASP D 157 50.81 20.71 -9.02
CA ASP D 157 50.77 20.99 -10.47
C ASP D 157 49.62 21.90 -10.90
N TYR D 158 49.06 22.66 -9.94
CA TYR D 158 47.96 23.58 -10.21
C TYR D 158 48.33 25.00 -9.79
N PRO D 159 48.99 25.75 -10.70
CA PRO D 159 49.47 27.13 -10.49
C PRO D 159 48.51 28.09 -9.80
N ASN D 160 47.22 27.99 -10.07
CA ASN D 160 46.23 28.81 -9.38
C ASN D 160 45.93 28.40 -7.94
N ILE D 161 46.49 27.29 -7.46
CA ILE D 161 46.22 26.90 -6.08
C ILE D 161 46.33 28.13 -5.19
N VAL D 162 47.37 28.93 -5.42
CA VAL D 162 47.67 30.10 -4.61
C VAL D 162 46.58 31.19 -4.71
N ARG D 163 45.91 31.23 -5.84
CA ARG D 163 44.87 32.19 -6.12
C ARG D 163 43.51 31.73 -5.54
N VAL D 164 43.37 30.44 -5.23
CA VAL D 164 42.04 29.94 -4.81
C VAL D 164 41.82 29.44 -3.37
N VAL D 165 42.88 29.08 -2.65
CA VAL D 165 42.74 28.62 -1.25
C VAL D 165 43.05 29.73 -0.23
N PRO D 166 42.02 30.37 0.37
CA PRO D 166 42.31 31.53 1.21
C PRO D 166 42.81 31.12 2.59
N VAL D 167 43.30 32.09 3.34
CA VAL D 167 43.72 31.88 4.72
C VAL D 167 42.59 31.17 5.48
N GLY D 168 42.94 30.12 6.21
CA GLY D 168 41.94 29.29 6.87
C GLY D 168 41.37 28.22 5.95
N GLY D 169 41.81 28.18 4.69
CA GLY D 169 41.37 27.15 3.75
C GLY D 169 42.04 25.82 3.96
N ARG D 170 41.36 24.75 3.57
CA ARG D 170 41.90 23.42 3.75
C ARG D 170 42.48 22.84 2.46
N ILE D 171 43.53 22.03 2.63
CA ILE D 171 44.16 21.36 1.50
C ILE D 171 44.38 19.89 1.83
N TYR D 172 43.58 19.03 1.25
CA TYR D 172 43.75 17.63 1.54
C TYR D 172 44.79 17.02 0.61
N ILE D 173 45.64 16.17 1.15
CA ILE D 173 46.57 15.44 0.30
C ILE D 173 46.52 13.95 0.50
N ASP D 174 46.58 13.20 -0.59
CA ASP D 174 46.61 11.74 -0.56
C ASP D 174 45.34 11.14 0.05
N ASP D 175 44.29 11.02 -0.76
CA ASP D 175 43.06 10.38 -0.30
C ASP D 175 42.55 11.07 0.98
N GLY D 176 42.76 12.39 1.05
CA GLY D 176 42.38 13.18 2.23
C GLY D 176 42.95 12.69 3.55
N LEU D 177 43.99 11.86 3.47
CA LEU D 177 44.71 11.39 4.67
C LEU D 177 45.63 12.45 5.30
N ILE D 178 46.23 13.30 4.46
CA ILE D 178 46.98 14.50 4.91
C ILE D 178 46.05 15.71 4.84
N SER D 179 46.23 16.67 5.74
CA SER D 179 45.36 17.85 5.75
C SER D 179 46.10 19.10 6.21
N LEU D 180 45.85 20.21 5.51
CA LEU D 180 46.65 21.44 5.63
C LEU D 180 45.83 22.74 5.77
N VAL D 181 46.13 23.57 6.77
CA VAL D 181 45.46 24.88 6.88
C VAL D 181 46.32 26.07 6.43
N VAL D 182 45.85 26.83 5.45
CA VAL D 182 46.59 27.97 4.94
C VAL D 182 46.57 29.09 5.97
N GLN D 183 47.75 29.41 6.50
CA GLN D 183 47.84 30.42 7.56
C GLN D 183 48.53 31.73 7.12
N LYS D 184 48.92 31.80 5.86
CA LYS D 184 49.29 33.05 5.18
C LYS D 184 49.53 32.78 3.72
N ILE D 185 48.97 33.63 2.87
CA ILE D 185 49.23 33.51 1.45
C ILE D 185 50.19 34.64 1.02
N GLY D 186 51.48 34.29 0.96
CA GLY D 186 52.55 35.22 0.57
C GLY D 186 53.01 34.99 -0.86
N PRO D 187 53.89 35.88 -1.40
CA PRO D 187 54.15 35.94 -2.84
C PRO D 187 54.40 34.56 -3.45
N GLU D 188 55.45 33.88 -2.99
CA GLU D 188 55.90 32.63 -3.62
C GLU D 188 55.22 31.35 -3.09
N GLY D 189 54.06 31.48 -2.45
CA GLY D 189 53.26 30.32 -2.09
C GLY D 189 52.36 30.41 -0.87
N LEU D 190 51.84 29.24 -0.52
CA LEU D 190 50.93 29.09 0.60
C LEU D 190 51.70 28.61 1.82
N VAL D 191 51.68 29.45 2.86
CA VAL D 191 52.22 29.16 4.19
C VAL D 191 51.09 28.45 4.94
N THR D 192 51.31 27.19 5.25
CA THR D 192 50.28 26.37 5.86
C THR D 192 50.81 25.69 7.11
N GLN D 193 49.89 25.18 7.94
CA GLN D 193 50.22 24.35 9.10
C GLN D 193 49.53 22.99 9.04
N VAL D 194 50.34 21.93 9.10
CA VAL D 194 49.83 20.54 9.07
C VAL D 194 48.84 20.34 10.18
N GLU D 195 47.64 19.88 9.82
CA GLU D 195 46.56 19.63 10.77
C GLU D 195 46.54 18.13 11.01
N ASN D 196 46.64 17.40 9.92
CA ASN D 196 46.79 15.97 9.96
C ASN D 196 48.07 15.71 9.21
N GLY D 197 49.01 15.08 9.88
CA GLY D 197 50.20 14.58 9.24
C GLY D 197 50.00 13.22 8.63
N GLY D 198 51.09 12.66 8.13
CA GLY D 198 51.10 11.39 7.42
C GLY D 198 52.36 11.32 6.61
N VAL D 199 52.77 10.07 6.32
CA VAL D 199 53.95 9.79 5.53
C VAL D 199 53.64 10.02 4.06
N LEU D 200 54.12 11.14 3.49
CA LEU D 200 53.82 11.53 2.08
C LEU D 200 54.76 11.00 0.98
N GLY D 201 54.18 10.53 -0.12
CA GLY D 201 54.94 10.02 -1.27
C GLY D 201 54.86 10.87 -2.54
N SER D 202 55.16 10.24 -3.68
CA SER D 202 55.30 10.98 -4.94
C SER D 202 53.98 11.16 -5.67
N ARG D 203 53.84 12.33 -6.30
CA ARG D 203 52.67 12.67 -7.14
C ARG D 203 51.35 12.24 -6.52
N LYS D 204 50.94 12.85 -5.43
CA LYS D 204 49.70 12.39 -4.88
C LYS D 204 48.58 13.39 -4.98
N GLY D 205 47.36 12.87 -5.07
CA GLY D 205 46.17 13.67 -5.41
C GLY D 205 45.79 14.65 -4.32
N VAL D 206 45.42 15.87 -4.74
CA VAL D 206 45.15 16.96 -3.80
C VAL D 206 43.69 17.44 -3.98
N ASN D 207 43.03 17.75 -2.86
CA ASN D 207 41.64 18.20 -2.88
C ASN D 207 41.40 19.56 -2.12
N LEU D 208 40.62 20.42 -2.74
CA LEU D 208 40.34 21.75 -2.24
C LEU D 208 38.84 21.96 -2.09
N PRO D 209 38.27 21.40 -1.02
CA PRO D 209 36.83 21.59 -0.74
C PRO D 209 36.57 23.03 -0.37
N GLY D 210 35.34 23.50 -0.51
CA GLY D 210 35.04 24.89 -0.14
C GLY D 210 35.64 25.92 -1.08
N ALA D 211 36.68 25.51 -1.82
CA ALA D 211 37.33 26.36 -2.80
C ALA D 211 36.69 26.14 -4.18
N GLN D 212 36.46 27.23 -4.93
CA GLN D 212 35.93 27.11 -6.31
C GLN D 212 37.08 26.99 -7.32
N VAL D 213 37.34 25.76 -7.73
CA VAL D 213 38.46 25.43 -8.61
C VAL D 213 38.05 25.79 -10.04
N ASP D 214 38.56 26.94 -10.49
CA ASP D 214 38.30 27.44 -11.84
C ASP D 214 38.93 26.55 -12.92
N LEU D 215 39.67 25.52 -12.48
CA LEU D 215 40.23 24.53 -13.40
C LEU D 215 39.10 23.98 -14.27
N PRO D 216 39.33 23.93 -15.60
CA PRO D 216 38.27 23.50 -16.54
C PRO D 216 37.98 22.00 -16.37
N GLY D 217 36.75 21.62 -16.72
CA GLY D 217 36.34 20.23 -16.67
C GLY D 217 37.08 19.48 -17.76
N LEU D 218 37.47 20.23 -18.82
CA LEU D 218 38.10 19.65 -20.00
C LEU D 218 39.32 20.49 -20.40
N SER D 219 40.49 19.93 -20.11
CA SER D 219 41.74 20.56 -20.42
C SER D 219 42.20 20.15 -21.81
N GLU D 220 43.29 20.77 -22.26
CA GLU D 220 43.85 20.37 -23.53
C GLU D 220 44.11 18.83 -23.54
N GLN D 221 44.67 18.27 -22.47
CA GLN D 221 44.91 16.84 -22.45
C GLN D 221 43.63 16.00 -22.53
N ASP D 222 42.64 16.30 -21.70
CA ASP D 222 41.41 15.55 -21.78
C ASP D 222 40.93 15.47 -23.24
N VAL D 223 40.83 16.64 -23.91
CA VAL D 223 40.39 16.68 -25.29
C VAL D 223 41.23 15.71 -26.14
N ARG D 224 42.55 15.78 -26.01
CA ARG D 224 43.43 14.82 -26.68
C ARG D 224 43.06 13.38 -26.30
N ASP D 225 42.88 13.16 -25.01
CA ASP D 225 42.56 11.83 -24.51
C ASP D 225 41.28 11.30 -25.11
N LEU D 226 40.27 12.19 -25.20
CA LEU D 226 38.98 11.79 -25.78
C LEU D 226 39.13 11.44 -27.26
N ARG D 227 39.80 12.31 -28.02
CA ARG D 227 40.05 12.02 -29.44
C ARG D 227 40.71 10.64 -29.59
N PHE D 228 41.62 10.35 -28.67
CA PHE D 228 42.27 9.05 -28.63
C PHE D 228 41.25 7.95 -28.51
N GLY D 229 40.33 8.11 -27.57
CA GLY D 229 39.28 7.14 -27.34
C GLY D 229 38.45 6.90 -28.59
N VAL D 230 38.20 7.97 -29.34
CA VAL D 230 37.40 7.80 -30.54
C VAL D 230 38.16 6.92 -31.48
N GLU D 231 39.41 7.27 -31.75
CA GLU D 231 40.25 6.55 -32.72
C GLU D 231 40.44 5.07 -32.39
N HIS D 232 40.42 4.73 -31.10
CA HIS D 232 40.63 3.34 -30.72
C HIS D 232 39.33 2.66 -30.38
N GLY D 233 38.23 3.36 -30.65
CA GLY D 233 36.93 2.73 -30.56
C GLY D 233 36.55 2.30 -29.16
N VAL D 234 36.90 3.12 -28.15
CA VAL D 234 36.37 2.88 -26.83
C VAL D 234 34.86 2.97 -26.88
N ASP D 235 34.19 2.37 -25.90
CA ASP D 235 32.75 2.23 -25.90
C ASP D 235 32.04 3.23 -24.96
N ILE D 236 32.75 3.70 -23.93
CA ILE D 236 32.16 4.41 -22.83
C ILE D 236 33.17 5.42 -22.31
N VAL D 237 32.71 6.62 -21.97
CA VAL D 237 33.56 7.59 -21.30
C VAL D 237 33.08 7.77 -19.85
N PHE D 238 33.93 7.47 -18.88
CA PHE D 238 33.62 7.87 -17.51
C PHE D 238 34.21 9.27 -17.42
N ALA D 239 33.36 10.29 -17.43
CA ALA D 239 33.84 11.66 -17.41
C ALA D 239 34.05 12.19 -15.98
N SER D 240 35.30 12.46 -15.62
CA SER D 240 35.66 12.93 -14.30
C SER D 240 35.18 14.34 -14.00
N PHE D 241 35.00 14.58 -12.71
CA PHE D 241 34.63 15.88 -12.12
C PHE D 241 33.47 16.65 -12.79
N VAL D 242 32.42 15.91 -13.14
CA VAL D 242 31.27 16.54 -13.82
C VAL D 242 30.44 17.35 -12.82
N ARG D 243 30.45 18.67 -12.99
CA ARG D 243 29.77 19.58 -12.08
C ARG D 243 28.47 20.26 -12.61
N LYS D 244 28.21 20.19 -13.92
CA LYS D 244 27.04 20.85 -14.49
C LYS D 244 26.83 20.33 -15.89
N ALA D 245 25.62 20.49 -16.42
CA ALA D 245 25.27 19.99 -17.76
C ALA D 245 26.29 20.35 -18.86
N SER D 246 26.77 21.59 -18.90
CA SER D 246 27.74 22.02 -19.92
C SER D 246 29.06 21.21 -19.88
N ASP D 247 29.35 20.61 -18.74
CA ASP D 247 30.50 19.72 -18.66
C ASP D 247 30.38 18.53 -19.61
N VAL D 248 29.19 17.93 -19.67
CA VAL D 248 29.03 16.77 -20.56
C VAL D 248 28.90 17.18 -22.02
N ALA D 249 28.28 18.35 -22.25
CA ALA D 249 28.27 18.97 -23.57
C ALA D 249 29.71 19.12 -24.08
N ALA D 250 30.58 19.66 -23.25
CA ALA D 250 31.97 19.76 -23.62
C ALA D 250 32.56 18.38 -23.99
N VAL D 251 32.37 17.35 -23.14
CA VAL D 251 32.76 15.98 -23.47
C VAL D 251 32.20 15.51 -24.81
N ARG D 252 30.92 15.76 -25.02
CA ARG D 252 30.28 15.43 -26.29
C ARG D 252 30.99 16.11 -27.46
N ALA D 253 31.25 17.42 -27.36
CA ALA D 253 31.93 18.16 -28.42
C ALA D 253 33.29 17.54 -28.75
N ALA D 254 34.07 17.29 -27.70
CA ALA D 254 35.40 16.72 -27.83
C ALA D 254 35.36 15.36 -28.47
N LEU D 255 34.39 14.56 -28.08
CA LEU D 255 34.22 13.22 -28.58
C LEU D 255 34.03 13.28 -30.08
N GLY D 256 33.52 14.42 -30.56
CA GLY D 256 33.34 14.66 -31.97
C GLY D 256 32.26 13.79 -32.62
N PRO D 257 32.07 13.97 -33.93
CA PRO D 257 31.01 13.29 -34.63
C PRO D 257 31.32 11.82 -34.83
N GLU D 258 32.60 11.45 -34.93
CA GLU D 258 32.98 10.05 -35.11
C GLU D 258 32.54 9.24 -33.88
N GLY D 259 31.96 9.94 -32.90
CA GLY D 259 31.67 9.30 -31.63
C GLY D 259 30.37 9.58 -30.89
N HIS D 260 29.26 9.67 -31.61
CA HIS D 260 27.96 9.75 -30.97
C HIS D 260 27.60 8.46 -30.30
N GLY D 261 28.13 7.36 -30.81
CA GLY D 261 27.71 6.04 -30.35
C GLY D 261 28.11 5.82 -28.90
N ILE D 262 29.19 6.48 -28.51
CA ILE D 262 29.86 6.30 -27.24
C ILE D 262 29.00 6.78 -26.07
N LYS D 263 28.74 5.89 -25.12
CA LYS D 263 27.98 6.23 -23.92
C LYS D 263 28.85 7.05 -22.97
N ILE D 264 28.24 8.10 -22.43
CA ILE D 264 28.92 9.05 -21.56
C ILE D 264 28.39 8.86 -20.17
N ILE D 265 29.28 8.51 -19.23
CA ILE D 265 28.90 8.26 -17.84
C ILE D 265 29.50 9.36 -16.99
N SER D 266 28.68 10.25 -16.45
CA SER D 266 29.24 11.35 -15.64
C SER D 266 29.56 10.89 -14.23
N LYS D 267 30.83 11.10 -13.84
CA LYS D 267 31.25 10.77 -12.51
C LYS D 267 30.95 11.98 -11.65
N ILE D 268 30.33 11.73 -10.50
CA ILE D 268 29.93 12.72 -9.55
C ILE D 268 30.90 12.64 -8.39
N GLU D 269 31.77 13.64 -8.27
CA GLU D 269 32.89 13.58 -7.40
C GLU D 269 32.93 14.71 -6.38
N ASN D 270 31.92 15.58 -6.38
CA ASN D 270 31.95 16.73 -5.45
C ASN D 270 30.60 17.33 -5.11
N HIS D 271 30.60 18.30 -4.21
CA HIS D 271 29.38 18.87 -3.70
C HIS D 271 28.57 19.47 -4.81
N GLU D 272 29.19 20.32 -5.65
CA GLU D 272 28.39 20.98 -6.67
C GLU D 272 27.75 19.95 -7.58
N GLY D 273 28.53 18.95 -7.97
CA GLY D 273 28.01 17.83 -8.75
C GLY D 273 26.82 17.17 -8.09
N VAL D 274 26.89 17.01 -6.77
CA VAL D 274 25.80 16.38 -6.07
C VAL D 274 24.58 17.30 -6.15
N LYS D 275 24.80 18.59 -5.99
CA LYS D 275 23.70 19.54 -5.99
C LYS D 275 23.03 19.74 -7.35
N ARG D 276 23.76 19.50 -8.43
CA ARG D 276 23.22 19.78 -9.74
C ARG D 276 23.01 18.48 -10.47
N PHE D 277 22.87 17.44 -9.66
CA PHE D 277 22.69 16.11 -10.16
C PHE D 277 21.57 16.01 -11.16
N ASP D 278 20.40 16.56 -10.85
CA ASP D 278 19.28 16.40 -11.76
C ASP D 278 19.63 16.88 -13.16
N GLU D 279 20.30 18.03 -13.26
CA GLU D 279 20.58 18.57 -14.56
C GLU D 279 21.59 17.68 -15.27
N ILE D 280 22.58 17.20 -14.51
CA ILE D 280 23.59 16.33 -15.04
C ILE D 280 23.02 15.01 -15.55
N LEU D 281 22.04 14.43 -14.84
CA LEU D 281 21.52 13.11 -15.25
C LEU D 281 20.82 13.21 -16.58
N GLU D 282 19.99 14.25 -16.71
CA GLU D 282 19.09 14.40 -17.82
C GLU D 282 19.87 14.38 -19.10
N VAL D 283 21.12 14.79 -19.03
CA VAL D 283 21.96 15.04 -20.19
C VAL D 283 23.00 13.94 -20.41
N SER D 284 23.12 13.02 -19.45
CA SER D 284 24.13 11.96 -19.49
C SER D 284 23.47 10.65 -19.78
N ASP D 285 24.26 9.66 -20.17
CA ASP D 285 23.72 8.33 -20.42
C ASP D 285 23.63 7.54 -19.14
N GLY D 286 24.39 7.96 -18.13
CA GLY D 286 24.40 7.31 -16.80
C GLY D 286 25.27 8.06 -15.83
N ILE D 287 25.46 7.48 -14.65
CA ILE D 287 26.14 8.16 -13.55
C ILE D 287 27.15 7.21 -12.89
N MET D 288 28.26 7.80 -12.43
CA MET D 288 29.19 7.11 -11.51
C MET D 288 29.21 7.78 -10.13
N VAL D 289 28.90 7.00 -9.09
CA VAL D 289 29.03 7.56 -7.74
C VAL D 289 30.49 7.46 -7.44
N ALA D 290 31.19 8.58 -7.62
CA ALA D 290 32.65 8.57 -7.52
C ALA D 290 33.06 8.78 -6.09
N ARG D 291 33.01 7.73 -5.27
CA ARG D 291 33.07 7.87 -3.85
C ARG D 291 34.40 8.41 -3.36
N GLY D 292 35.47 8.06 -4.04
CA GLY D 292 36.83 8.44 -3.64
C GLY D 292 36.94 9.93 -3.36
N ASP D 293 36.81 10.73 -4.42
CA ASP D 293 36.83 12.18 -4.34
C ASP D 293 35.63 12.63 -3.52
N LEU D 294 34.45 12.14 -3.89
CA LEU D 294 33.26 12.51 -3.15
C LEU D 294 33.54 12.46 -1.66
N GLY D 295 34.15 11.36 -1.22
CA GLY D 295 34.46 11.14 0.19
C GLY D 295 35.50 12.08 0.74
N ILE D 296 36.03 12.97 -0.08
CA ILE D 296 37.04 13.93 0.39
C ILE D 296 36.50 15.32 0.33
N GLU D 297 35.61 15.51 -0.63
CA GLU D 297 34.99 16.81 -0.93
C GLU D 297 33.83 17.12 0.01
N ILE D 298 33.09 16.09 0.38
CA ILE D 298 32.04 16.24 1.38
C ILE D 298 32.45 15.34 2.52
N PRO D 299 31.88 15.54 3.72
CA PRO D 299 32.26 14.67 4.86
C PRO D 299 32.03 13.19 4.58
N ALA D 300 32.99 12.36 4.97
CA ALA D 300 32.90 10.92 4.84
C ALA D 300 31.61 10.33 5.41
N GLU D 301 31.05 10.88 6.49
CA GLU D 301 29.73 10.46 6.98
C GLU D 301 28.59 10.61 5.98
N LYS D 302 28.77 11.41 4.93
CA LYS D 302 27.64 11.80 4.11
C LYS D 302 27.57 11.13 2.76
N VAL D 303 28.69 10.58 2.28
CA VAL D 303 28.69 9.83 1.03
C VAL D 303 27.50 8.88 0.92
N PHE D 304 27.31 7.98 1.89
CA PHE D 304 26.27 6.96 1.74
C PHE D 304 24.92 7.60 1.34
N LEU D 305 24.67 8.80 1.83
CA LEU D 305 23.47 9.53 1.44
C LEU D 305 23.56 9.89 -0.05
N ALA D 306 24.69 10.43 -0.50
CA ALA D 306 24.75 10.78 -1.92
C ALA D 306 24.59 9.52 -2.75
N GLN D 307 25.34 8.49 -2.41
CA GLN D 307 25.25 7.22 -3.12
C GLN D 307 23.78 6.80 -3.23
N LYS D 308 23.09 6.63 -2.10
CA LYS D 308 21.74 6.07 -2.16
C LYS D 308 20.73 6.98 -2.88
N MET D 309 20.94 8.30 -2.78
CA MET D 309 20.13 9.29 -3.51
C MET D 309 20.33 9.23 -5.01
N MET D 310 21.57 9.20 -5.45
CA MET D 310 21.83 9.10 -6.89
C MET D 310 21.38 7.77 -7.52
N ILE D 311 21.71 6.63 -6.87
CA ILE D 311 21.25 5.31 -7.34
C ILE D 311 19.73 5.28 -7.46
N GLY D 312 19.04 5.82 -6.47
CA GLY D 312 17.58 5.90 -6.47
C GLY D 312 17.13 6.70 -7.68
N ARG D 313 17.65 7.92 -7.81
CA ARG D 313 17.28 8.79 -8.92
C ARG D 313 17.53 8.14 -10.30
N CYS D 314 18.72 7.55 -10.50
CA CYS D 314 18.99 6.80 -11.74
C CYS D 314 17.97 5.69 -11.93
N ASN D 315 17.81 4.79 -10.95
CA ASN D 315 16.74 3.80 -11.03
C ASN D 315 15.43 4.42 -11.58
N LEU D 316 15.05 5.57 -11.03
CA LEU D 316 13.86 6.31 -11.49
C LEU D 316 13.92 6.79 -12.93
N ALA D 317 15.08 7.28 -13.36
CA ALA D 317 15.18 7.85 -14.69
C ALA D 317 15.36 6.76 -15.72
N GLY D 318 15.74 5.57 -15.25
CA GLY D 318 16.05 4.44 -16.12
C GLY D 318 17.44 4.50 -16.73
N LYS D 319 18.38 5.15 -16.06
CA LYS D 319 19.75 5.21 -16.57
C LYS D 319 20.72 4.35 -15.75
N PRO D 320 21.79 3.81 -16.38
CA PRO D 320 22.78 3.01 -15.64
C PRO D 320 23.39 3.84 -14.54
N VAL D 321 23.61 3.22 -13.38
CA VAL D 321 24.41 3.84 -12.31
C VAL D 321 25.52 2.90 -11.83
N VAL D 322 26.72 3.46 -11.67
CA VAL D 322 27.89 2.77 -11.20
C VAL D 322 28.24 3.18 -9.77
N CYS D 323 28.47 2.18 -8.93
CA CYS D 323 29.07 2.39 -7.62
C CYS D 323 30.59 2.06 -7.63
N ALA D 324 31.40 3.01 -7.15
CA ALA D 324 32.83 2.94 -7.30
C ALA D 324 33.69 3.21 -6.06
N THR D 325 34.86 2.56 -6.02
CA THR D 325 35.99 2.97 -5.19
C THR D 325 36.01 2.34 -3.82
N GLN D 326 37.11 1.67 -3.55
CA GLN D 326 37.32 0.97 -2.27
C GLN D 326 36.29 -0.08 -1.93
N MET D 327 35.62 -0.65 -2.91
CA MET D 327 34.62 -1.63 -2.53
C MET D 327 35.26 -2.90 -1.94
N LEU D 328 36.53 -3.13 -2.20
CA LEU D 328 37.24 -4.28 -1.71
C LEU D 328 38.73 -3.98 -1.47
N GLU D 329 39.07 -2.76 -1.01
CA GLU D 329 40.48 -2.32 -0.79
C GLU D 329 41.40 -3.32 -0.18
N SER D 330 40.97 -3.97 0.90
CA SER D 330 41.87 -4.83 1.64
C SER D 330 42.43 -5.92 0.72
N MET D 331 41.65 -6.27 -0.31
CA MET D 331 42.10 -7.24 -1.29
C MET D 331 43.32 -6.81 -2.12
N ILE D 332 43.55 -5.50 -2.25
CA ILE D 332 44.78 -5.05 -2.88
C ILE D 332 45.96 -5.83 -2.27
N THR D 333 45.80 -6.29 -1.03
CA THR D 333 46.91 -6.77 -0.25
C THR D 333 46.65 -8.10 0.41
N LYS D 334 45.39 -8.51 0.45
CA LYS D 334 44.99 -9.71 1.17
C LYS D 334 44.05 -10.55 0.33
N PRO D 335 44.11 -11.88 0.49
CA PRO D 335 43.31 -12.76 -0.35
C PRO D 335 41.83 -12.76 0.03
N ARG D 336 41.46 -12.10 1.13
CA ARG D 336 40.07 -12.10 1.62
C ARG D 336 39.59 -10.70 1.99
N PRO D 337 38.33 -10.41 1.67
CA PRO D 337 37.88 -9.04 1.98
C PRO D 337 37.48 -8.89 3.47
N THR D 338 37.33 -7.65 3.88
CA THR D 338 36.91 -7.37 5.24
C THR D 338 35.41 -7.47 5.26
N ARG D 339 34.83 -7.57 6.45
CA ARG D 339 33.40 -7.81 6.52
C ARG D 339 32.63 -6.63 6.00
N ALA D 340 33.21 -5.44 6.10
CA ALA D 340 32.58 -4.25 5.61
C ALA D 340 32.58 -4.21 4.10
N GLU D 341 33.59 -4.79 3.47
CA GLU D 341 33.68 -4.74 2.00
C GLU D 341 32.60 -5.63 1.37
N THR D 342 32.48 -6.84 1.86
CA THR D 342 31.43 -7.73 1.51
C THR D 342 30.10 -7.04 1.61
N SER D 343 29.78 -6.47 2.75
CA SER D 343 28.50 -5.81 2.87
C SER D 343 28.38 -4.56 1.97
N ASP D 344 29.48 -3.84 1.75
CA ASP D 344 29.44 -2.78 0.75
C ASP D 344 28.92 -3.21 -0.62
N VAL D 345 29.51 -4.28 -1.14
CA VAL D 345 29.11 -4.77 -2.45
C VAL D 345 27.64 -5.11 -2.42
N ALA D 346 27.22 -5.96 -1.47
CA ALA D 346 25.80 -6.36 -1.41
C ALA D 346 24.91 -5.15 -1.35
N ASN D 347 25.24 -4.20 -0.47
CA ASN D 347 24.38 -3.01 -0.33
C ASN D 347 24.37 -2.09 -1.54
N ALA D 348 25.42 -2.12 -2.35
CA ALA D 348 25.40 -1.37 -3.61
C ALA D 348 24.34 -1.96 -4.52
N VAL D 349 24.29 -3.28 -4.57
CA VAL D 349 23.37 -4.02 -5.42
C VAL D 349 21.99 -3.75 -4.86
N LEU D 350 21.81 -3.97 -3.56
CA LEU D 350 20.51 -3.76 -2.93
C LEU D 350 20.07 -2.32 -3.08
N ASP D 351 21.03 -1.39 -3.12
CA ASP D 351 20.70 0.02 -3.34
C ASP D 351 20.05 0.12 -4.69
N GLY D 352 20.58 -0.65 -5.66
CA GLY D 352 20.03 -0.72 -7.03
C GLY D 352 21.04 -0.33 -8.10
N ALA D 353 22.30 -0.69 -7.91
CA ALA D 353 23.34 -0.14 -8.77
C ALA D 353 23.43 -1.04 -9.95
N ASP D 354 23.69 -0.46 -11.13
CA ASP D 354 23.81 -1.27 -12.32
C ASP D 354 25.18 -1.94 -12.39
N CYS D 355 26.23 -1.21 -11.99
CA CYS D 355 27.58 -1.74 -12.05
C CYS D 355 28.32 -1.52 -10.77
N ILE D 356 29.30 -2.37 -10.50
CA ILE D 356 30.19 -2.17 -9.36
C ILE D 356 31.61 -2.16 -9.88
N MET D 357 32.48 -1.37 -9.27
CA MET D 357 33.81 -1.14 -9.84
C MET D 357 34.90 -1.68 -8.93
N LEU D 358 36.10 -1.81 -9.51
CA LEU D 358 37.33 -2.16 -8.79
C LEU D 358 38.45 -1.26 -9.32
N SER D 359 39.35 -0.83 -8.44
CA SER D 359 40.45 0.02 -8.88
C SER D 359 41.79 -0.58 -8.41
N GLY D 360 42.30 -0.13 -7.27
CA GLY D 360 43.47 -0.74 -6.71
C GLY D 360 43.39 -2.26 -6.82
N GLU D 361 42.21 -2.80 -6.52
CA GLU D 361 42.05 -4.24 -6.38
C GLU D 361 42.42 -4.99 -7.64
N THR D 362 42.15 -4.42 -8.80
CA THR D 362 42.58 -5.03 -10.08
C THR D 362 43.72 -4.31 -10.82
N ALA D 363 43.95 -3.04 -10.55
CA ALA D 363 45.03 -2.35 -11.23
C ALA D 363 46.43 -2.73 -10.70
N LYS D 364 46.63 -2.70 -9.39
CA LYS D 364 47.97 -2.97 -8.82
C LYS D 364 48.07 -4.05 -7.81
N GLY D 365 46.96 -4.53 -7.29
CA GLY D 365 46.99 -5.44 -6.14
C GLY D 365 47.54 -6.83 -6.41
N ASN D 366 47.68 -7.62 -5.36
CA ASN D 366 48.19 -8.96 -5.55
C ASN D 366 47.13 -10.01 -5.81
N PHE D 367 45.86 -9.61 -5.91
CA PHE D 367 44.77 -10.57 -6.14
C PHE D 367 43.67 -10.07 -7.05
N PRO D 368 44.01 -9.64 -8.29
CA PRO D 368 42.99 -9.02 -9.17
C PRO D 368 41.87 -9.98 -9.52
N VAL D 369 42.25 -11.22 -9.84
CA VAL D 369 41.26 -12.23 -10.23
C VAL D 369 40.41 -12.67 -9.04
N GLU D 370 41.05 -12.87 -7.91
CA GLU D 370 40.28 -13.14 -6.71
C GLU D 370 39.27 -12.00 -6.43
N ALA D 371 39.72 -10.75 -6.55
CA ALA D 371 38.86 -9.58 -6.36
C ALA D 371 37.65 -9.58 -7.28
N VAL D 372 37.86 -9.96 -8.54
CA VAL D 372 36.74 -10.04 -9.46
C VAL D 372 35.80 -11.20 -9.11
N LYS D 373 36.37 -12.36 -8.77
CA LYS D 373 35.55 -13.49 -8.32
C LYS D 373 34.68 -13.11 -7.12
N MET D 374 35.21 -12.34 -6.19
CA MET D 374 34.41 -11.85 -5.05
C MET D 374 33.24 -10.92 -5.45
N GLN D 375 33.47 -9.89 -6.25
CA GLN D 375 32.31 -9.10 -6.63
C GLN D 375 31.28 -10.02 -7.27
N HIS D 376 31.73 -10.94 -8.12
CA HIS D 376 30.81 -11.89 -8.73
C HIS D 376 30.00 -12.64 -7.68
N ALA D 377 30.66 -13.25 -6.70
CA ALA D 377 29.98 -14.09 -5.71
C ALA D 377 28.93 -13.30 -4.91
N ILE D 378 29.34 -12.16 -4.37
CA ILE D 378 28.44 -11.28 -3.62
C ILE D 378 27.25 -10.79 -4.46
N ALA D 379 27.52 -10.29 -5.68
CA ALA D 379 26.43 -9.75 -6.48
C ALA D 379 25.35 -10.79 -6.72
N ARG D 380 25.74 -12.04 -6.90
CA ARG D 380 24.72 -13.08 -7.11
C ARG D 380 23.80 -13.26 -5.92
N GLU D 381 24.37 -13.35 -4.73
CA GLU D 381 23.57 -13.42 -3.52
C GLU D 381 22.63 -12.20 -3.38
N ALA D 382 23.19 -11.01 -3.54
CA ALA D 382 22.46 -9.80 -3.26
C ALA D 382 21.34 -9.63 -4.28
N GLU D 383 21.61 -9.97 -5.54
CA GLU D 383 20.60 -9.89 -6.59
C GLU D 383 19.36 -10.74 -6.30
N ALA D 384 19.58 -11.97 -5.80
CA ALA D 384 18.53 -12.86 -5.34
C ALA D 384 17.78 -12.34 -4.13
N ALA D 385 18.42 -11.45 -3.42
CA ALA D 385 17.78 -10.91 -2.23
C ALA D 385 17.02 -9.62 -2.51
N VAL D 386 17.00 -9.18 -3.77
CA VAL D 386 16.21 -7.99 -4.11
C VAL D 386 14.73 -8.33 -3.87
N TYR D 387 14.01 -7.41 -3.22
CA TYR D 387 12.56 -7.56 -3.01
C TYR D 387 11.79 -7.03 -4.23
N HIS D 388 11.84 -7.75 -5.34
CA HIS D 388 11.29 -7.26 -6.60
C HIS D 388 9.90 -6.73 -6.42
N ARG D 389 9.08 -7.47 -5.70
CA ARG D 389 7.70 -7.08 -5.44
C ARG D 389 7.60 -5.58 -5.17
N GLN D 390 8.27 -5.10 -4.13
CA GLN D 390 8.25 -3.66 -3.84
C GLN D 390 8.93 -2.88 -4.96
N LEU D 391 10.07 -3.37 -5.42
CA LEU D 391 10.84 -2.66 -6.42
C LEU D 391 10.00 -2.40 -7.67
N PHE D 392 9.49 -3.47 -8.26
CA PHE D 392 8.67 -3.36 -9.45
C PHE D 392 7.48 -2.42 -9.22
N GLU D 393 6.74 -2.63 -8.13
CA GLU D 393 5.60 -1.80 -7.84
C GLU D 393 5.99 -0.34 -7.89
N GLU D 394 7.04 0.01 -7.17
CA GLU D 394 7.45 1.39 -7.01
C GLU D 394 7.88 1.99 -8.32
N LEU D 395 8.59 1.21 -9.15
CA LEU D 395 9.03 1.72 -10.45
C LEU D 395 7.82 2.04 -11.29
N ARG D 396 6.98 1.05 -11.59
CA ARG D 396 5.76 1.31 -12.34
C ARG D 396 5.14 2.59 -11.80
N ARG D 397 4.75 2.52 -10.53
CA ARG D 397 4.05 3.59 -9.84
C ARG D 397 4.70 4.97 -10.06
N ALA D 398 6.03 5.02 -10.05
CA ALA D 398 6.71 6.31 -10.16
C ALA D 398 6.90 6.76 -11.60
N ALA D 399 7.31 5.82 -12.48
CA ALA D 399 7.51 6.09 -13.92
C ALA D 399 6.22 6.63 -14.58
N PRO D 400 6.32 7.78 -15.28
CA PRO D 400 5.12 8.39 -15.90
C PRO D 400 4.58 7.50 -17.00
N LEU D 401 3.35 7.75 -17.43
CA LEU D 401 2.77 7.07 -18.58
C LEU D 401 3.71 7.19 -19.76
N SER D 402 3.50 6.39 -20.78
CA SER D 402 4.40 6.42 -21.92
C SER D 402 3.64 6.06 -23.15
N ARG D 403 4.08 6.65 -24.25
CA ARG D 403 3.46 6.46 -25.53
C ARG D 403 4.43 5.74 -26.50
N ASP D 404 5.69 5.54 -26.09
CA ASP D 404 6.68 4.91 -26.91
C ASP D 404 6.49 3.39 -26.90
N PRO D 405 6.13 2.83 -28.04
CA PRO D 405 5.79 1.42 -28.11
C PRO D 405 6.87 0.50 -27.52
N THR D 406 8.14 0.93 -27.60
CA THR D 406 9.23 0.14 -27.04
C THR D 406 9.14 0.02 -25.50
N GLU D 407 8.89 1.14 -24.81
CA GLU D 407 8.65 1.10 -23.36
C GLU D 407 7.48 0.21 -23.05
N VAL D 408 6.35 0.46 -23.72
CA VAL D 408 5.10 -0.25 -23.51
C VAL D 408 5.31 -1.76 -23.63
N THR D 409 6.14 -2.20 -24.58
CA THR D 409 6.36 -3.61 -24.76
C THR D 409 7.18 -4.11 -23.61
N ALA D 410 8.15 -3.33 -23.21
CA ALA D 410 9.10 -3.69 -22.18
C ALA D 410 8.38 -4.04 -20.90
N ILE D 411 7.63 -3.08 -20.38
CA ILE D 411 6.94 -3.30 -19.14
C ILE D 411 5.99 -4.48 -19.25
N GLY D 412 5.38 -4.62 -20.42
CA GLY D 412 4.53 -5.75 -20.70
C GLY D 412 5.35 -7.01 -20.51
N ALA D 413 6.52 -7.01 -21.14
CA ALA D 413 7.35 -8.22 -21.16
C ALA D 413 7.79 -8.60 -19.75
N VAL D 414 8.23 -7.60 -19.01
CA VAL D 414 8.63 -7.77 -17.64
C VAL D 414 7.48 -8.32 -16.84
N GLU D 415 6.28 -7.80 -17.07
CA GLU D 415 5.10 -8.26 -16.32
C GLU D 415 4.83 -9.74 -16.61
N ALA D 416 4.86 -10.09 -17.89
CA ALA D 416 4.66 -11.46 -18.32
C ALA D 416 5.70 -12.38 -17.70
N ALA D 417 6.96 -11.95 -17.74
CA ALA D 417 8.06 -12.70 -17.16
C ALA D 417 7.79 -13.04 -15.70
N PHE D 418 7.38 -12.03 -14.92
CA PHE D 418 7.08 -12.26 -13.51
C PHE D 418 6.00 -13.30 -13.32
N LYS D 419 4.99 -13.28 -14.15
CA LYS D 419 3.84 -14.14 -13.93
C LYS D 419 4.14 -15.65 -14.11
N CYS D 420 5.18 -16.00 -14.86
CA CYS D 420 5.45 -17.40 -15.13
C CYS D 420 6.87 -17.74 -14.72
N CYS D 421 7.50 -16.86 -13.94
CA CYS D 421 8.89 -17.07 -13.51
C CYS D 421 9.69 -17.44 -14.73
N ALA D 422 9.56 -16.64 -15.77
CA ALA D 422 10.32 -16.84 -17.00
C ALA D 422 11.79 -16.95 -16.62
N ALA D 423 12.51 -17.87 -17.27
CA ALA D 423 13.96 -17.95 -17.10
C ALA D 423 14.62 -16.68 -17.68
N ALA D 424 14.08 -16.19 -18.80
CA ALA D 424 14.68 -15.08 -19.52
C ALA D 424 13.71 -14.31 -20.40
N ILE D 425 14.07 -13.06 -20.67
CA ILE D 425 13.48 -12.28 -21.72
C ILE D 425 14.53 -12.13 -22.79
N ILE D 426 14.27 -12.66 -23.98
CA ILE D 426 15.16 -12.55 -25.15
C ILE D 426 14.77 -11.38 -26.06
N VAL D 427 15.65 -10.41 -26.25
CA VAL D 427 15.33 -9.25 -27.10
C VAL D 427 16.27 -9.13 -28.25
N LEU D 428 15.75 -8.89 -29.44
CA LEU D 428 16.57 -8.39 -30.54
C LEU D 428 16.76 -6.90 -30.35
N THR D 429 17.98 -6.42 -30.51
CA THR D 429 18.23 -4.98 -30.39
C THR D 429 19.44 -4.55 -31.23
N THR D 430 19.36 -3.33 -31.76
CA THR D 430 20.34 -2.79 -32.68
C THR D 430 21.28 -1.80 -32.00
N THR D 431 20.72 -1.02 -31.08
CA THR D 431 21.48 0.00 -30.35
C THR D 431 21.50 -0.27 -28.86
N GLY D 432 20.80 -1.32 -28.42
CA GLY D 432 20.76 -1.67 -27.01
C GLY D 432 19.53 -1.09 -26.36
N ARG D 433 18.94 -0.06 -26.99
CA ARG D 433 17.85 0.67 -26.33
C ARG D 433 16.73 -0.22 -25.81
N SER D 434 16.31 -1.23 -26.57
CA SER D 434 15.19 -2.04 -26.07
C SER D 434 15.60 -3.03 -25.02
N ALA D 435 16.85 -3.45 -25.03
CA ALA D 435 17.35 -4.21 -23.88
C ALA D 435 17.29 -3.30 -22.67
N GLN D 436 17.71 -2.04 -22.84
CA GLN D 436 17.75 -1.12 -21.71
C GLN D 436 16.38 -0.97 -21.11
N LEU D 437 15.39 -0.67 -21.94
CA LEU D 437 14.06 -0.41 -21.43
C LEU D 437 13.54 -1.58 -20.67
N LEU D 438 13.91 -2.81 -21.04
CA LEU D 438 13.60 -3.98 -20.20
C LEU D 438 14.27 -3.88 -18.84
N SER D 439 15.59 -3.72 -18.81
CA SER D 439 16.28 -3.73 -17.50
C SER D 439 15.89 -2.55 -16.57
N ARG D 440 15.58 -1.41 -17.15
CA ARG D 440 14.85 -0.33 -16.47
C ARG D 440 13.80 -0.77 -15.47
N TYR D 441 13.04 -1.81 -15.78
CA TYR D 441 12.01 -2.34 -14.87
C TYR D 441 12.49 -3.49 -14.01
N ARG D 442 13.78 -3.82 -14.11
CA ARG D 442 14.39 -4.83 -13.24
C ARG D 442 13.63 -6.12 -13.25
N PRO D 443 13.61 -6.79 -14.41
CA PRO D 443 13.05 -8.13 -14.41
C PRO D 443 13.91 -8.96 -13.48
N ARG D 444 13.41 -10.12 -13.07
CA ARG D 444 14.28 -11.07 -12.42
C ARG D 444 14.81 -12.03 -13.49
N ALA D 445 13.95 -12.39 -14.43
CA ALA D 445 14.38 -13.12 -15.60
C ALA D 445 15.51 -12.34 -16.22
N ALA D 446 16.51 -13.05 -16.72
CA ALA D 446 17.61 -12.42 -17.41
C ALA D 446 17.21 -11.93 -18.82
N VAL D 447 17.73 -10.74 -19.19
CA VAL D 447 17.49 -10.10 -20.46
C VAL D 447 18.62 -10.50 -21.41
N ILE D 448 18.36 -11.47 -22.27
CA ILE D 448 19.35 -11.92 -23.24
C ILE D 448 19.21 -11.10 -24.54
N ALA D 449 20.17 -10.23 -24.79
CA ALA D 449 20.10 -9.31 -25.93
C ALA D 449 20.92 -9.78 -27.09
N VAL D 450 20.25 -9.98 -28.21
CA VAL D 450 20.89 -10.46 -29.43
C VAL D 450 21.06 -9.29 -30.39
N THR D 451 22.30 -9.07 -30.80
CA THR D 451 22.62 -7.91 -31.62
C THR D 451 23.75 -8.20 -32.63
N ARG D 452 23.76 -7.46 -33.72
CA ARG D 452 24.86 -7.56 -34.68
C ARG D 452 25.94 -6.53 -34.38
N SER D 453 25.59 -5.48 -33.63
CA SER D 453 26.50 -4.38 -33.38
C SER D 453 27.43 -4.76 -32.25
N ALA D 454 28.67 -5.09 -32.60
CA ALA D 454 29.68 -5.50 -31.62
C ALA D 454 29.76 -4.47 -30.49
N GLN D 455 29.66 -3.20 -30.85
CA GLN D 455 29.73 -2.10 -29.87
C GLN D 455 28.53 -2.10 -28.92
N ALA D 456 27.33 -2.05 -29.47
CA ALA D 456 26.15 -2.13 -28.64
C ALA D 456 26.20 -3.33 -27.70
N ALA D 457 26.68 -4.47 -28.19
CA ALA D 457 26.89 -5.65 -27.34
C ALA D 457 27.76 -5.37 -26.12
N ARG D 458 28.79 -4.55 -26.29
CA ARG D 458 29.63 -4.12 -25.20
C ARG D 458 28.95 -3.08 -24.30
N GLN D 459 28.26 -2.12 -24.89
CA GLN D 459 27.76 -0.99 -24.08
C GLN D 459 26.61 -1.43 -23.18
N VAL D 460 25.99 -2.53 -23.58
CA VAL D 460 24.83 -3.01 -22.87
C VAL D 460 25.16 -3.56 -21.46
N HIS D 461 26.43 -3.92 -21.21
CA HIS D 461 26.90 -4.29 -19.85
C HIS D 461 26.62 -3.23 -18.78
N LEU D 462 26.36 -2.01 -19.23
CA LEU D 462 26.09 -0.88 -18.35
C LEU D 462 24.70 -1.00 -17.71
N CYS D 463 23.88 -1.93 -18.20
CA CYS D 463 22.50 -2.00 -17.75
C CYS D 463 22.21 -3.27 -16.97
N ARG D 464 21.86 -3.17 -15.69
CA ARG D 464 21.74 -4.40 -14.91
C ARG D 464 20.88 -5.42 -15.63
N GLY D 465 21.34 -6.67 -15.62
CA GLY D 465 20.50 -7.77 -16.06
C GLY D 465 20.49 -8.06 -17.55
N VAL D 466 21.33 -7.37 -18.30
CA VAL D 466 21.45 -7.67 -19.73
C VAL D 466 22.67 -8.56 -19.99
N PHE D 467 22.43 -9.59 -20.77
CA PHE D 467 23.48 -10.51 -21.19
C PHE D 467 23.56 -10.41 -22.70
N PRO D 468 24.60 -9.74 -23.24
CA PRO D 468 24.60 -9.52 -24.68
C PRO D 468 25.12 -10.75 -25.40
N LEU D 469 24.58 -11.03 -26.57
CA LEU D 469 25.12 -12.07 -27.40
C LEU D 469 25.38 -11.43 -28.75
N LEU D 470 26.61 -11.59 -29.24
CA LEU D 470 26.96 -11.02 -30.53
C LEU D 470 26.68 -12.06 -31.58
N TYR D 471 25.92 -11.63 -32.59
CA TYR D 471 25.46 -12.51 -33.65
C TYR D 471 26.24 -12.20 -34.92
N ARG D 472 26.79 -13.25 -35.52
CA ARG D 472 27.74 -13.10 -36.60
C ARG D 472 27.25 -13.44 -38.02
N GLU D 473 26.23 -14.32 -38.14
CA GLU D 473 25.75 -14.78 -39.47
C GLU D 473 25.29 -13.62 -40.36
N PRO D 474 25.45 -13.76 -41.69
CA PRO D 474 24.91 -12.79 -42.65
C PRO D 474 23.37 -12.87 -42.67
N PRO D 475 22.68 -11.72 -42.92
CA PRO D 475 21.20 -11.72 -43.00
C PRO D 475 20.65 -12.77 -43.98
N GLU D 476 19.55 -13.40 -43.62
CA GLU D 476 18.82 -14.27 -44.57
C GLU D 476 18.08 -13.40 -45.59
N ALA D 477 17.58 -14.02 -46.65
CA ALA D 477 16.82 -13.27 -47.65
C ALA D 477 15.50 -12.81 -47.08
N ILE D 478 14.75 -13.75 -46.51
CA ILE D 478 13.48 -13.44 -45.85
C ILE D 478 13.71 -12.88 -44.42
N TRP D 479 13.41 -11.59 -44.23
CA TRP D 479 13.60 -10.94 -42.96
C TRP D 479 13.04 -11.72 -41.78
N ALA D 480 11.79 -12.16 -41.88
CA ALA D 480 11.17 -12.99 -40.83
C ALA D 480 12.05 -14.18 -40.40
N ASP D 481 12.63 -14.89 -41.38
CA ASP D 481 13.58 -15.93 -41.09
C ASP D 481 14.77 -15.40 -40.32
N ASP D 482 15.32 -14.26 -40.77
CA ASP D 482 16.47 -13.68 -40.09
C ASP D 482 16.12 -13.49 -38.62
N VAL D 483 14.93 -12.93 -38.36
CA VAL D 483 14.47 -12.70 -36.99
C VAL D 483 14.46 -14.02 -36.18
N ASP D 484 13.84 -15.06 -36.74
CA ASP D 484 13.74 -16.35 -36.06
C ASP D 484 15.10 -16.98 -35.74
N ARG D 485 16.06 -16.95 -36.69
CA ARG D 485 17.38 -17.53 -36.46
C ARG D 485 18.04 -16.86 -35.28
N ARG D 486 17.92 -15.53 -35.19
CA ARG D 486 18.46 -14.74 -34.07
C ARG D 486 17.84 -15.10 -32.71
N VAL D 487 16.50 -15.17 -32.65
CA VAL D 487 15.80 -15.62 -31.44
C VAL D 487 16.29 -17.02 -31.08
N GLN D 488 16.25 -17.93 -32.04
CA GLN D 488 16.80 -19.28 -31.84
C GLN D 488 18.25 -19.22 -31.33
N PHE D 489 19.06 -18.33 -31.91
CA PHE D 489 20.45 -18.17 -31.48
C PHE D 489 20.49 -17.85 -29.99
N GLY D 490 19.70 -16.86 -29.58
CA GLY D 490 19.54 -16.53 -28.15
C GLY D 490 19.28 -17.77 -27.30
N ILE D 491 18.29 -18.58 -27.70
CA ILE D 491 17.87 -19.78 -26.96
C ILE D 491 19.03 -20.78 -26.79
N GLU D 492 19.66 -21.13 -27.89
CA GLU D 492 20.79 -22.03 -27.89
C GLU D 492 21.89 -21.50 -26.94
N SER D 493 22.35 -20.27 -27.15
CA SER D 493 23.38 -19.70 -26.26
C SER D 493 22.87 -19.83 -24.86
N GLY D 494 21.59 -19.50 -24.70
CA GLY D 494 20.91 -19.62 -23.42
C GLY D 494 21.10 -20.99 -22.84
N LYS D 495 20.64 -22.02 -23.54
CA LYS D 495 20.81 -23.43 -23.13
C LYS D 495 22.25 -23.73 -22.74
N LEU D 496 23.19 -23.38 -23.60
CA LEU D 496 24.60 -23.70 -23.41
C LEU D 496 25.19 -23.17 -22.09
N ARG D 497 24.89 -21.93 -21.76
CA ARG D 497 25.46 -21.32 -20.55
C ARG D 497 24.63 -21.58 -19.29
N GLY D 498 23.62 -22.43 -19.42
CA GLY D 498 22.71 -22.75 -18.31
C GLY D 498 21.81 -21.63 -17.83
N PHE D 499 21.39 -20.77 -18.75
CA PHE D 499 20.39 -19.72 -18.43
C PHE D 499 18.98 -20.26 -18.55
N LEU D 500 18.79 -21.25 -19.44
CA LEU D 500 17.47 -21.81 -19.73
C LEU D 500 17.58 -23.29 -19.86
N ARG D 501 16.57 -23.98 -19.34
CA ARG D 501 16.52 -25.43 -19.38
C ARG D 501 15.25 -25.82 -20.10
N VAL D 502 15.25 -26.98 -20.75
CA VAL D 502 14.06 -27.54 -21.38
C VAL D 502 12.89 -27.39 -20.41
N GLY D 503 11.72 -27.06 -20.95
CA GLY D 503 10.52 -26.82 -20.11
C GLY D 503 10.36 -25.42 -19.52
N ASP D 504 11.44 -24.62 -19.50
CA ASP D 504 11.31 -23.20 -19.14
C ASP D 504 10.43 -22.46 -20.14
N LEU D 505 9.83 -21.38 -19.65
CA LEU D 505 9.12 -20.47 -20.51
C LEU D 505 10.04 -19.30 -20.72
N VAL D 506 9.97 -18.69 -21.89
CA VAL D 506 10.82 -17.57 -22.16
C VAL D 506 9.96 -16.50 -22.80
N ILE D 507 10.32 -15.25 -22.58
CA ILE D 507 9.58 -14.16 -23.20
C ILE D 507 10.46 -13.63 -24.31
N VAL D 508 9.94 -13.53 -25.52
CA VAL D 508 10.71 -13.00 -26.66
C VAL D 508 10.18 -11.65 -27.11
N VAL D 509 11.05 -10.66 -27.18
CA VAL D 509 10.64 -9.34 -27.61
C VAL D 509 11.28 -8.99 -28.94
N THR D 510 10.44 -8.66 -29.93
CA THR D 510 10.90 -8.30 -31.30
C THR D 510 10.23 -7.05 -31.89
N GLY D 511 10.23 -6.92 -33.22
CA GLY D 511 9.64 -5.73 -33.87
C GLY D 511 8.91 -6.00 -35.18
N TRP D 512 8.09 -5.03 -35.60
CA TRP D 512 7.33 -5.22 -36.81
C TRP D 512 8.12 -5.03 -38.14
N ARG D 513 9.23 -4.30 -38.10
CA ARG D 513 10.04 -4.04 -39.28
C ARG D 513 11.48 -3.79 -38.86
N PRO D 514 12.43 -3.91 -39.82
CA PRO D 514 13.85 -3.78 -39.52
C PRO D 514 14.21 -2.32 -39.19
N GLY D 515 15.42 -2.14 -38.69
CA GLY D 515 15.92 -0.84 -38.30
C GLY D 515 15.62 -0.69 -36.84
N SER D 516 16.33 0.19 -36.18
CA SER D 516 16.04 0.40 -34.78
C SER D 516 14.78 1.28 -34.53
N GLY D 517 14.26 1.21 -33.30
CA GLY D 517 13.16 2.08 -32.86
C GLY D 517 11.75 1.59 -33.10
N TYR D 518 11.61 0.36 -33.57
CA TYR D 518 10.30 -0.22 -33.86
C TYR D 518 9.95 -1.49 -33.06
N THR D 519 10.59 -1.69 -31.91
CA THR D 519 10.24 -2.82 -31.05
C THR D 519 8.76 -2.66 -30.69
N ASN D 520 7.99 -3.75 -30.77
CA ASN D 520 6.59 -3.65 -30.39
C ASN D 520 5.87 -4.95 -30.21
N ILE D 521 6.60 -6.05 -30.16
CA ILE D 521 5.97 -7.37 -30.04
C ILE D 521 6.50 -8.12 -28.84
N MET D 522 5.62 -8.82 -28.16
CA MET D 522 6.01 -9.66 -27.04
C MET D 522 5.38 -11.03 -27.21
N ARG D 523 6.16 -12.08 -27.08
CA ARG D 523 5.66 -13.44 -27.27
C ARG D 523 6.08 -14.34 -26.16
N VAL D 524 5.21 -15.26 -25.80
CA VAL D 524 5.55 -16.28 -24.81
C VAL D 524 5.84 -17.57 -25.54
N LEU D 525 7.04 -18.12 -25.29
CA LEU D 525 7.45 -19.41 -25.86
C LEU D 525 7.99 -20.31 -24.79
N SER D 526 7.83 -21.60 -25.02
CA SER D 526 8.35 -22.61 -24.11
C SER D 526 9.61 -23.22 -24.73
N ILE D 527 10.59 -23.55 -23.89
CA ILE D 527 11.84 -24.17 -24.33
C ILE D 527 11.75 -25.69 -24.26
P1 FBP E . -14.46 19.71 33.53
O1P FBP E . -13.99 19.23 34.88
O2P FBP E . -15.86 19.17 33.34
O3P FBP E . -14.39 21.22 33.37
O1 FBP E . -13.49 19.15 32.39
C1 FBP E . -12.83 17.91 32.50
C2 FBP E . -12.02 17.69 31.24
O2 FBP E . -11.60 16.31 31.21
C3 FBP E . -10.86 18.66 31.11
O3 FBP E . -9.69 18.14 31.68
C4 FBP E . -10.73 18.85 29.63
O4 FBP E . -10.13 20.09 29.39
C5 FBP E . -12.18 18.84 29.18
O5 FBP E . -12.80 17.97 30.10
C6 FBP E . -12.44 18.37 27.74
O6 FBP E . -12.42 19.46 26.82
P2 FBP E . -13.41 19.62 25.57
O4P FBP E . -14.78 19.99 26.04
O5P FBP E . -12.91 20.73 24.71
O6P FBP E . -13.53 18.35 24.80
P PGA F . -35.01 17.98 1.09
O1P PGA F . -33.44 18.24 1.03
O2P PGA F . -35.61 18.83 2.19
O3P PGA F . -35.27 16.54 1.40
O4P PGA F . -35.65 18.35 -0.23
C2 PGA F . -32.55 17.16 1.13
C1 PGA F . -32.48 16.55 -0.24
O1 PGA F . -32.22 15.35 -0.38
O2 PGA F . -32.68 17.26 -1.25
K K G . -36.34 21.67 3.28
MN MN H . -33.55 19.30 -0.76
P1 FBP I . 8.16 3.13 41.24
O1P FBP I . 7.46 3.93 42.32
O2P FBP I . 9.45 3.83 40.89
O3P FBP I . 8.40 1.71 41.67
O1 FBP I . 7.19 3.05 39.97
C1 FBP I . 6.86 4.15 39.17
C2 FBP I . 6.53 3.60 37.79
O2 FBP I . 6.36 4.67 36.84
C3 FBP I . 5.33 2.67 37.79
O3 FBP I . 4.15 3.36 37.45
C4 FBP I . 5.67 1.64 36.76
O4 FBP I . 5.00 0.42 36.98
C5 FBP I . 7.18 1.53 36.94
O5 FBP I . 7.60 2.80 37.36
C6 FBP I . 7.95 1.17 35.67
O6 FBP I . 7.89 -0.21 35.46
P2 FBP I . 9.04 -0.98 34.67
O4P FBP I . 10.26 -1.13 35.54
O5P FBP I . 8.51 -2.35 34.35
O6P FBP I . 9.42 -0.19 33.46
P PGA J . 35.25 -11.99 18.58
O1P PGA J . 33.77 -12.38 18.13
O2P PGA J . 35.29 -11.92 20.07
O3P PGA J . 35.66 -10.64 18.01
O4P PGA J . 36.18 -13.07 18.08
C2 PGA J . 33.01 -11.53 17.31
C1 PGA J . 33.10 -12.03 15.90
O1 PGA J . 33.56 -13.16 15.64
O2 PGA J . 32.71 -11.31 14.95
K K K . 35.58 -13.49 22.52
MN MN L . 34.21 -14.32 17.22
P1 FBP M . -8.06 -18.83 -35.83
O1P FBP M . -7.50 -18.54 -37.18
O2P FBP M . -9.26 -17.98 -35.61
O3P FBP M . -8.40 -20.27 -35.61
O1 FBP M . -6.95 -18.53 -34.75
C1 FBP M . -6.62 -17.23 -34.35
C2 FBP M . -6.31 -17.29 -32.87
O2 FBP M . -5.82 -16.00 -32.48
C3 FBP M . -5.36 -18.40 -32.45
O3 FBP M . -4.03 -18.02 -32.56
C4 FBP M . -5.78 -18.65 -31.02
O4 FBP M . -5.46 -19.93 -30.55
C5 FBP M . -7.27 -18.48 -31.13
O5 FBP M . -7.49 -17.55 -32.15
C6 FBP M . -7.86 -17.92 -29.86
O6 FBP M . -8.18 -19.06 -29.10
P2 FBP M . -9.23 -18.96 -27.91
O4P FBP M . -10.53 -19.60 -28.30
O5P FBP M . -8.59 -19.68 -26.77
O6P FBP M . -9.48 -17.53 -27.59
P PGA N . -35.71 -15.10 -9.40
O1P PGA N . -34.21 -15.49 -9.04
O2P PGA N . -36.12 -15.99 -10.56
O3P PGA N . -35.83 -13.67 -9.84
O4P PGA N . -36.56 -15.32 -8.16
C2 PGA N . -33.28 -14.46 -8.88
C1 PGA N . -33.49 -13.96 -7.48
O1 PGA N . -34.09 -14.68 -6.66
O2 PGA N . -33.08 -12.84 -7.15
K K O . -36.62 -18.38 -12.25
MN MN P . -34.98 -16.58 -7.14
P1 FBP Q . 17.02 -5.77 -37.57
O1P FBP Q . 16.38 -6.88 -38.33
O2P FBP Q . 18.34 -6.27 -37.05
O3P FBP Q . 17.22 -4.54 -38.41
O1 FBP Q . 16.07 -5.31 -36.36
C1 FBP Q . 15.22 -6.20 -35.65
C2 FBP Q . 14.48 -5.49 -34.51
O2 FBP Q . 13.78 -6.50 -33.74
C3 FBP Q . 13.52 -4.42 -34.96
O3 FBP Q . 12.22 -4.91 -35.02
C4 FBP Q . 13.61 -3.33 -33.92
O4 FBP Q . 13.35 -2.08 -34.49
C5 FBP Q . 15.06 -3.46 -33.50
O5 FBP Q . 15.37 -4.83 -33.66
C6 FBP Q . 15.35 -2.99 -32.08
O6 FBP Q . 15.93 -1.68 -32.25
P2 FBP Q . 16.65 -0.86 -31.08
O4P FBP Q . 18.09 -0.62 -31.44
O5P FBP Q . 15.97 0.46 -30.97
O6P FBP Q . 16.61 -1.62 -29.79
P PGA R . 39.16 8.00 -9.66
O1P PGA R . 37.64 8.44 -9.83
O2P PGA R . 39.86 8.14 -11.02
O3P PGA R . 39.26 6.54 -9.22
O4P PGA R . 39.80 8.91 -8.61
C2 PGA R . 36.65 7.71 -9.16
C1 PGA R . 36.51 8.29 -7.78
O1 PGA R . 35.93 7.61 -6.87
O2 PGA R . 36.98 9.47 -7.53
K K S . 40.60 9.30 -13.55
MN MN T . 37.92 10.59 -8.86
#